data_1W0S
# 
_entry.id   1W0S 
# 
_audit_conform.dict_name       mmcif_pdbx.dic 
_audit_conform.dict_version    5.391 
_audit_conform.dict_location   http://mmcif.pdb.org/dictionaries/ascii/mmcif_pdbx.dic 
# 
loop_
_database_2.database_id 
_database_2.database_code 
_database_2.pdbx_database_accession 
_database_2.pdbx_DOI 
PDB   1W0S         pdb_00001w0s 10.2210/pdb1w0s/pdb 
PDBE  EBI-20127    ?            ?                   
WWPDB D_1290020127 ?            ?                   
# 
loop_
_pdbx_audit_revision_history.ordinal 
_pdbx_audit_revision_history.data_content_type 
_pdbx_audit_revision_history.major_revision 
_pdbx_audit_revision_history.minor_revision 
_pdbx_audit_revision_history.revision_date 
1 'Structure model' 1 0 2005-07-06 
2 'Structure model' 1 1 2024-05-08 
# 
_pdbx_audit_revision_details.ordinal             1 
_pdbx_audit_revision_details.revision_ordinal    1 
_pdbx_audit_revision_details.data_content_type   'Structure model' 
_pdbx_audit_revision_details.provider            repository 
_pdbx_audit_revision_details.type                'Initial release' 
_pdbx_audit_revision_details.description         ? 
_pdbx_audit_revision_details.details             ? 
# 
loop_
_pdbx_audit_revision_group.ordinal 
_pdbx_audit_revision_group.revision_ordinal 
_pdbx_audit_revision_group.data_content_type 
_pdbx_audit_revision_group.group 
1 2 'Structure model' 'Data collection'     
2 2 'Structure model' 'Database references' 
# 
loop_
_pdbx_audit_revision_category.ordinal 
_pdbx_audit_revision_category.revision_ordinal 
_pdbx_audit_revision_category.data_content_type 
_pdbx_audit_revision_category.category 
1 2 'Structure model' chem_comp_atom 
2 2 'Structure model' chem_comp_bond 
3 2 'Structure model' database_2     
# 
loop_
_pdbx_audit_revision_item.ordinal 
_pdbx_audit_revision_item.revision_ordinal 
_pdbx_audit_revision_item.data_content_type 
_pdbx_audit_revision_item.item 
1 2 'Structure model' '_database_2.pdbx_DOI'                
2 2 'Structure model' '_database_2.pdbx_database_accession' 
# 
_pdbx_database_status.status_code                     REL 
_pdbx_database_status.entry_id                        1W0S 
_pdbx_database_status.deposit_site                    PDBE 
_pdbx_database_status.process_site                    PDBE 
_pdbx_database_status.SG_entry                        . 
_pdbx_database_status.recvd_initial_deposition_date   2004-06-09 
_pdbx_database_status.pdb_format_compatible           Y 
_pdbx_database_status.status_code_sf                  ? 
_pdbx_database_status.status_code_mr                  ? 
_pdbx_database_status.status_code_cs                  ? 
_pdbx_database_status.methods_development_category    ? 
_pdbx_database_status.status_code_nmr_data            ? 
# 
_pdbx_database_related.db_name        PDB 
_pdbx_database_related.db_id          1W0R 
_pdbx_database_related.content_type   unspecified 
_pdbx_database_related.details        
'SOLUTION STRUCTURE OF DIMERIC FORM OF PROPERDIN BY X-RAY SOLUTION SCATTERING AND ANALYTICAL ULTRACENTRIFUGATION' 
# 
loop_
_audit_author.name 
_audit_author.pdbx_ordinal 
'Sun, Z.'       1 
'Reid, K.B.M.'  2 
'Perkins, S.J.' 3 
# 
_citation.id                        primary 
_citation.title                     
;The Dimeric and Trimeric Solution Structures of the Multidomain Complement Protein Properdin by X-Ray Scattering, Analytical Ultracentrifugation and Constrained Modelling.
;
_citation.journal_abbrev            J.Mol.Biol. 
_citation.journal_volume            343 
_citation.page_first                1327 
_citation.page_last                 ? 
_citation.year                      2004 
_citation.journal_id_ASTM           JMOBAK 
_citation.country                   UK 
_citation.journal_id_ISSN           0022-2836 
_citation.journal_id_CSD            0070 
_citation.book_publisher            ? 
_citation.pdbx_database_id_PubMed   15491616 
_citation.pdbx_database_id_DOI      10.1016/J.JMB.2004.09.001 
# 
loop_
_citation_author.citation_id 
_citation_author.name 
_citation_author.ordinal 
_citation_author.identifier_ORCID 
primary 'Sun, Z.'       1 ? 
primary 'Reid, K.B.M.'  2 ? 
primary 'Perkins, S.J.' 3 ? 
# 
_entity.id                         1 
_entity.type                       polymer 
_entity.src_method                 nat 
_entity.pdbx_description           PROPERDIN 
_entity.formula_weight             48554.000 
_entity.pdbx_number_of_molecules   3 
_entity.pdbx_ec                    ? 
_entity.pdbx_mutation              ? 
_entity.pdbx_fragment              'RESIDUES 28-469' 
_entity.details                    ? 
# 
_entity_name_com.entity_id   1 
_entity_name_com.name        'FACTOR P' 
# 
_entity_poly.entity_id                      1 
_entity_poly.type                           'polypeptide(L)' 
_entity_poly.nstd_linkage                   no 
_entity_poly.nstd_monomer                   no 
_entity_poly.pdbx_seq_one_letter_code       
;DPVLCFTQYEESSGKCKGLLGGGVSVEDCCLNTAFAYQKRSGGLCQPCRSPRWSLWSTWAPCSVTCSEGSQLRYRRCVGW
NGQCSGKVAPGTLEWQLQACEDQQCCPEMGGWSGWGPWEPCSVTCSKGTRTRRRACNHPAPKCGGHCPGQAQESEACDTQ
QVCPTHGAWATWGPWTPCSASCHGGPHEPKETRSRKCSAPEPSQKPPGKPCPGLAYEQRRCTGLPPCPVAGGWGPWGPVS
PCPVTCGLGQTMEQRTCNHPVPQHGGPFCAGDATRTHICNTAVPCPVDGEWDSWGEWSPCIRRNMKSISCQEIPGQQSRG
RTCRGRKFDGHRCAGQQQDIRHCYSIQHCPLKGSWSEWSTWGLCMPPCGPNPTRARQRLCTPLLPKYPPTVSMVEGQGEK
NVTFWGRPLPRCEELQGQKLVVEEKRPCLHVPACKDPEEEEL
;
_entity_poly.pdbx_seq_one_letter_code_can   
;DPVLCFTQYEESSGKCKGLLGGGVSVEDCCLNTAFAYQKRSGGLCQPCRSPRWSLWSTWAPCSVTCSEGSQLRYRRCVGW
NGQCSGKVAPGTLEWQLQACEDQQCCPEMGGWSGWGPWEPCSVTCSKGTRTRRRACNHPAPKCGGHCPGQAQESEACDTQ
QVCPTHGAWATWGPWTPCSASCHGGPHEPKETRSRKCSAPEPSQKPPGKPCPGLAYEQRRCTGLPPCPVAGGWGPWGPVS
PCPVTCGLGQTMEQRTCNHPVPQHGGPFCAGDATRTHICNTAVPCPVDGEWDSWGEWSPCIRRNMKSISCQEIPGQQSRG
RTCRGRKFDGHRCAGQQQDIRHCYSIQHCPLKGSWSEWSTWGLCMPPCGPNPTRARQRLCTPLLPKYPPTVSMVEGQGEK
NVTFWGRPLPRCEELQGQKLVVEEKRPCLHVPACKDPEEEEL
;
_entity_poly.pdbx_strand_id                 A,B,C 
_entity_poly.pdbx_target_identifier         ? 
# 
loop_
_entity_poly_seq.entity_id 
_entity_poly_seq.num 
_entity_poly_seq.mon_id 
_entity_poly_seq.hetero 
1 1   ASP n 
1 2   PRO n 
1 3   VAL n 
1 4   LEU n 
1 5   CYS n 
1 6   PHE n 
1 7   THR n 
1 8   GLN n 
1 9   TYR n 
1 10  GLU n 
1 11  GLU n 
1 12  SER n 
1 13  SER n 
1 14  GLY n 
1 15  LYS n 
1 16  CYS n 
1 17  LYS n 
1 18  GLY n 
1 19  LEU n 
1 20  LEU n 
1 21  GLY n 
1 22  GLY n 
1 23  GLY n 
1 24  VAL n 
1 25  SER n 
1 26  VAL n 
1 27  GLU n 
1 28  ASP n 
1 29  CYS n 
1 30  CYS n 
1 31  LEU n 
1 32  ASN n 
1 33  THR n 
1 34  ALA n 
1 35  PHE n 
1 36  ALA n 
1 37  TYR n 
1 38  GLN n 
1 39  LYS n 
1 40  ARG n 
1 41  SER n 
1 42  GLY n 
1 43  GLY n 
1 44  LEU n 
1 45  CYS n 
1 46  GLN n 
1 47  PRO n 
1 48  CYS n 
1 49  ARG n 
1 50  SER n 
1 51  PRO n 
1 52  ARG n 
1 53  TRP n 
1 54  SER n 
1 55  LEU n 
1 56  TRP n 
1 57  SER n 
1 58  THR n 
1 59  TRP n 
1 60  ALA n 
1 61  PRO n 
1 62  CYS n 
1 63  SER n 
1 64  VAL n 
1 65  THR n 
1 66  CYS n 
1 67  SER n 
1 68  GLU n 
1 69  GLY n 
1 70  SER n 
1 71  GLN n 
1 72  LEU n 
1 73  ARG n 
1 74  TYR n 
1 75  ARG n 
1 76  ARG n 
1 77  CYS n 
1 78  VAL n 
1 79  GLY n 
1 80  TRP n 
1 81  ASN n 
1 82  GLY n 
1 83  GLN n 
1 84  CYS n 
1 85  SER n 
1 86  GLY n 
1 87  LYS n 
1 88  VAL n 
1 89  ALA n 
1 90  PRO n 
1 91  GLY n 
1 92  THR n 
1 93  LEU n 
1 94  GLU n 
1 95  TRP n 
1 96  GLN n 
1 97  LEU n 
1 98  GLN n 
1 99  ALA n 
1 100 CYS n 
1 101 GLU n 
1 102 ASP n 
1 103 GLN n 
1 104 GLN n 
1 105 CYS n 
1 106 CYS n 
1 107 PRO n 
1 108 GLU n 
1 109 MET n 
1 110 GLY n 
1 111 GLY n 
1 112 TRP n 
1 113 SER n 
1 114 GLY n 
1 115 TRP n 
1 116 GLY n 
1 117 PRO n 
1 118 TRP n 
1 119 GLU n 
1 120 PRO n 
1 121 CYS n 
1 122 SER n 
1 123 VAL n 
1 124 THR n 
1 125 CYS n 
1 126 SER n 
1 127 LYS n 
1 128 GLY n 
1 129 THR n 
1 130 ARG n 
1 131 THR n 
1 132 ARG n 
1 133 ARG n 
1 134 ARG n 
1 135 ALA n 
1 136 CYS n 
1 137 ASN n 
1 138 HIS n 
1 139 PRO n 
1 140 ALA n 
1 141 PRO n 
1 142 LYS n 
1 143 CYS n 
1 144 GLY n 
1 145 GLY n 
1 146 HIS n 
1 147 CYS n 
1 148 PRO n 
1 149 GLY n 
1 150 GLN n 
1 151 ALA n 
1 152 GLN n 
1 153 GLU n 
1 154 SER n 
1 155 GLU n 
1 156 ALA n 
1 157 CYS n 
1 158 ASP n 
1 159 THR n 
1 160 GLN n 
1 161 GLN n 
1 162 VAL n 
1 163 CYS n 
1 164 PRO n 
1 165 THR n 
1 166 HIS n 
1 167 GLY n 
1 168 ALA n 
1 169 TRP n 
1 170 ALA n 
1 171 THR n 
1 172 TRP n 
1 173 GLY n 
1 174 PRO n 
1 175 TRP n 
1 176 THR n 
1 177 PRO n 
1 178 CYS n 
1 179 SER n 
1 180 ALA n 
1 181 SER n 
1 182 CYS n 
1 183 HIS n 
1 184 GLY n 
1 185 GLY n 
1 186 PRO n 
1 187 HIS n 
1 188 GLU n 
1 189 PRO n 
1 190 LYS n 
1 191 GLU n 
1 192 THR n 
1 193 ARG n 
1 194 SER n 
1 195 ARG n 
1 196 LYS n 
1 197 CYS n 
1 198 SER n 
1 199 ALA n 
1 200 PRO n 
1 201 GLU n 
1 202 PRO n 
1 203 SER n 
1 204 GLN n 
1 205 LYS n 
1 206 PRO n 
1 207 PRO n 
1 208 GLY n 
1 209 LYS n 
1 210 PRO n 
1 211 CYS n 
1 212 PRO n 
1 213 GLY n 
1 214 LEU n 
1 215 ALA n 
1 216 TYR n 
1 217 GLU n 
1 218 GLN n 
1 219 ARG n 
1 220 ARG n 
1 221 CYS n 
1 222 THR n 
1 223 GLY n 
1 224 LEU n 
1 225 PRO n 
1 226 PRO n 
1 227 CYS n 
1 228 PRO n 
1 229 VAL n 
1 230 ALA n 
1 231 GLY n 
1 232 GLY n 
1 233 TRP n 
1 234 GLY n 
1 235 PRO n 
1 236 TRP n 
1 237 GLY n 
1 238 PRO n 
1 239 VAL n 
1 240 SER n 
1 241 PRO n 
1 242 CYS n 
1 243 PRO n 
1 244 VAL n 
1 245 THR n 
1 246 CYS n 
1 247 GLY n 
1 248 LEU n 
1 249 GLY n 
1 250 GLN n 
1 251 THR n 
1 252 MET n 
1 253 GLU n 
1 254 GLN n 
1 255 ARG n 
1 256 THR n 
1 257 CYS n 
1 258 ASN n 
1 259 HIS n 
1 260 PRO n 
1 261 VAL n 
1 262 PRO n 
1 263 GLN n 
1 264 HIS n 
1 265 GLY n 
1 266 GLY n 
1 267 PRO n 
1 268 PHE n 
1 269 CYS n 
1 270 ALA n 
1 271 GLY n 
1 272 ASP n 
1 273 ALA n 
1 274 THR n 
1 275 ARG n 
1 276 THR n 
1 277 HIS n 
1 278 ILE n 
1 279 CYS n 
1 280 ASN n 
1 281 THR n 
1 282 ALA n 
1 283 VAL n 
1 284 PRO n 
1 285 CYS n 
1 286 PRO n 
1 287 VAL n 
1 288 ASP n 
1 289 GLY n 
1 290 GLU n 
1 291 TRP n 
1 292 ASP n 
1 293 SER n 
1 294 TRP n 
1 295 GLY n 
1 296 GLU n 
1 297 TRP n 
1 298 SER n 
1 299 PRO n 
1 300 CYS n 
1 301 ILE n 
1 302 ARG n 
1 303 ARG n 
1 304 ASN n 
1 305 MET n 
1 306 LYS n 
1 307 SER n 
1 308 ILE n 
1 309 SER n 
1 310 CYS n 
1 311 GLN n 
1 312 GLU n 
1 313 ILE n 
1 314 PRO n 
1 315 GLY n 
1 316 GLN n 
1 317 GLN n 
1 318 SER n 
1 319 ARG n 
1 320 GLY n 
1 321 ARG n 
1 322 THR n 
1 323 CYS n 
1 324 ARG n 
1 325 GLY n 
1 326 ARG n 
1 327 LYS n 
1 328 PHE n 
1 329 ASP n 
1 330 GLY n 
1 331 HIS n 
1 332 ARG n 
1 333 CYS n 
1 334 ALA n 
1 335 GLY n 
1 336 GLN n 
1 337 GLN n 
1 338 GLN n 
1 339 ASP n 
1 340 ILE n 
1 341 ARG n 
1 342 HIS n 
1 343 CYS n 
1 344 TYR n 
1 345 SER n 
1 346 ILE n 
1 347 GLN n 
1 348 HIS n 
1 349 CYS n 
1 350 PRO n 
1 351 LEU n 
1 352 LYS n 
1 353 GLY n 
1 354 SER n 
1 355 TRP n 
1 356 SER n 
1 357 GLU n 
1 358 TRP n 
1 359 SER n 
1 360 THR n 
1 361 TRP n 
1 362 GLY n 
1 363 LEU n 
1 364 CYS n 
1 365 MET n 
1 366 PRO n 
1 367 PRO n 
1 368 CYS n 
1 369 GLY n 
1 370 PRO n 
1 371 ASN n 
1 372 PRO n 
1 373 THR n 
1 374 ARG n 
1 375 ALA n 
1 376 ARG n 
1 377 GLN n 
1 378 ARG n 
1 379 LEU n 
1 380 CYS n 
1 381 THR n 
1 382 PRO n 
1 383 LEU n 
1 384 LEU n 
1 385 PRO n 
1 386 LYS n 
1 387 TYR n 
1 388 PRO n 
1 389 PRO n 
1 390 THR n 
1 391 VAL n 
1 392 SER n 
1 393 MET n 
1 394 VAL n 
1 395 GLU n 
1 396 GLY n 
1 397 GLN n 
1 398 GLY n 
1 399 GLU n 
1 400 LYS n 
1 401 ASN n 
1 402 VAL n 
1 403 THR n 
1 404 PHE n 
1 405 TRP n 
1 406 GLY n 
1 407 ARG n 
1 408 PRO n 
1 409 LEU n 
1 410 PRO n 
1 411 ARG n 
1 412 CYS n 
1 413 GLU n 
1 414 GLU n 
1 415 LEU n 
1 416 GLN n 
1 417 GLY n 
1 418 GLN n 
1 419 LYS n 
1 420 LEU n 
1 421 VAL n 
1 422 VAL n 
1 423 GLU n 
1 424 GLU n 
1 425 LYS n 
1 426 ARG n 
1 427 PRO n 
1 428 CYS n 
1 429 LEU n 
1 430 HIS n 
1 431 VAL n 
1 432 PRO n 
1 433 ALA n 
1 434 CYS n 
1 435 LYS n 
1 436 ASP n 
1 437 PRO n 
1 438 GLU n 
1 439 GLU n 
1 440 GLU n 
1 441 GLU n 
1 442 LEU n 
# 
_entity_src_nat.entity_id                  1 
_entity_src_nat.pdbx_src_id                1 
_entity_src_nat.pdbx_alt_source_flag       sample 
_entity_src_nat.pdbx_beg_seq_num           ? 
_entity_src_nat.pdbx_end_seq_num           ? 
_entity_src_nat.common_name                HUMAN 
_entity_src_nat.pdbx_organism_scientific   'HOMO SAPIENS' 
_entity_src_nat.pdbx_ncbi_taxonomy_id      9606 
_entity_src_nat.genus                      ? 
_entity_src_nat.species                    ? 
_entity_src_nat.strain                     ? 
_entity_src_nat.tissue                     ? 
_entity_src_nat.tissue_fraction            ? 
_entity_src_nat.pdbx_secretion             ? 
_entity_src_nat.pdbx_fragment              ? 
_entity_src_nat.pdbx_variant               ? 
_entity_src_nat.pdbx_cell_line             ? 
_entity_src_nat.pdbx_atcc                  ? 
_entity_src_nat.pdbx_cellular_location     ? 
_entity_src_nat.pdbx_organ                 ? 
_entity_src_nat.pdbx_organelle             ? 
_entity_src_nat.pdbx_cell                  ? 
_entity_src_nat.pdbx_plasmid_name          ? 
_entity_src_nat.pdbx_plasmid_details       ? 
_entity_src_nat.details                    ? 
# 
loop_
_chem_comp.id 
_chem_comp.type 
_chem_comp.mon_nstd_flag 
_chem_comp.name 
_chem_comp.pdbx_synonyms 
_chem_comp.formula 
_chem_comp.formula_weight 
ALA 'L-peptide linking' y ALANINE         ? 'C3 H7 N O2'     89.093  
ARG 'L-peptide linking' y ARGININE        ? 'C6 H15 N4 O2 1' 175.209 
ASN 'L-peptide linking' y ASPARAGINE      ? 'C4 H8 N2 O3'    132.118 
ASP 'L-peptide linking' y 'ASPARTIC ACID' ? 'C4 H7 N O4'     133.103 
CYS 'L-peptide linking' y CYSTEINE        ? 'C3 H7 N O2 S'   121.158 
GLN 'L-peptide linking' y GLUTAMINE       ? 'C5 H10 N2 O3'   146.144 
GLU 'L-peptide linking' y 'GLUTAMIC ACID' ? 'C5 H9 N O4'     147.129 
GLY 'peptide linking'   y GLYCINE         ? 'C2 H5 N O2'     75.067  
HIS 'L-peptide linking' y HISTIDINE       ? 'C6 H10 N3 O2 1' 156.162 
ILE 'L-peptide linking' y ISOLEUCINE      ? 'C6 H13 N O2'    131.173 
LEU 'L-peptide linking' y LEUCINE         ? 'C6 H13 N O2'    131.173 
LYS 'L-peptide linking' y LYSINE          ? 'C6 H15 N2 O2 1' 147.195 
MET 'L-peptide linking' y METHIONINE      ? 'C5 H11 N O2 S'  149.211 
PHE 'L-peptide linking' y PHENYLALANINE   ? 'C9 H11 N O2'    165.189 
PRO 'L-peptide linking' y PROLINE         ? 'C5 H9 N O2'     115.130 
SER 'L-peptide linking' y SERINE          ? 'C3 H7 N O3'     105.093 
THR 'L-peptide linking' y THREONINE       ? 'C4 H9 N O3'     119.119 
TRP 'L-peptide linking' y TRYPTOPHAN      ? 'C11 H12 N2 O2'  204.225 
TYR 'L-peptide linking' y TYROSINE        ? 'C9 H11 N O3'    181.189 
VAL 'L-peptide linking' y VALINE          ? 'C5 H11 N O2'    117.146 
# 
loop_
_pdbx_poly_seq_scheme.asym_id 
_pdbx_poly_seq_scheme.entity_id 
_pdbx_poly_seq_scheme.seq_id 
_pdbx_poly_seq_scheme.mon_id 
_pdbx_poly_seq_scheme.ndb_seq_num 
_pdbx_poly_seq_scheme.pdb_seq_num 
_pdbx_poly_seq_scheme.auth_seq_num 
_pdbx_poly_seq_scheme.pdb_mon_id 
_pdbx_poly_seq_scheme.auth_mon_id 
_pdbx_poly_seq_scheme.pdb_strand_id 
_pdbx_poly_seq_scheme.pdb_ins_code 
_pdbx_poly_seq_scheme.hetero 
A 1 1   ASP 1   1   1   ASP ASP A . n 
A 1 2   PRO 2   2   2   PRO PRO A . n 
A 1 3   VAL 3   3   3   VAL VAL A . n 
A 1 4   LEU 4   4   4   LEU LEU A . n 
A 1 5   CYS 5   5   5   CYS CYS A . n 
A 1 6   PHE 6   6   6   PHE PHE A . n 
A 1 7   THR 7   7   7   THR THR A . n 
A 1 8   GLN 8   8   8   GLN GLN A . n 
A 1 9   TYR 9   9   9   TYR TYR A . n 
A 1 10  GLU 10  10  10  GLU GLU A . n 
A 1 11  GLU 11  11  11  GLU GLU A . n 
A 1 12  SER 12  12  12  SER SER A . n 
A 1 13  SER 13  13  13  SER SER A . n 
A 1 14  GLY 14  14  14  GLY GLY A . n 
A 1 15  LYS 15  15  15  LYS LYS A . n 
A 1 16  CYS 16  16  16  CYS CYS A . n 
A 1 17  LYS 17  17  17  LYS LYS A . n 
A 1 18  GLY 18  18  18  GLY GLY A . n 
A 1 19  LEU 19  19  19  LEU LEU A . n 
A 1 20  LEU 20  20  20  LEU LEU A . n 
A 1 21  GLY 21  21  21  GLY GLY A . n 
A 1 22  GLY 22  22  22  GLY GLY A . n 
A 1 23  GLY 23  23  23  GLY GLY A . n 
A 1 24  VAL 24  24  24  VAL VAL A . n 
A 1 25  SER 25  25  25  SER SER A . n 
A 1 26  VAL 26  26  26  VAL VAL A . n 
A 1 27  GLU 27  27  27  GLU GLU A . n 
A 1 28  ASP 28  28  28  ASP ASP A . n 
A 1 29  CYS 29  29  29  CYS CYS A . n 
A 1 30  CYS 30  30  30  CYS CYS A . n 
A 1 31  LEU 31  31  31  LEU LEU A . n 
A 1 32  ASN 32  32  32  ASN ASN A . n 
A 1 33  THR 33  33  33  THR THR A . n 
A 1 34  ALA 34  34  34  ALA ALA A . n 
A 1 35  PHE 35  35  35  PHE PHE A . n 
A 1 36  ALA 36  36  36  ALA ALA A . n 
A 1 37  TYR 37  37  37  TYR TYR A . n 
A 1 38  GLN 38  38  38  GLN GLN A . n 
A 1 39  LYS 39  39  39  LYS LYS A . n 
A 1 40  ARG 40  40  40  ARG ARG A . n 
A 1 41  SER 41  41  41  SER SER A . n 
A 1 42  GLY 42  42  42  GLY GLY A . n 
A 1 43  GLY 43  43  43  GLY GLY A . n 
A 1 44  LEU 44  44  44  LEU LEU A . n 
A 1 45  CYS 45  45  45  CYS CYS A . n 
A 1 46  GLN 46  46  46  GLN GLN A . n 
A 1 47  PRO 47  47  47  PRO PRO A . n 
A 1 48  CYS 48  48  48  CYS CYS A . n 
A 1 49  ARG 49  49  49  ARG ARG A . n 
A 1 50  SER 50  50  50  SER SER A . n 
A 1 51  PRO 51  51  51  PRO PRO A . n 
A 1 52  ARG 52  52  52  ARG ARG A . n 
A 1 53  TRP 53  53  53  TRP TRP A . n 
A 1 54  SER 54  54  54  SER SER A . n 
A 1 55  LEU 55  55  55  LEU LEU A . n 
A 1 56  TRP 56  56  56  TRP TRP A . n 
A 1 57  SER 57  57  57  SER SER A . n 
A 1 58  THR 58  58  58  THR THR A . n 
A 1 59  TRP 59  59  59  TRP TRP A . n 
A 1 60  ALA 60  60  60  ALA ALA A . n 
A 1 61  PRO 61  61  61  PRO PRO A . n 
A 1 62  CYS 62  62  62  CYS CYS A . n 
A 1 63  SER 63  63  63  SER SER A . n 
A 1 64  VAL 64  64  64  VAL VAL A . n 
A 1 65  THR 65  65  65  THR THR A . n 
A 1 66  CYS 66  66  66  CYS CYS A . n 
A 1 67  SER 67  67  67  SER SER A . n 
A 1 68  GLU 68  68  68  GLU GLU A . n 
A 1 69  GLY 69  69  69  GLY GLY A . n 
A 1 70  SER 70  70  70  SER SER A . n 
A 1 71  GLN 71  71  71  GLN GLN A . n 
A 1 72  LEU 72  72  72  LEU LEU A . n 
A 1 73  ARG 73  73  73  ARG ARG A . n 
A 1 74  TYR 74  74  74  TYR TYR A . n 
A 1 75  ARG 75  75  75  ARG ARG A . n 
A 1 76  ARG 76  76  76  ARG ARG A . n 
A 1 77  CYS 77  77  77  CYS CYS A . n 
A 1 78  VAL 78  78  78  VAL VAL A . n 
A 1 79  GLY 79  79  79  GLY GLY A . n 
A 1 80  TRP 80  80  80  TRP TRP A . n 
A 1 81  ASN 81  81  81  ASN ASN A . n 
A 1 82  GLY 82  82  82  GLY GLY A . n 
A 1 83  GLN 83  83  83  GLN GLN A . n 
A 1 84  CYS 84  84  84  CYS CYS A . n 
A 1 85  SER 85  85  85  SER SER A . n 
A 1 86  GLY 86  86  86  GLY GLY A . n 
A 1 87  LYS 87  87  87  LYS LYS A . n 
A 1 88  VAL 88  88  88  VAL VAL A . n 
A 1 89  ALA 89  89  89  ALA ALA A . n 
A 1 90  PRO 90  90  90  PRO PRO A . n 
A 1 91  GLY 91  91  91  GLY GLY A . n 
A 1 92  THR 92  92  92  THR THR A . n 
A 1 93  LEU 93  93  93  LEU LEU A . n 
A 1 94  GLU 94  94  94  GLU GLU A . n 
A 1 95  TRP 95  95  95  TRP TRP A . n 
A 1 96  GLN 96  96  96  GLN GLN A . n 
A 1 97  LEU 97  97  97  LEU LEU A . n 
A 1 98  GLN 98  98  98  GLN GLN A . n 
A 1 99  ALA 99  99  99  ALA ALA A . n 
A 1 100 CYS 100 100 100 CYS CYS A . n 
A 1 101 GLU 101 101 101 GLU GLU A . n 
A 1 102 ASP 102 102 102 ASP ASP A . n 
A 1 103 GLN 103 103 103 GLN GLN A . n 
A 1 104 GLN 104 104 104 GLN GLN A . n 
A 1 105 CYS 105 105 105 CYS CYS A . n 
A 1 106 CYS 106 106 106 CYS CYS A . n 
A 1 107 PRO 107 107 107 PRO PRO A . n 
A 1 108 GLU 108 108 108 GLU GLU A . n 
A 1 109 MET 109 109 109 MET MET A . n 
A 1 110 GLY 110 110 110 GLY GLY A . n 
A 1 111 GLY 111 111 111 GLY GLY A . n 
A 1 112 TRP 112 112 112 TRP TRP A . n 
A 1 113 SER 113 113 113 SER SER A . n 
A 1 114 GLY 114 114 114 GLY GLY A . n 
A 1 115 TRP 115 115 115 TRP TRP A . n 
A 1 116 GLY 116 116 116 GLY GLY A . n 
A 1 117 PRO 117 117 117 PRO PRO A . n 
A 1 118 TRP 118 118 118 TRP TRP A . n 
A 1 119 GLU 119 119 119 GLU GLU A . n 
A 1 120 PRO 120 120 120 PRO PRO A . n 
A 1 121 CYS 121 121 121 CYS CYS A . n 
A 1 122 SER 122 122 122 SER SER A . n 
A 1 123 VAL 123 123 123 VAL VAL A . n 
A 1 124 THR 124 124 124 THR THR A . n 
A 1 125 CYS 125 125 125 CYS CYS A . n 
A 1 126 SER 126 126 126 SER SER A . n 
A 1 127 LYS 127 127 127 LYS LYS A . n 
A 1 128 GLY 128 128 128 GLY GLY A . n 
A 1 129 THR 129 129 129 THR THR A . n 
A 1 130 ARG 130 130 130 ARG ARG A . n 
A 1 131 THR 131 131 131 THR THR A . n 
A 1 132 ARG 132 132 132 ARG ARG A . n 
A 1 133 ARG 133 133 133 ARG ARG A . n 
A 1 134 ARG 134 134 134 ARG ARG A . n 
A 1 135 ALA 135 135 135 ALA ALA A . n 
A 1 136 CYS 136 136 136 CYS CYS A . n 
A 1 137 ASN 137 137 137 ASN ASN A . n 
A 1 138 HIS 138 138 138 HIS HIS A . n 
A 1 139 PRO 139 139 139 PRO PRO A . n 
A 1 140 ALA 140 140 140 ALA ALA A . n 
A 1 141 PRO 141 141 141 PRO PRO A . n 
A 1 142 LYS 142 142 142 LYS LYS A . n 
A 1 143 CYS 143 143 143 CYS CYS A . n 
A 1 144 GLY 144 144 144 GLY GLY A . n 
A 1 145 GLY 145 145 145 GLY GLY A . n 
A 1 146 HIS 146 146 146 HIS HIS A . n 
A 1 147 CYS 147 147 147 CYS CYS A . n 
A 1 148 PRO 148 148 148 PRO PRO A . n 
A 1 149 GLY 149 149 149 GLY GLY A . n 
A 1 150 GLN 150 150 150 GLN GLN A . n 
A 1 151 ALA 151 151 151 ALA ALA A . n 
A 1 152 GLN 152 152 152 GLN GLN A . n 
A 1 153 GLU 153 153 153 GLU GLU A . n 
A 1 154 SER 154 154 154 SER SER A . n 
A 1 155 GLU 155 155 155 GLU GLU A . n 
A 1 156 ALA 156 156 156 ALA ALA A . n 
A 1 157 CYS 157 157 157 CYS CYS A . n 
A 1 158 ASP 158 158 158 ASP ASP A . n 
A 1 159 THR 159 159 159 THR THR A . n 
A 1 160 GLN 160 160 160 GLN GLN A . n 
A 1 161 GLN 161 161 161 GLN GLN A . n 
A 1 162 VAL 162 162 162 VAL VAL A . n 
A 1 163 CYS 163 163 163 CYS CYS A . n 
A 1 164 PRO 164 164 164 PRO PRO A . n 
A 1 165 THR 165 165 165 THR THR A . n 
A 1 166 HIS 166 166 166 HIS HIS A . n 
A 1 167 GLY 167 167 167 GLY GLY A . n 
A 1 168 ALA 168 168 168 ALA ALA A . n 
A 1 169 TRP 169 169 169 TRP TRP A . n 
A 1 170 ALA 170 170 170 ALA ALA A . n 
A 1 171 THR 171 171 171 THR THR A . n 
A 1 172 TRP 172 172 172 TRP TRP A . n 
A 1 173 GLY 173 173 173 GLY GLY A . n 
A 1 174 PRO 174 174 174 PRO PRO A . n 
A 1 175 TRP 175 175 175 TRP TRP A . n 
A 1 176 THR 176 176 176 THR THR A . n 
A 1 177 PRO 177 177 177 PRO PRO A . n 
A 1 178 CYS 178 178 178 CYS CYS A . n 
A 1 179 SER 179 179 179 SER SER A . n 
A 1 180 ALA 180 180 180 ALA ALA A . n 
A 1 181 SER 181 181 181 SER SER A . n 
A 1 182 CYS 182 182 182 CYS CYS A . n 
A 1 183 HIS 183 183 183 HIS HIS A . n 
A 1 184 GLY 184 184 184 GLY GLY A . n 
A 1 185 GLY 185 185 185 GLY GLY A . n 
A 1 186 PRO 186 186 186 PRO PRO A . n 
A 1 187 HIS 187 187 187 HIS HIS A . n 
A 1 188 GLU 188 188 188 GLU GLU A . n 
A 1 189 PRO 189 189 189 PRO PRO A . n 
A 1 190 LYS 190 190 190 LYS LYS A . n 
A 1 191 GLU 191 191 191 GLU GLU A . n 
A 1 192 THR 192 192 192 THR THR A . n 
A 1 193 ARG 193 193 193 ARG ARG A . n 
A 1 194 SER 194 194 194 SER SER A . n 
A 1 195 ARG 195 195 195 ARG ARG A . n 
A 1 196 LYS 196 196 196 LYS LYS A . n 
A 1 197 CYS 197 197 197 CYS CYS A . n 
A 1 198 SER 198 198 198 SER SER A . n 
A 1 199 ALA 199 199 199 ALA ALA A . n 
A 1 200 PRO 200 200 200 PRO PRO A . n 
A 1 201 GLU 201 201 201 GLU GLU A . n 
A 1 202 PRO 202 202 202 PRO PRO A . n 
A 1 203 SER 203 203 203 SER SER A . n 
A 1 204 GLN 204 204 204 GLN GLN A . n 
A 1 205 LYS 205 205 205 LYS LYS A . n 
A 1 206 PRO 206 206 206 PRO PRO A . n 
A 1 207 PRO 207 207 207 PRO PRO A . n 
A 1 208 GLY 208 208 208 GLY GLY A . n 
A 1 209 LYS 209 209 209 LYS LYS A . n 
A 1 210 PRO 210 210 210 PRO PRO A . n 
A 1 211 CYS 211 211 211 CYS CYS A . n 
A 1 212 PRO 212 212 212 PRO PRO A . n 
A 1 213 GLY 213 213 213 GLY GLY A . n 
A 1 214 LEU 214 214 214 LEU LEU A . n 
A 1 215 ALA 215 215 215 ALA ALA A . n 
A 1 216 TYR 216 216 216 TYR TYR A . n 
A 1 217 GLU 217 217 217 GLU GLU A . n 
A 1 218 GLN 218 218 218 GLN GLN A . n 
A 1 219 ARG 219 219 219 ARG ARG A . n 
A 1 220 ARG 220 220 220 ARG ARG A . n 
A 1 221 CYS 221 221 221 CYS CYS A . n 
A 1 222 THR 222 222 222 THR THR A . n 
A 1 223 GLY 223 223 223 GLY GLY A . n 
A 1 224 LEU 224 224 224 LEU LEU A . n 
A 1 225 PRO 225 225 225 PRO PRO A . n 
A 1 226 PRO 226 226 226 PRO PRO A . n 
A 1 227 CYS 227 227 227 CYS CYS A . n 
A 1 228 PRO 228 228 228 PRO PRO A . n 
A 1 229 VAL 229 229 229 VAL VAL A . n 
A 1 230 ALA 230 230 230 ALA ALA A . n 
A 1 231 GLY 231 231 231 GLY GLY A . n 
A 1 232 GLY 232 232 232 GLY GLY A . n 
A 1 233 TRP 233 233 233 TRP TRP A . n 
A 1 234 GLY 234 234 234 GLY GLY A . n 
A 1 235 PRO 235 235 235 PRO PRO A . n 
A 1 236 TRP 236 236 236 TRP TRP A . n 
A 1 237 GLY 237 237 237 GLY GLY A . n 
A 1 238 PRO 238 238 238 PRO PRO A . n 
A 1 239 VAL 239 239 239 VAL VAL A . n 
A 1 240 SER 240 240 240 SER SER A . n 
A 1 241 PRO 241 241 241 PRO PRO A . n 
A 1 242 CYS 242 242 242 CYS CYS A . n 
A 1 243 PRO 243 243 243 PRO PRO A . n 
A 1 244 VAL 244 244 244 VAL VAL A . n 
A 1 245 THR 245 245 245 THR THR A . n 
A 1 246 CYS 246 246 246 CYS CYS A . n 
A 1 247 GLY 247 247 247 GLY GLY A . n 
A 1 248 LEU 248 248 248 LEU LEU A . n 
A 1 249 GLY 249 249 249 GLY GLY A . n 
A 1 250 GLN 250 250 250 GLN GLN A . n 
A 1 251 THR 251 251 251 THR THR A . n 
A 1 252 MET 252 252 252 MET MET A . n 
A 1 253 GLU 253 253 253 GLU GLU A . n 
A 1 254 GLN 254 254 254 GLN GLN A . n 
A 1 255 ARG 255 255 255 ARG ARG A . n 
A 1 256 THR 256 256 256 THR THR A . n 
A 1 257 CYS 257 257 257 CYS CYS A . n 
A 1 258 ASN 258 258 258 ASN ASN A . n 
A 1 259 HIS 259 259 259 HIS HIS A . n 
A 1 260 PRO 260 260 260 PRO PRO A . n 
A 1 261 VAL 261 261 261 VAL VAL A . n 
A 1 262 PRO 262 262 262 PRO PRO A . n 
A 1 263 GLN 263 263 263 GLN GLN A . n 
A 1 264 HIS 264 264 264 HIS HIS A . n 
A 1 265 GLY 265 265 265 GLY GLY A . n 
A 1 266 GLY 266 266 266 GLY GLY A . n 
A 1 267 PRO 267 267 267 PRO PRO A . n 
A 1 268 PHE 268 268 268 PHE PHE A . n 
A 1 269 CYS 269 269 269 CYS CYS A . n 
A 1 270 ALA 270 270 270 ALA ALA A . n 
A 1 271 GLY 271 271 271 GLY GLY A . n 
A 1 272 ASP 272 272 272 ASP ASP A . n 
A 1 273 ALA 273 273 273 ALA ALA A . n 
A 1 274 THR 274 274 274 THR THR A . n 
A 1 275 ARG 275 275 275 ARG ARG A . n 
A 1 276 THR 276 276 276 THR THR A . n 
A 1 277 HIS 277 277 277 HIS HIS A . n 
A 1 278 ILE 278 278 278 ILE ILE A . n 
A 1 279 CYS 279 279 279 CYS CYS A . n 
A 1 280 ASN 280 280 280 ASN ASN A . n 
A 1 281 THR 281 281 281 THR THR A . n 
A 1 282 ALA 282 282 282 ALA ALA A . n 
A 1 283 VAL 283 283 283 VAL VAL A . n 
A 1 284 PRO 284 284 284 PRO PRO A . n 
A 1 285 CYS 285 285 285 CYS CYS A . n 
A 1 286 PRO 286 286 286 PRO PRO A . n 
A 1 287 VAL 287 287 287 VAL VAL A . n 
A 1 288 ASP 288 288 288 ASP ASP A . n 
A 1 289 GLY 289 289 289 GLY GLY A . n 
A 1 290 GLU 290 290 290 GLU GLU A . n 
A 1 291 TRP 291 291 291 TRP TRP A . n 
A 1 292 ASP 292 292 292 ASP ASP A . n 
A 1 293 SER 293 293 293 SER SER A . n 
A 1 294 TRP 294 294 294 TRP TRP A . n 
A 1 295 GLY 295 295 295 GLY GLY A . n 
A 1 296 GLU 296 296 296 GLU GLU A . n 
A 1 297 TRP 297 297 297 TRP TRP A . n 
A 1 298 SER 298 298 298 SER SER A . n 
A 1 299 PRO 299 299 299 PRO PRO A . n 
A 1 300 CYS 300 300 300 CYS CYS A . n 
A 1 301 ILE 301 301 301 ILE ILE A . n 
A 1 302 ARG 302 302 302 ARG ARG A . n 
A 1 303 ARG 303 303 303 ARG ARG A . n 
A 1 304 ASN 304 304 304 ASN ASN A . n 
A 1 305 MET 305 305 305 MET MET A . n 
A 1 306 LYS 306 306 306 LYS LYS A . n 
A 1 307 SER 307 307 307 SER SER A . n 
A 1 308 ILE 308 308 308 ILE ILE A . n 
A 1 309 SER 309 309 309 SER SER A . n 
A 1 310 CYS 310 310 310 CYS CYS A . n 
A 1 311 GLN 311 311 311 GLN GLN A . n 
A 1 312 GLU 312 312 312 GLU GLU A . n 
A 1 313 ILE 313 313 313 ILE ILE A . n 
A 1 314 PRO 314 314 314 PRO PRO A . n 
A 1 315 GLY 315 315 315 GLY GLY A . n 
A 1 316 GLN 316 316 316 GLN GLN A . n 
A 1 317 GLN 317 317 317 GLN GLN A . n 
A 1 318 SER 318 318 318 SER SER A . n 
A 1 319 ARG 319 319 319 ARG ARG A . n 
A 1 320 GLY 320 320 320 GLY GLY A . n 
A 1 321 ARG 321 321 321 ARG ARG A . n 
A 1 322 THR 322 322 322 THR THR A . n 
A 1 323 CYS 323 323 323 CYS CYS A . n 
A 1 324 ARG 324 324 324 ARG ARG A . n 
A 1 325 GLY 325 325 325 GLY GLY A . n 
A 1 326 ARG 326 326 326 ARG ARG A . n 
A 1 327 LYS 327 327 327 LYS LYS A . n 
A 1 328 PHE 328 328 328 PHE PHE A . n 
A 1 329 ASP 329 329 329 ASP ASP A . n 
A 1 330 GLY 330 330 330 GLY GLY A . n 
A 1 331 HIS 331 331 331 HIS HIS A . n 
A 1 332 ARG 332 332 332 ARG ARG A . n 
A 1 333 CYS 333 333 333 CYS CYS A . n 
A 1 334 ALA 334 334 334 ALA ALA A . n 
A 1 335 GLY 335 335 335 GLY GLY A . n 
A 1 336 GLN 336 336 336 GLN GLN A . n 
A 1 337 GLN 337 337 337 GLN GLN A . n 
A 1 338 GLN 338 338 338 GLN GLN A . n 
A 1 339 ASP 339 339 339 ASP ASP A . n 
A 1 340 ILE 340 340 340 ILE ILE A . n 
A 1 341 ARG 341 341 341 ARG ARG A . n 
A 1 342 HIS 342 342 342 HIS HIS A . n 
A 1 343 CYS 343 343 343 CYS CYS A . n 
A 1 344 TYR 344 344 344 TYR TYR A . n 
A 1 345 SER 345 345 345 SER SER A . n 
A 1 346 ILE 346 346 346 ILE ILE A . n 
A 1 347 GLN 347 347 347 GLN GLN A . n 
A 1 348 HIS 348 348 348 HIS HIS A . n 
A 1 349 CYS 349 349 349 CYS CYS A . n 
A 1 350 PRO 350 350 350 PRO PRO A . n 
A 1 351 LEU 351 351 351 LEU LEU A . n 
A 1 352 LYS 352 352 352 LYS LYS A . n 
A 1 353 GLY 353 353 353 GLY GLY A . n 
A 1 354 SER 354 354 354 SER SER A . n 
A 1 355 TRP 355 355 355 TRP TRP A . n 
A 1 356 SER 356 356 356 SER SER A . n 
A 1 357 GLU 357 357 357 GLU GLU A . n 
A 1 358 TRP 358 358 358 TRP TRP A . n 
A 1 359 SER 359 359 359 SER SER A . n 
A 1 360 THR 360 360 360 THR THR A . n 
A 1 361 TRP 361 361 361 TRP TRP A . n 
A 1 362 GLY 362 362 362 GLY GLY A . n 
A 1 363 LEU 363 363 363 LEU LEU A . n 
A 1 364 CYS 364 364 364 CYS CYS A . n 
A 1 365 MET 365 365 365 MET MET A . n 
A 1 366 PRO 366 366 366 PRO PRO A . n 
A 1 367 PRO 367 367 367 PRO PRO A . n 
A 1 368 CYS 368 368 368 CYS CYS A . n 
A 1 369 GLY 369 369 369 GLY GLY A . n 
A 1 370 PRO 370 370 370 PRO PRO A . n 
A 1 371 ASN 371 371 371 ASN ASN A . n 
A 1 372 PRO 372 372 372 PRO PRO A . n 
A 1 373 THR 373 373 373 THR THR A . n 
A 1 374 ARG 374 374 374 ARG ARG A . n 
A 1 375 ALA 375 375 375 ALA ALA A . n 
A 1 376 ARG 376 376 376 ARG ARG A . n 
A 1 377 GLN 377 377 377 GLN GLN A . n 
A 1 378 ARG 378 378 378 ARG ARG A . n 
A 1 379 LEU 379 379 379 LEU LEU A . n 
A 1 380 CYS 380 380 380 CYS CYS A . n 
A 1 381 THR 381 381 381 THR THR A . n 
A 1 382 PRO 382 382 382 PRO PRO A . n 
A 1 383 LEU 383 383 383 LEU LEU A . n 
A 1 384 LEU 384 384 384 LEU LEU A . n 
A 1 385 PRO 385 385 385 PRO PRO A . n 
A 1 386 LYS 386 386 386 LYS LYS A . n 
A 1 387 TYR 387 387 387 TYR TYR A . n 
A 1 388 PRO 388 388 388 PRO PRO A . n 
A 1 389 PRO 389 389 389 PRO PRO A . n 
A 1 390 THR 390 390 390 THR THR A . n 
A 1 391 VAL 391 391 391 VAL VAL A . n 
A 1 392 SER 392 392 392 SER SER A . n 
A 1 393 MET 393 393 393 MET MET A . n 
A 1 394 VAL 394 394 394 VAL VAL A . n 
A 1 395 GLU 395 395 395 GLU GLU A . n 
A 1 396 GLY 396 396 396 GLY GLY A . n 
A 1 397 GLN 397 397 397 GLN GLN A . n 
A 1 398 GLY 398 398 398 GLY GLY A . n 
A 1 399 GLU 399 399 399 GLU GLU A . n 
A 1 400 LYS 400 400 400 LYS LYS A . n 
A 1 401 ASN 401 401 401 ASN ASN A . n 
A 1 402 VAL 402 402 402 VAL VAL A . n 
A 1 403 THR 403 403 403 THR THR A . n 
A 1 404 PHE 404 404 404 PHE PHE A . n 
A 1 405 TRP 405 405 405 TRP TRP A . n 
A 1 406 GLY 406 406 406 GLY GLY A . n 
A 1 407 ARG 407 407 407 ARG ARG A . n 
A 1 408 PRO 408 408 408 PRO PRO A . n 
A 1 409 LEU 409 409 409 LEU LEU A . n 
A 1 410 PRO 410 410 410 PRO PRO A . n 
A 1 411 ARG 411 411 411 ARG ARG A . n 
A 1 412 CYS 412 412 412 CYS CYS A . n 
A 1 413 GLU 413 413 413 GLU GLU A . n 
A 1 414 GLU 414 414 414 GLU GLU A . n 
A 1 415 LEU 415 415 415 LEU LEU A . n 
A 1 416 GLN 416 416 416 GLN GLN A . n 
A 1 417 GLY 417 417 417 GLY GLY A . n 
A 1 418 GLN 418 418 418 GLN GLN A . n 
A 1 419 LYS 419 419 419 LYS LYS A . n 
A 1 420 LEU 420 420 420 LEU LEU A . n 
A 1 421 VAL 421 421 421 VAL VAL A . n 
A 1 422 VAL 422 422 422 VAL VAL A . n 
A 1 423 GLU 423 423 423 GLU GLU A . n 
A 1 424 GLU 424 424 424 GLU GLU A . n 
A 1 425 LYS 425 425 425 LYS LYS A . n 
A 1 426 ARG 426 426 426 ARG ARG A . n 
A 1 427 PRO 427 427 427 PRO PRO A . n 
A 1 428 CYS 428 428 428 CYS CYS A . n 
A 1 429 LEU 429 429 429 LEU LEU A . n 
A 1 430 HIS 430 430 430 HIS HIS A . n 
A 1 431 VAL 431 431 431 VAL VAL A . n 
A 1 432 PRO 432 432 432 PRO PRO A . n 
A 1 433 ALA 433 433 433 ALA ALA A . n 
A 1 434 CYS 434 434 434 CYS CYS A . n 
A 1 435 LYS 435 435 435 LYS LYS A . n 
A 1 436 ASP 436 436 436 ASP ASP A . n 
A 1 437 PRO 437 437 437 PRO PRO A . n 
A 1 438 GLU 438 438 438 GLU GLU A . n 
A 1 439 GLU 439 439 439 GLU GLU A . n 
A 1 440 GLU 440 440 440 GLU GLU A . n 
A 1 441 GLU 441 441 441 GLU GLU A . n 
A 1 442 LEU 442 442 442 LEU LEU A . n 
B 1 1   ASP 1   1   1   ASP ASP B . n 
B 1 2   PRO 2   2   2   PRO PRO B . n 
B 1 3   VAL 3   3   3   VAL VAL B . n 
B 1 4   LEU 4   4   4   LEU LEU B . n 
B 1 5   CYS 5   5   5   CYS CYS B . n 
B 1 6   PHE 6   6   6   PHE PHE B . n 
B 1 7   THR 7   7   7   THR THR B . n 
B 1 8   GLN 8   8   8   GLN GLN B . n 
B 1 9   TYR 9   9   9   TYR TYR B . n 
B 1 10  GLU 10  10  10  GLU GLU B . n 
B 1 11  GLU 11  11  11  GLU GLU B . n 
B 1 12  SER 12  12  12  SER SER B . n 
B 1 13  SER 13  13  13  SER SER B . n 
B 1 14  GLY 14  14  14  GLY GLY B . n 
B 1 15  LYS 15  15  15  LYS LYS B . n 
B 1 16  CYS 16  16  16  CYS CYS B . n 
B 1 17  LYS 17  17  17  LYS LYS B . n 
B 1 18  GLY 18  18  18  GLY GLY B . n 
B 1 19  LEU 19  19  19  LEU LEU B . n 
B 1 20  LEU 20  20  20  LEU LEU B . n 
B 1 21  GLY 21  21  21  GLY GLY B . n 
B 1 22  GLY 22  22  22  GLY GLY B . n 
B 1 23  GLY 23  23  23  GLY GLY B . n 
B 1 24  VAL 24  24  24  VAL VAL B . n 
B 1 25  SER 25  25  25  SER SER B . n 
B 1 26  VAL 26  26  26  VAL VAL B . n 
B 1 27  GLU 27  27  27  GLU GLU B . n 
B 1 28  ASP 28  28  28  ASP ASP B . n 
B 1 29  CYS 29  29  29  CYS CYS B . n 
B 1 30  CYS 30  30  30  CYS CYS B . n 
B 1 31  LEU 31  31  31  LEU LEU B . n 
B 1 32  ASN 32  32  32  ASN ASN B . n 
B 1 33  THR 33  33  33  THR THR B . n 
B 1 34  ALA 34  34  34  ALA ALA B . n 
B 1 35  PHE 35  35  35  PHE PHE B . n 
B 1 36  ALA 36  36  36  ALA ALA B . n 
B 1 37  TYR 37  37  37  TYR TYR B . n 
B 1 38  GLN 38  38  38  GLN GLN B . n 
B 1 39  LYS 39  39  39  LYS LYS B . n 
B 1 40  ARG 40  40  40  ARG ARG B . n 
B 1 41  SER 41  41  41  SER SER B . n 
B 1 42  GLY 42  42  42  GLY GLY B . n 
B 1 43  GLY 43  43  43  GLY GLY B . n 
B 1 44  LEU 44  44  44  LEU LEU B . n 
B 1 45  CYS 45  45  45  CYS CYS B . n 
B 1 46  GLN 46  46  46  GLN GLN B . n 
B 1 47  PRO 47  47  47  PRO PRO B . n 
B 1 48  CYS 48  48  48  CYS CYS B . n 
B 1 49  ARG 49  49  49  ARG ARG B . n 
B 1 50  SER 50  50  50  SER SER B . n 
B 1 51  PRO 51  51  51  PRO PRO B . n 
B 1 52  ARG 52  52  52  ARG ARG B . n 
B 1 53  TRP 53  53  53  TRP TRP B . n 
B 1 54  SER 54  54  54  SER SER B . n 
B 1 55  LEU 55  55  55  LEU LEU B . n 
B 1 56  TRP 56  56  56  TRP TRP B . n 
B 1 57  SER 57  57  57  SER SER B . n 
B 1 58  THR 58  58  58  THR THR B . n 
B 1 59  TRP 59  59  59  TRP TRP B . n 
B 1 60  ALA 60  60  60  ALA ALA B . n 
B 1 61  PRO 61  61  61  PRO PRO B . n 
B 1 62  CYS 62  62  62  CYS CYS B . n 
B 1 63  SER 63  63  63  SER SER B . n 
B 1 64  VAL 64  64  64  VAL VAL B . n 
B 1 65  THR 65  65  65  THR THR B . n 
B 1 66  CYS 66  66  66  CYS CYS B . n 
B 1 67  SER 67  67  67  SER SER B . n 
B 1 68  GLU 68  68  68  GLU GLU B . n 
B 1 69  GLY 69  69  69  GLY GLY B . n 
B 1 70  SER 70  70  70  SER SER B . n 
B 1 71  GLN 71  71  71  GLN GLN B . n 
B 1 72  LEU 72  72  72  LEU LEU B . n 
B 1 73  ARG 73  73  73  ARG ARG B . n 
B 1 74  TYR 74  74  74  TYR TYR B . n 
B 1 75  ARG 75  75  75  ARG ARG B . n 
B 1 76  ARG 76  76  76  ARG ARG B . n 
B 1 77  CYS 77  77  77  CYS CYS B . n 
B 1 78  VAL 78  78  78  VAL VAL B . n 
B 1 79  GLY 79  79  79  GLY GLY B . n 
B 1 80  TRP 80  80  80  TRP TRP B . n 
B 1 81  ASN 81  81  81  ASN ASN B . n 
B 1 82  GLY 82  82  82  GLY GLY B . n 
B 1 83  GLN 83  83  83  GLN GLN B . n 
B 1 84  CYS 84  84  84  CYS CYS B . n 
B 1 85  SER 85  85  85  SER SER B . n 
B 1 86  GLY 86  86  86  GLY GLY B . n 
B 1 87  LYS 87  87  87  LYS LYS B . n 
B 1 88  VAL 88  88  88  VAL VAL B . n 
B 1 89  ALA 89  89  89  ALA ALA B . n 
B 1 90  PRO 90  90  90  PRO PRO B . n 
B 1 91  GLY 91  91  91  GLY GLY B . n 
B 1 92  THR 92  92  92  THR THR B . n 
B 1 93  LEU 93  93  93  LEU LEU B . n 
B 1 94  GLU 94  94  94  GLU GLU B . n 
B 1 95  TRP 95  95  95  TRP TRP B . n 
B 1 96  GLN 96  96  96  GLN GLN B . n 
B 1 97  LEU 97  97  97  LEU LEU B . n 
B 1 98  GLN 98  98  98  GLN GLN B . n 
B 1 99  ALA 99  99  99  ALA ALA B . n 
B 1 100 CYS 100 100 100 CYS CYS B . n 
B 1 101 GLU 101 101 101 GLU GLU B . n 
B 1 102 ASP 102 102 102 ASP ASP B . n 
B 1 103 GLN 103 103 103 GLN GLN B . n 
B 1 104 GLN 104 104 104 GLN GLN B . n 
B 1 105 CYS 105 105 105 CYS CYS B . n 
B 1 106 CYS 106 106 106 CYS CYS B . n 
B 1 107 PRO 107 107 107 PRO PRO B . n 
B 1 108 GLU 108 108 108 GLU GLU B . n 
B 1 109 MET 109 109 109 MET MET B . n 
B 1 110 GLY 110 110 110 GLY GLY B . n 
B 1 111 GLY 111 111 111 GLY GLY B . n 
B 1 112 TRP 112 112 112 TRP TRP B . n 
B 1 113 SER 113 113 113 SER SER B . n 
B 1 114 GLY 114 114 114 GLY GLY B . n 
B 1 115 TRP 115 115 115 TRP TRP B . n 
B 1 116 GLY 116 116 116 GLY GLY B . n 
B 1 117 PRO 117 117 117 PRO PRO B . n 
B 1 118 TRP 118 118 118 TRP TRP B . n 
B 1 119 GLU 119 119 119 GLU GLU B . n 
B 1 120 PRO 120 120 120 PRO PRO B . n 
B 1 121 CYS 121 121 121 CYS CYS B . n 
B 1 122 SER 122 122 122 SER SER B . n 
B 1 123 VAL 123 123 123 VAL VAL B . n 
B 1 124 THR 124 124 124 THR THR B . n 
B 1 125 CYS 125 125 125 CYS CYS B . n 
B 1 126 SER 126 126 126 SER SER B . n 
B 1 127 LYS 127 127 127 LYS LYS B . n 
B 1 128 GLY 128 128 128 GLY GLY B . n 
B 1 129 THR 129 129 129 THR THR B . n 
B 1 130 ARG 130 130 130 ARG ARG B . n 
B 1 131 THR 131 131 131 THR THR B . n 
B 1 132 ARG 132 132 132 ARG ARG B . n 
B 1 133 ARG 133 133 133 ARG ARG B . n 
B 1 134 ARG 134 134 134 ARG ARG B . n 
B 1 135 ALA 135 135 135 ALA ALA B . n 
B 1 136 CYS 136 136 136 CYS CYS B . n 
B 1 137 ASN 137 137 137 ASN ASN B . n 
B 1 138 HIS 138 138 138 HIS HIS B . n 
B 1 139 PRO 139 139 139 PRO PRO B . n 
B 1 140 ALA 140 140 140 ALA ALA B . n 
B 1 141 PRO 141 141 141 PRO PRO B . n 
B 1 142 LYS 142 142 142 LYS LYS B . n 
B 1 143 CYS 143 143 143 CYS CYS B . n 
B 1 144 GLY 144 144 144 GLY GLY B . n 
B 1 145 GLY 145 145 145 GLY GLY B . n 
B 1 146 HIS 146 146 146 HIS HIS B . n 
B 1 147 CYS 147 147 147 CYS CYS B . n 
B 1 148 PRO 148 148 148 PRO PRO B . n 
B 1 149 GLY 149 149 149 GLY GLY B . n 
B 1 150 GLN 150 150 150 GLN GLN B . n 
B 1 151 ALA 151 151 151 ALA ALA B . n 
B 1 152 GLN 152 152 152 GLN GLN B . n 
B 1 153 GLU 153 153 153 GLU GLU B . n 
B 1 154 SER 154 154 154 SER SER B . n 
B 1 155 GLU 155 155 155 GLU GLU B . n 
B 1 156 ALA 156 156 156 ALA ALA B . n 
B 1 157 CYS 157 157 157 CYS CYS B . n 
B 1 158 ASP 158 158 158 ASP ASP B . n 
B 1 159 THR 159 159 159 THR THR B . n 
B 1 160 GLN 160 160 160 GLN GLN B . n 
B 1 161 GLN 161 161 161 GLN GLN B . n 
B 1 162 VAL 162 162 162 VAL VAL B . n 
B 1 163 CYS 163 163 163 CYS CYS B . n 
B 1 164 PRO 164 164 164 PRO PRO B . n 
B 1 165 THR 165 165 165 THR THR B . n 
B 1 166 HIS 166 166 166 HIS HIS B . n 
B 1 167 GLY 167 167 167 GLY GLY B . n 
B 1 168 ALA 168 168 168 ALA ALA B . n 
B 1 169 TRP 169 169 169 TRP TRP B . n 
B 1 170 ALA 170 170 170 ALA ALA B . n 
B 1 171 THR 171 171 171 THR THR B . n 
B 1 172 TRP 172 172 172 TRP TRP B . n 
B 1 173 GLY 173 173 173 GLY GLY B . n 
B 1 174 PRO 174 174 174 PRO PRO B . n 
B 1 175 TRP 175 175 175 TRP TRP B . n 
B 1 176 THR 176 176 176 THR THR B . n 
B 1 177 PRO 177 177 177 PRO PRO B . n 
B 1 178 CYS 178 178 178 CYS CYS B . n 
B 1 179 SER 179 179 179 SER SER B . n 
B 1 180 ALA 180 180 180 ALA ALA B . n 
B 1 181 SER 181 181 181 SER SER B . n 
B 1 182 CYS 182 182 182 CYS CYS B . n 
B 1 183 HIS 183 183 183 HIS HIS B . n 
B 1 184 GLY 184 184 184 GLY GLY B . n 
B 1 185 GLY 185 185 185 GLY GLY B . n 
B 1 186 PRO 186 186 186 PRO PRO B . n 
B 1 187 HIS 187 187 187 HIS HIS B . n 
B 1 188 GLU 188 188 188 GLU GLU B . n 
B 1 189 PRO 189 189 189 PRO PRO B . n 
B 1 190 LYS 190 190 190 LYS LYS B . n 
B 1 191 GLU 191 191 191 GLU GLU B . n 
B 1 192 THR 192 192 192 THR THR B . n 
B 1 193 ARG 193 193 193 ARG ARG B . n 
B 1 194 SER 194 194 194 SER SER B . n 
B 1 195 ARG 195 195 195 ARG ARG B . n 
B 1 196 LYS 196 196 196 LYS LYS B . n 
B 1 197 CYS 197 197 197 CYS CYS B . n 
B 1 198 SER 198 198 198 SER SER B . n 
B 1 199 ALA 199 199 199 ALA ALA B . n 
B 1 200 PRO 200 200 200 PRO PRO B . n 
B 1 201 GLU 201 201 201 GLU GLU B . n 
B 1 202 PRO 202 202 202 PRO PRO B . n 
B 1 203 SER 203 203 203 SER SER B . n 
B 1 204 GLN 204 204 204 GLN GLN B . n 
B 1 205 LYS 205 205 205 LYS LYS B . n 
B 1 206 PRO 206 206 206 PRO PRO B . n 
B 1 207 PRO 207 207 207 PRO PRO B . n 
B 1 208 GLY 208 208 208 GLY GLY B . n 
B 1 209 LYS 209 209 209 LYS LYS B . n 
B 1 210 PRO 210 210 210 PRO PRO B . n 
B 1 211 CYS 211 211 211 CYS CYS B . n 
B 1 212 PRO 212 212 212 PRO PRO B . n 
B 1 213 GLY 213 213 213 GLY GLY B . n 
B 1 214 LEU 214 214 214 LEU LEU B . n 
B 1 215 ALA 215 215 215 ALA ALA B . n 
B 1 216 TYR 216 216 216 TYR TYR B . n 
B 1 217 GLU 217 217 217 GLU GLU B . n 
B 1 218 GLN 218 218 218 GLN GLN B . n 
B 1 219 ARG 219 219 219 ARG ARG B . n 
B 1 220 ARG 220 220 220 ARG ARG B . n 
B 1 221 CYS 221 221 221 CYS CYS B . n 
B 1 222 THR 222 222 222 THR THR B . n 
B 1 223 GLY 223 223 223 GLY GLY B . n 
B 1 224 LEU 224 224 224 LEU LEU B . n 
B 1 225 PRO 225 225 225 PRO PRO B . n 
B 1 226 PRO 226 226 226 PRO PRO B . n 
B 1 227 CYS 227 227 227 CYS CYS B . n 
B 1 228 PRO 228 228 228 PRO PRO B . n 
B 1 229 VAL 229 229 229 VAL VAL B . n 
B 1 230 ALA 230 230 230 ALA ALA B . n 
B 1 231 GLY 231 231 231 GLY GLY B . n 
B 1 232 GLY 232 232 232 GLY GLY B . n 
B 1 233 TRP 233 233 233 TRP TRP B . n 
B 1 234 GLY 234 234 234 GLY GLY B . n 
B 1 235 PRO 235 235 235 PRO PRO B . n 
B 1 236 TRP 236 236 236 TRP TRP B . n 
B 1 237 GLY 237 237 237 GLY GLY B . n 
B 1 238 PRO 238 238 238 PRO PRO B . n 
B 1 239 VAL 239 239 239 VAL VAL B . n 
B 1 240 SER 240 240 240 SER SER B . n 
B 1 241 PRO 241 241 241 PRO PRO B . n 
B 1 242 CYS 242 242 242 CYS CYS B . n 
B 1 243 PRO 243 243 243 PRO PRO B . n 
B 1 244 VAL 244 244 244 VAL VAL B . n 
B 1 245 THR 245 245 245 THR THR B . n 
B 1 246 CYS 246 246 246 CYS CYS B . n 
B 1 247 GLY 247 247 247 GLY GLY B . n 
B 1 248 LEU 248 248 248 LEU LEU B . n 
B 1 249 GLY 249 249 249 GLY GLY B . n 
B 1 250 GLN 250 250 250 GLN GLN B . n 
B 1 251 THR 251 251 251 THR THR B . n 
B 1 252 MET 252 252 252 MET MET B . n 
B 1 253 GLU 253 253 253 GLU GLU B . n 
B 1 254 GLN 254 254 254 GLN GLN B . n 
B 1 255 ARG 255 255 255 ARG ARG B . n 
B 1 256 THR 256 256 256 THR THR B . n 
B 1 257 CYS 257 257 257 CYS CYS B . n 
B 1 258 ASN 258 258 258 ASN ASN B . n 
B 1 259 HIS 259 259 259 HIS HIS B . n 
B 1 260 PRO 260 260 260 PRO PRO B . n 
B 1 261 VAL 261 261 261 VAL VAL B . n 
B 1 262 PRO 262 262 262 PRO PRO B . n 
B 1 263 GLN 263 263 263 GLN GLN B . n 
B 1 264 HIS 264 264 264 HIS HIS B . n 
B 1 265 GLY 265 265 265 GLY GLY B . n 
B 1 266 GLY 266 266 266 GLY GLY B . n 
B 1 267 PRO 267 267 267 PRO PRO B . n 
B 1 268 PHE 268 268 268 PHE PHE B . n 
B 1 269 CYS 269 269 269 CYS CYS B . n 
B 1 270 ALA 270 270 270 ALA ALA B . n 
B 1 271 GLY 271 271 271 GLY GLY B . n 
B 1 272 ASP 272 272 272 ASP ASP B . n 
B 1 273 ALA 273 273 273 ALA ALA B . n 
B 1 274 THR 274 274 274 THR THR B . n 
B 1 275 ARG 275 275 275 ARG ARG B . n 
B 1 276 THR 276 276 276 THR THR B . n 
B 1 277 HIS 277 277 277 HIS HIS B . n 
B 1 278 ILE 278 278 278 ILE ILE B . n 
B 1 279 CYS 279 279 279 CYS CYS B . n 
B 1 280 ASN 280 280 280 ASN ASN B . n 
B 1 281 THR 281 281 281 THR THR B . n 
B 1 282 ALA 282 282 282 ALA ALA B . n 
B 1 283 VAL 283 283 283 VAL VAL B . n 
B 1 284 PRO 284 284 284 PRO PRO B . n 
B 1 285 CYS 285 285 285 CYS CYS B . n 
B 1 286 PRO 286 286 286 PRO PRO B . n 
B 1 287 VAL 287 287 287 VAL VAL B . n 
B 1 288 ASP 288 288 288 ASP ASP B . n 
B 1 289 GLY 289 289 289 GLY GLY B . n 
B 1 290 GLU 290 290 290 GLU GLU B . n 
B 1 291 TRP 291 291 291 TRP TRP B . n 
B 1 292 ASP 292 292 292 ASP ASP B . n 
B 1 293 SER 293 293 293 SER SER B . n 
B 1 294 TRP 294 294 294 TRP TRP B . n 
B 1 295 GLY 295 295 295 GLY GLY B . n 
B 1 296 GLU 296 296 296 GLU GLU B . n 
B 1 297 TRP 297 297 297 TRP TRP B . n 
B 1 298 SER 298 298 298 SER SER B . n 
B 1 299 PRO 299 299 299 PRO PRO B . n 
B 1 300 CYS 300 300 300 CYS CYS B . n 
B 1 301 ILE 301 301 301 ILE ILE B . n 
B 1 302 ARG 302 302 302 ARG ARG B . n 
B 1 303 ARG 303 303 303 ARG ARG B . n 
B 1 304 ASN 304 304 304 ASN ASN B . n 
B 1 305 MET 305 305 305 MET MET B . n 
B 1 306 LYS 306 306 306 LYS LYS B . n 
B 1 307 SER 307 307 307 SER SER B . n 
B 1 308 ILE 308 308 308 ILE ILE B . n 
B 1 309 SER 309 309 309 SER SER B . n 
B 1 310 CYS 310 310 310 CYS CYS B . n 
B 1 311 GLN 311 311 311 GLN GLN B . n 
B 1 312 GLU 312 312 312 GLU GLU B . n 
B 1 313 ILE 313 313 313 ILE ILE B . n 
B 1 314 PRO 314 314 314 PRO PRO B . n 
B 1 315 GLY 315 315 315 GLY GLY B . n 
B 1 316 GLN 316 316 316 GLN GLN B . n 
B 1 317 GLN 317 317 317 GLN GLN B . n 
B 1 318 SER 318 318 318 SER SER B . n 
B 1 319 ARG 319 319 319 ARG ARG B . n 
B 1 320 GLY 320 320 320 GLY GLY B . n 
B 1 321 ARG 321 321 321 ARG ARG B . n 
B 1 322 THR 322 322 322 THR THR B . n 
B 1 323 CYS 323 323 323 CYS CYS B . n 
B 1 324 ARG 324 324 324 ARG ARG B . n 
B 1 325 GLY 325 325 325 GLY GLY B . n 
B 1 326 ARG 326 326 326 ARG ARG B . n 
B 1 327 LYS 327 327 327 LYS LYS B . n 
B 1 328 PHE 328 328 328 PHE PHE B . n 
B 1 329 ASP 329 329 329 ASP ASP B . n 
B 1 330 GLY 330 330 330 GLY GLY B . n 
B 1 331 HIS 331 331 331 HIS HIS B . n 
B 1 332 ARG 332 332 332 ARG ARG B . n 
B 1 333 CYS 333 333 333 CYS CYS B . n 
B 1 334 ALA 334 334 334 ALA ALA B . n 
B 1 335 GLY 335 335 335 GLY GLY B . n 
B 1 336 GLN 336 336 336 GLN GLN B . n 
B 1 337 GLN 337 337 337 GLN GLN B . n 
B 1 338 GLN 338 338 338 GLN GLN B . n 
B 1 339 ASP 339 339 339 ASP ASP B . n 
B 1 340 ILE 340 340 340 ILE ILE B . n 
B 1 341 ARG 341 341 341 ARG ARG B . n 
B 1 342 HIS 342 342 342 HIS HIS B . n 
B 1 343 CYS 343 343 343 CYS CYS B . n 
B 1 344 TYR 344 344 344 TYR TYR B . n 
B 1 345 SER 345 345 345 SER SER B . n 
B 1 346 ILE 346 346 346 ILE ILE B . n 
B 1 347 GLN 347 347 347 GLN GLN B . n 
B 1 348 HIS 348 348 348 HIS HIS B . n 
B 1 349 CYS 349 349 349 CYS CYS B . n 
B 1 350 PRO 350 350 350 PRO PRO B . n 
B 1 351 LEU 351 351 351 LEU LEU B . n 
B 1 352 LYS 352 352 352 LYS LYS B . n 
B 1 353 GLY 353 353 353 GLY GLY B . n 
B 1 354 SER 354 354 354 SER SER B . n 
B 1 355 TRP 355 355 355 TRP TRP B . n 
B 1 356 SER 356 356 356 SER SER B . n 
B 1 357 GLU 357 357 357 GLU GLU B . n 
B 1 358 TRP 358 358 358 TRP TRP B . n 
B 1 359 SER 359 359 359 SER SER B . n 
B 1 360 THR 360 360 360 THR THR B . n 
B 1 361 TRP 361 361 361 TRP TRP B . n 
B 1 362 GLY 362 362 362 GLY GLY B . n 
B 1 363 LEU 363 363 363 LEU LEU B . n 
B 1 364 CYS 364 364 364 CYS CYS B . n 
B 1 365 MET 365 365 365 MET MET B . n 
B 1 366 PRO 366 366 366 PRO PRO B . n 
B 1 367 PRO 367 367 367 PRO PRO B . n 
B 1 368 CYS 368 368 368 CYS CYS B . n 
B 1 369 GLY 369 369 369 GLY GLY B . n 
B 1 370 PRO 370 370 370 PRO PRO B . n 
B 1 371 ASN 371 371 371 ASN ASN B . n 
B 1 372 PRO 372 372 372 PRO PRO B . n 
B 1 373 THR 373 373 373 THR THR B . n 
B 1 374 ARG 374 374 374 ARG ARG B . n 
B 1 375 ALA 375 375 375 ALA ALA B . n 
B 1 376 ARG 376 376 376 ARG ARG B . n 
B 1 377 GLN 377 377 377 GLN GLN B . n 
B 1 378 ARG 378 378 378 ARG ARG B . n 
B 1 379 LEU 379 379 379 LEU LEU B . n 
B 1 380 CYS 380 380 380 CYS CYS B . n 
B 1 381 THR 381 381 381 THR THR B . n 
B 1 382 PRO 382 382 382 PRO PRO B . n 
B 1 383 LEU 383 383 383 LEU LEU B . n 
B 1 384 LEU 384 384 384 LEU LEU B . n 
B 1 385 PRO 385 385 385 PRO PRO B . n 
B 1 386 LYS 386 386 386 LYS LYS B . n 
B 1 387 TYR 387 387 387 TYR TYR B . n 
B 1 388 PRO 388 388 388 PRO PRO B . n 
B 1 389 PRO 389 389 389 PRO PRO B . n 
B 1 390 THR 390 390 390 THR THR B . n 
B 1 391 VAL 391 391 391 VAL VAL B . n 
B 1 392 SER 392 392 392 SER SER B . n 
B 1 393 MET 393 393 393 MET MET B . n 
B 1 394 VAL 394 394 394 VAL VAL B . n 
B 1 395 GLU 395 395 395 GLU GLU B . n 
B 1 396 GLY 396 396 396 GLY GLY B . n 
B 1 397 GLN 397 397 397 GLN GLN B . n 
B 1 398 GLY 398 398 398 GLY GLY B . n 
B 1 399 GLU 399 399 399 GLU GLU B . n 
B 1 400 LYS 400 400 400 LYS LYS B . n 
B 1 401 ASN 401 401 401 ASN ASN B . n 
B 1 402 VAL 402 402 402 VAL VAL B . n 
B 1 403 THR 403 403 403 THR THR B . n 
B 1 404 PHE 404 404 404 PHE PHE B . n 
B 1 405 TRP 405 405 405 TRP TRP B . n 
B 1 406 GLY 406 406 406 GLY GLY B . n 
B 1 407 ARG 407 407 407 ARG ARG B . n 
B 1 408 PRO 408 408 408 PRO PRO B . n 
B 1 409 LEU 409 409 409 LEU LEU B . n 
B 1 410 PRO 410 410 410 PRO PRO B . n 
B 1 411 ARG 411 411 411 ARG ARG B . n 
B 1 412 CYS 412 412 412 CYS CYS B . n 
B 1 413 GLU 413 413 413 GLU GLU B . n 
B 1 414 GLU 414 414 414 GLU GLU B . n 
B 1 415 LEU 415 415 415 LEU LEU B . n 
B 1 416 GLN 416 416 416 GLN GLN B . n 
B 1 417 GLY 417 417 417 GLY GLY B . n 
B 1 418 GLN 418 418 418 GLN GLN B . n 
B 1 419 LYS 419 419 419 LYS LYS B . n 
B 1 420 LEU 420 420 420 LEU LEU B . n 
B 1 421 VAL 421 421 421 VAL VAL B . n 
B 1 422 VAL 422 422 422 VAL VAL B . n 
B 1 423 GLU 423 423 423 GLU GLU B . n 
B 1 424 GLU 424 424 424 GLU GLU B . n 
B 1 425 LYS 425 425 425 LYS LYS B . n 
B 1 426 ARG 426 426 426 ARG ARG B . n 
B 1 427 PRO 427 427 427 PRO PRO B . n 
B 1 428 CYS 428 428 428 CYS CYS B . n 
B 1 429 LEU 429 429 429 LEU LEU B . n 
B 1 430 HIS 430 430 430 HIS HIS B . n 
B 1 431 VAL 431 431 431 VAL VAL B . n 
B 1 432 PRO 432 432 432 PRO PRO B . n 
B 1 433 ALA 433 433 433 ALA ALA B . n 
B 1 434 CYS 434 434 434 CYS CYS B . n 
B 1 435 LYS 435 435 435 LYS LYS B . n 
B 1 436 ASP 436 436 436 ASP ASP B . n 
B 1 437 PRO 437 437 437 PRO PRO B . n 
B 1 438 GLU 438 438 438 GLU GLU B . n 
B 1 439 GLU 439 439 439 GLU GLU B . n 
B 1 440 GLU 440 440 440 GLU GLU B . n 
B 1 441 GLU 441 441 441 GLU GLU B . n 
B 1 442 LEU 442 442 442 LEU LEU B . n 
C 1 1   ASP 1   1   1   ASP ASP C . n 
C 1 2   PRO 2   2   2   PRO PRO C . n 
C 1 3   VAL 3   3   3   VAL VAL C . n 
C 1 4   LEU 4   4   4   LEU LEU C . n 
C 1 5   CYS 5   5   5   CYS CYS C . n 
C 1 6   PHE 6   6   6   PHE PHE C . n 
C 1 7   THR 7   7   7   THR THR C . n 
C 1 8   GLN 8   8   8   GLN GLN C . n 
C 1 9   TYR 9   9   9   TYR TYR C . n 
C 1 10  GLU 10  10  10  GLU GLU C . n 
C 1 11  GLU 11  11  11  GLU GLU C . n 
C 1 12  SER 12  12  12  SER SER C . n 
C 1 13  SER 13  13  13  SER SER C . n 
C 1 14  GLY 14  14  14  GLY GLY C . n 
C 1 15  LYS 15  15  15  LYS LYS C . n 
C 1 16  CYS 16  16  16  CYS CYS C . n 
C 1 17  LYS 17  17  17  LYS LYS C . n 
C 1 18  GLY 18  18  18  GLY GLY C . n 
C 1 19  LEU 19  19  19  LEU LEU C . n 
C 1 20  LEU 20  20  20  LEU LEU C . n 
C 1 21  GLY 21  21  21  GLY GLY C . n 
C 1 22  GLY 22  22  22  GLY GLY C . n 
C 1 23  GLY 23  23  23  GLY GLY C . n 
C 1 24  VAL 24  24  24  VAL VAL C . n 
C 1 25  SER 25  25  25  SER SER C . n 
C 1 26  VAL 26  26  26  VAL VAL C . n 
C 1 27  GLU 27  27  27  GLU GLU C . n 
C 1 28  ASP 28  28  28  ASP ASP C . n 
C 1 29  CYS 29  29  29  CYS CYS C . n 
C 1 30  CYS 30  30  30  CYS CYS C . n 
C 1 31  LEU 31  31  31  LEU LEU C . n 
C 1 32  ASN 32  32  32  ASN ASN C . n 
C 1 33  THR 33  33  33  THR THR C . n 
C 1 34  ALA 34  34  34  ALA ALA C . n 
C 1 35  PHE 35  35  35  PHE PHE C . n 
C 1 36  ALA 36  36  36  ALA ALA C . n 
C 1 37  TYR 37  37  37  TYR TYR C . n 
C 1 38  GLN 38  38  38  GLN GLN C . n 
C 1 39  LYS 39  39  39  LYS LYS C . n 
C 1 40  ARG 40  40  40  ARG ARG C . n 
C 1 41  SER 41  41  41  SER SER C . n 
C 1 42  GLY 42  42  42  GLY GLY C . n 
C 1 43  GLY 43  43  43  GLY GLY C . n 
C 1 44  LEU 44  44  44  LEU LEU C . n 
C 1 45  CYS 45  45  45  CYS CYS C . n 
C 1 46  GLN 46  46  46  GLN GLN C . n 
C 1 47  PRO 47  47  47  PRO PRO C . n 
C 1 48  CYS 48  48  48  CYS CYS C . n 
C 1 49  ARG 49  49  49  ARG ARG C . n 
C 1 50  SER 50  50  50  SER SER C . n 
C 1 51  PRO 51  51  51  PRO PRO C . n 
C 1 52  ARG 52  52  52  ARG ARG C . n 
C 1 53  TRP 53  53  53  TRP TRP C . n 
C 1 54  SER 54  54  54  SER SER C . n 
C 1 55  LEU 55  55  55  LEU LEU C . n 
C 1 56  TRP 56  56  56  TRP TRP C . n 
C 1 57  SER 57  57  57  SER SER C . n 
C 1 58  THR 58  58  58  THR THR C . n 
C 1 59  TRP 59  59  59  TRP TRP C . n 
C 1 60  ALA 60  60  60  ALA ALA C . n 
C 1 61  PRO 61  61  61  PRO PRO C . n 
C 1 62  CYS 62  62  62  CYS CYS C . n 
C 1 63  SER 63  63  63  SER SER C . n 
C 1 64  VAL 64  64  64  VAL VAL C . n 
C 1 65  THR 65  65  65  THR THR C . n 
C 1 66  CYS 66  66  66  CYS CYS C . n 
C 1 67  SER 67  67  67  SER SER C . n 
C 1 68  GLU 68  68  68  GLU GLU C . n 
C 1 69  GLY 69  69  69  GLY GLY C . n 
C 1 70  SER 70  70  70  SER SER C . n 
C 1 71  GLN 71  71  71  GLN GLN C . n 
C 1 72  LEU 72  72  72  LEU LEU C . n 
C 1 73  ARG 73  73  73  ARG ARG C . n 
C 1 74  TYR 74  74  74  TYR TYR C . n 
C 1 75  ARG 75  75  75  ARG ARG C . n 
C 1 76  ARG 76  76  76  ARG ARG C . n 
C 1 77  CYS 77  77  77  CYS CYS C . n 
C 1 78  VAL 78  78  78  VAL VAL C . n 
C 1 79  GLY 79  79  79  GLY GLY C . n 
C 1 80  TRP 80  80  80  TRP TRP C . n 
C 1 81  ASN 81  81  81  ASN ASN C . n 
C 1 82  GLY 82  82  82  GLY GLY C . n 
C 1 83  GLN 83  83  83  GLN GLN C . n 
C 1 84  CYS 84  84  84  CYS CYS C . n 
C 1 85  SER 85  85  85  SER SER C . n 
C 1 86  GLY 86  86  86  GLY GLY C . n 
C 1 87  LYS 87  87  87  LYS LYS C . n 
C 1 88  VAL 88  88  88  VAL VAL C . n 
C 1 89  ALA 89  89  89  ALA ALA C . n 
C 1 90  PRO 90  90  90  PRO PRO C . n 
C 1 91  GLY 91  91  91  GLY GLY C . n 
C 1 92  THR 92  92  92  THR THR C . n 
C 1 93  LEU 93  93  93  LEU LEU C . n 
C 1 94  GLU 94  94  94  GLU GLU C . n 
C 1 95  TRP 95  95  95  TRP TRP C . n 
C 1 96  GLN 96  96  96  GLN GLN C . n 
C 1 97  LEU 97  97  97  LEU LEU C . n 
C 1 98  GLN 98  98  98  GLN GLN C . n 
C 1 99  ALA 99  99  99  ALA ALA C . n 
C 1 100 CYS 100 100 100 CYS CYS C . n 
C 1 101 GLU 101 101 101 GLU GLU C . n 
C 1 102 ASP 102 102 102 ASP ASP C . n 
C 1 103 GLN 103 103 103 GLN GLN C . n 
C 1 104 GLN 104 104 104 GLN GLN C . n 
C 1 105 CYS 105 105 105 CYS CYS C . n 
C 1 106 CYS 106 106 106 CYS CYS C . n 
C 1 107 PRO 107 107 107 PRO PRO C . n 
C 1 108 GLU 108 108 108 GLU GLU C . n 
C 1 109 MET 109 109 109 MET MET C . n 
C 1 110 GLY 110 110 110 GLY GLY C . n 
C 1 111 GLY 111 111 111 GLY GLY C . n 
C 1 112 TRP 112 112 112 TRP TRP C . n 
C 1 113 SER 113 113 113 SER SER C . n 
C 1 114 GLY 114 114 114 GLY GLY C . n 
C 1 115 TRP 115 115 115 TRP TRP C . n 
C 1 116 GLY 116 116 116 GLY GLY C . n 
C 1 117 PRO 117 117 117 PRO PRO C . n 
C 1 118 TRP 118 118 118 TRP TRP C . n 
C 1 119 GLU 119 119 119 GLU GLU C . n 
C 1 120 PRO 120 120 120 PRO PRO C . n 
C 1 121 CYS 121 121 121 CYS CYS C . n 
C 1 122 SER 122 122 122 SER SER C . n 
C 1 123 VAL 123 123 123 VAL VAL C . n 
C 1 124 THR 124 124 124 THR THR C . n 
C 1 125 CYS 125 125 125 CYS CYS C . n 
C 1 126 SER 126 126 126 SER SER C . n 
C 1 127 LYS 127 127 127 LYS LYS C . n 
C 1 128 GLY 128 128 128 GLY GLY C . n 
C 1 129 THR 129 129 129 THR THR C . n 
C 1 130 ARG 130 130 130 ARG ARG C . n 
C 1 131 THR 131 131 131 THR THR C . n 
C 1 132 ARG 132 132 132 ARG ARG C . n 
C 1 133 ARG 133 133 133 ARG ARG C . n 
C 1 134 ARG 134 134 134 ARG ARG C . n 
C 1 135 ALA 135 135 135 ALA ALA C . n 
C 1 136 CYS 136 136 136 CYS CYS C . n 
C 1 137 ASN 137 137 137 ASN ASN C . n 
C 1 138 HIS 138 138 138 HIS HIS C . n 
C 1 139 PRO 139 139 139 PRO PRO C . n 
C 1 140 ALA 140 140 140 ALA ALA C . n 
C 1 141 PRO 141 141 141 PRO PRO C . n 
C 1 142 LYS 142 142 142 LYS LYS C . n 
C 1 143 CYS 143 143 143 CYS CYS C . n 
C 1 144 GLY 144 144 144 GLY GLY C . n 
C 1 145 GLY 145 145 145 GLY GLY C . n 
C 1 146 HIS 146 146 146 HIS HIS C . n 
C 1 147 CYS 147 147 147 CYS CYS C . n 
C 1 148 PRO 148 148 148 PRO PRO C . n 
C 1 149 GLY 149 149 149 GLY GLY C . n 
C 1 150 GLN 150 150 150 GLN GLN C . n 
C 1 151 ALA 151 151 151 ALA ALA C . n 
C 1 152 GLN 152 152 152 GLN GLN C . n 
C 1 153 GLU 153 153 153 GLU GLU C . n 
C 1 154 SER 154 154 154 SER SER C . n 
C 1 155 GLU 155 155 155 GLU GLU C . n 
C 1 156 ALA 156 156 156 ALA ALA C . n 
C 1 157 CYS 157 157 157 CYS CYS C . n 
C 1 158 ASP 158 158 158 ASP ASP C . n 
C 1 159 THR 159 159 159 THR THR C . n 
C 1 160 GLN 160 160 160 GLN GLN C . n 
C 1 161 GLN 161 161 161 GLN GLN C . n 
C 1 162 VAL 162 162 162 VAL VAL C . n 
C 1 163 CYS 163 163 163 CYS CYS C . n 
C 1 164 PRO 164 164 164 PRO PRO C . n 
C 1 165 THR 165 165 165 THR THR C . n 
C 1 166 HIS 166 166 166 HIS HIS C . n 
C 1 167 GLY 167 167 167 GLY GLY C . n 
C 1 168 ALA 168 168 168 ALA ALA C . n 
C 1 169 TRP 169 169 169 TRP TRP C . n 
C 1 170 ALA 170 170 170 ALA ALA C . n 
C 1 171 THR 171 171 171 THR THR C . n 
C 1 172 TRP 172 172 172 TRP TRP C . n 
C 1 173 GLY 173 173 173 GLY GLY C . n 
C 1 174 PRO 174 174 174 PRO PRO C . n 
C 1 175 TRP 175 175 175 TRP TRP C . n 
C 1 176 THR 176 176 176 THR THR C . n 
C 1 177 PRO 177 177 177 PRO PRO C . n 
C 1 178 CYS 178 178 178 CYS CYS C . n 
C 1 179 SER 179 179 179 SER SER C . n 
C 1 180 ALA 180 180 180 ALA ALA C . n 
C 1 181 SER 181 181 181 SER SER C . n 
C 1 182 CYS 182 182 182 CYS CYS C . n 
C 1 183 HIS 183 183 183 HIS HIS C . n 
C 1 184 GLY 184 184 184 GLY GLY C . n 
C 1 185 GLY 185 185 185 GLY GLY C . n 
C 1 186 PRO 186 186 186 PRO PRO C . n 
C 1 187 HIS 187 187 187 HIS HIS C . n 
C 1 188 GLU 188 188 188 GLU GLU C . n 
C 1 189 PRO 189 189 189 PRO PRO C . n 
C 1 190 LYS 190 190 190 LYS LYS C . n 
C 1 191 GLU 191 191 191 GLU GLU C . n 
C 1 192 THR 192 192 192 THR THR C . n 
C 1 193 ARG 193 193 193 ARG ARG C . n 
C 1 194 SER 194 194 194 SER SER C . n 
C 1 195 ARG 195 195 195 ARG ARG C . n 
C 1 196 LYS 196 196 196 LYS LYS C . n 
C 1 197 CYS 197 197 197 CYS CYS C . n 
C 1 198 SER 198 198 198 SER SER C . n 
C 1 199 ALA 199 199 199 ALA ALA C . n 
C 1 200 PRO 200 200 200 PRO PRO C . n 
C 1 201 GLU 201 201 201 GLU GLU C . n 
C 1 202 PRO 202 202 202 PRO PRO C . n 
C 1 203 SER 203 203 203 SER SER C . n 
C 1 204 GLN 204 204 204 GLN GLN C . n 
C 1 205 LYS 205 205 205 LYS LYS C . n 
C 1 206 PRO 206 206 206 PRO PRO C . n 
C 1 207 PRO 207 207 207 PRO PRO C . n 
C 1 208 GLY 208 208 208 GLY GLY C . n 
C 1 209 LYS 209 209 209 LYS LYS C . n 
C 1 210 PRO 210 210 210 PRO PRO C . n 
C 1 211 CYS 211 211 211 CYS CYS C . n 
C 1 212 PRO 212 212 212 PRO PRO C . n 
C 1 213 GLY 213 213 213 GLY GLY C . n 
C 1 214 LEU 214 214 214 LEU LEU C . n 
C 1 215 ALA 215 215 215 ALA ALA C . n 
C 1 216 TYR 216 216 216 TYR TYR C . n 
C 1 217 GLU 217 217 217 GLU GLU C . n 
C 1 218 GLN 218 218 218 GLN GLN C . n 
C 1 219 ARG 219 219 219 ARG ARG C . n 
C 1 220 ARG 220 220 220 ARG ARG C . n 
C 1 221 CYS 221 221 221 CYS CYS C . n 
C 1 222 THR 222 222 222 THR THR C . n 
C 1 223 GLY 223 223 223 GLY GLY C . n 
C 1 224 LEU 224 224 224 LEU LEU C . n 
C 1 225 PRO 225 225 225 PRO PRO C . n 
C 1 226 PRO 226 226 226 PRO PRO C . n 
C 1 227 CYS 227 227 227 CYS CYS C . n 
C 1 228 PRO 228 228 228 PRO PRO C . n 
C 1 229 VAL 229 229 229 VAL VAL C . n 
C 1 230 ALA 230 230 230 ALA ALA C . n 
C 1 231 GLY 231 231 231 GLY GLY C . n 
C 1 232 GLY 232 232 232 GLY GLY C . n 
C 1 233 TRP 233 233 233 TRP TRP C . n 
C 1 234 GLY 234 234 234 GLY GLY C . n 
C 1 235 PRO 235 235 235 PRO PRO C . n 
C 1 236 TRP 236 236 236 TRP TRP C . n 
C 1 237 GLY 237 237 237 GLY GLY C . n 
C 1 238 PRO 238 238 238 PRO PRO C . n 
C 1 239 VAL 239 239 239 VAL VAL C . n 
C 1 240 SER 240 240 240 SER SER C . n 
C 1 241 PRO 241 241 241 PRO PRO C . n 
C 1 242 CYS 242 242 242 CYS CYS C . n 
C 1 243 PRO 243 243 243 PRO PRO C . n 
C 1 244 VAL 244 244 244 VAL VAL C . n 
C 1 245 THR 245 245 245 THR THR C . n 
C 1 246 CYS 246 246 246 CYS CYS C . n 
C 1 247 GLY 247 247 247 GLY GLY C . n 
C 1 248 LEU 248 248 248 LEU LEU C . n 
C 1 249 GLY 249 249 249 GLY GLY C . n 
C 1 250 GLN 250 250 250 GLN GLN C . n 
C 1 251 THR 251 251 251 THR THR C . n 
C 1 252 MET 252 252 252 MET MET C . n 
C 1 253 GLU 253 253 253 GLU GLU C . n 
C 1 254 GLN 254 254 254 GLN GLN C . n 
C 1 255 ARG 255 255 255 ARG ARG C . n 
C 1 256 THR 256 256 256 THR THR C . n 
C 1 257 CYS 257 257 257 CYS CYS C . n 
C 1 258 ASN 258 258 258 ASN ASN C . n 
C 1 259 HIS 259 259 259 HIS HIS C . n 
C 1 260 PRO 260 260 260 PRO PRO C . n 
C 1 261 VAL 261 261 261 VAL VAL C . n 
C 1 262 PRO 262 262 262 PRO PRO C . n 
C 1 263 GLN 263 263 263 GLN GLN C . n 
C 1 264 HIS 264 264 264 HIS HIS C . n 
C 1 265 GLY 265 265 265 GLY GLY C . n 
C 1 266 GLY 266 266 266 GLY GLY C . n 
C 1 267 PRO 267 267 267 PRO PRO C . n 
C 1 268 PHE 268 268 268 PHE PHE C . n 
C 1 269 CYS 269 269 269 CYS CYS C . n 
C 1 270 ALA 270 270 270 ALA ALA C . n 
C 1 271 GLY 271 271 271 GLY GLY C . n 
C 1 272 ASP 272 272 272 ASP ASP C . n 
C 1 273 ALA 273 273 273 ALA ALA C . n 
C 1 274 THR 274 274 274 THR THR C . n 
C 1 275 ARG 275 275 275 ARG ARG C . n 
C 1 276 THR 276 276 276 THR THR C . n 
C 1 277 HIS 277 277 277 HIS HIS C . n 
C 1 278 ILE 278 278 278 ILE ILE C . n 
C 1 279 CYS 279 279 279 CYS CYS C . n 
C 1 280 ASN 280 280 280 ASN ASN C . n 
C 1 281 THR 281 281 281 THR THR C . n 
C 1 282 ALA 282 282 282 ALA ALA C . n 
C 1 283 VAL 283 283 283 VAL VAL C . n 
C 1 284 PRO 284 284 284 PRO PRO C . n 
C 1 285 CYS 285 285 285 CYS CYS C . n 
C 1 286 PRO 286 286 286 PRO PRO C . n 
C 1 287 VAL 287 287 287 VAL VAL C . n 
C 1 288 ASP 288 288 288 ASP ASP C . n 
C 1 289 GLY 289 289 289 GLY GLY C . n 
C 1 290 GLU 290 290 290 GLU GLU C . n 
C 1 291 TRP 291 291 291 TRP TRP C . n 
C 1 292 ASP 292 292 292 ASP ASP C . n 
C 1 293 SER 293 293 293 SER SER C . n 
C 1 294 TRP 294 294 294 TRP TRP C . n 
C 1 295 GLY 295 295 295 GLY GLY C . n 
C 1 296 GLU 296 296 296 GLU GLU C . n 
C 1 297 TRP 297 297 297 TRP TRP C . n 
C 1 298 SER 298 298 298 SER SER C . n 
C 1 299 PRO 299 299 299 PRO PRO C . n 
C 1 300 CYS 300 300 300 CYS CYS C . n 
C 1 301 ILE 301 301 301 ILE ILE C . n 
C 1 302 ARG 302 302 302 ARG ARG C . n 
C 1 303 ARG 303 303 303 ARG ARG C . n 
C 1 304 ASN 304 304 304 ASN ASN C . n 
C 1 305 MET 305 305 305 MET MET C . n 
C 1 306 LYS 306 306 306 LYS LYS C . n 
C 1 307 SER 307 307 307 SER SER C . n 
C 1 308 ILE 308 308 308 ILE ILE C . n 
C 1 309 SER 309 309 309 SER SER C . n 
C 1 310 CYS 310 310 310 CYS CYS C . n 
C 1 311 GLN 311 311 311 GLN GLN C . n 
C 1 312 GLU 312 312 312 GLU GLU C . n 
C 1 313 ILE 313 313 313 ILE ILE C . n 
C 1 314 PRO 314 314 314 PRO PRO C . n 
C 1 315 GLY 315 315 315 GLY GLY C . n 
C 1 316 GLN 316 316 316 GLN GLN C . n 
C 1 317 GLN 317 317 317 GLN GLN C . n 
C 1 318 SER 318 318 318 SER SER C . n 
C 1 319 ARG 319 319 319 ARG ARG C . n 
C 1 320 GLY 320 320 320 GLY GLY C . n 
C 1 321 ARG 321 321 321 ARG ARG C . n 
C 1 322 THR 322 322 322 THR THR C . n 
C 1 323 CYS 323 323 323 CYS CYS C . n 
C 1 324 ARG 324 324 324 ARG ARG C . n 
C 1 325 GLY 325 325 325 GLY GLY C . n 
C 1 326 ARG 326 326 326 ARG ARG C . n 
C 1 327 LYS 327 327 327 LYS LYS C . n 
C 1 328 PHE 328 328 328 PHE PHE C . n 
C 1 329 ASP 329 329 329 ASP ASP C . n 
C 1 330 GLY 330 330 330 GLY GLY C . n 
C 1 331 HIS 331 331 331 HIS HIS C . n 
C 1 332 ARG 332 332 332 ARG ARG C . n 
C 1 333 CYS 333 333 333 CYS CYS C . n 
C 1 334 ALA 334 334 334 ALA ALA C . n 
C 1 335 GLY 335 335 335 GLY GLY C . n 
C 1 336 GLN 336 336 336 GLN GLN C . n 
C 1 337 GLN 337 337 337 GLN GLN C . n 
C 1 338 GLN 338 338 338 GLN GLN C . n 
C 1 339 ASP 339 339 339 ASP ASP C . n 
C 1 340 ILE 340 340 340 ILE ILE C . n 
C 1 341 ARG 341 341 341 ARG ARG C . n 
C 1 342 HIS 342 342 342 HIS HIS C . n 
C 1 343 CYS 343 343 343 CYS CYS C . n 
C 1 344 TYR 344 344 344 TYR TYR C . n 
C 1 345 SER 345 345 345 SER SER C . n 
C 1 346 ILE 346 346 346 ILE ILE C . n 
C 1 347 GLN 347 347 347 GLN GLN C . n 
C 1 348 HIS 348 348 348 HIS HIS C . n 
C 1 349 CYS 349 349 349 CYS CYS C . n 
C 1 350 PRO 350 350 350 PRO PRO C . n 
C 1 351 LEU 351 351 351 LEU LEU C . n 
C 1 352 LYS 352 352 352 LYS LYS C . n 
C 1 353 GLY 353 353 353 GLY GLY C . n 
C 1 354 SER 354 354 354 SER SER C . n 
C 1 355 TRP 355 355 355 TRP TRP C . n 
C 1 356 SER 356 356 356 SER SER C . n 
C 1 357 GLU 357 357 357 GLU GLU C . n 
C 1 358 TRP 358 358 358 TRP TRP C . n 
C 1 359 SER 359 359 359 SER SER C . n 
C 1 360 THR 360 360 360 THR THR C . n 
C 1 361 TRP 361 361 361 TRP TRP C . n 
C 1 362 GLY 362 362 362 GLY GLY C . n 
C 1 363 LEU 363 363 363 LEU LEU C . n 
C 1 364 CYS 364 364 364 CYS CYS C . n 
C 1 365 MET 365 365 365 MET MET C . n 
C 1 366 PRO 366 366 366 PRO PRO C . n 
C 1 367 PRO 367 367 367 PRO PRO C . n 
C 1 368 CYS 368 368 368 CYS CYS C . n 
C 1 369 GLY 369 369 369 GLY GLY C . n 
C 1 370 PRO 370 370 370 PRO PRO C . n 
C 1 371 ASN 371 371 371 ASN ASN C . n 
C 1 372 PRO 372 372 372 PRO PRO C . n 
C 1 373 THR 373 373 373 THR THR C . n 
C 1 374 ARG 374 374 374 ARG ARG C . n 
C 1 375 ALA 375 375 375 ALA ALA C . n 
C 1 376 ARG 376 376 376 ARG ARG C . n 
C 1 377 GLN 377 377 377 GLN GLN C . n 
C 1 378 ARG 378 378 378 ARG ARG C . n 
C 1 379 LEU 379 379 379 LEU LEU C . n 
C 1 380 CYS 380 380 380 CYS CYS C . n 
C 1 381 THR 381 381 381 THR THR C . n 
C 1 382 PRO 382 382 382 PRO PRO C . n 
C 1 383 LEU 383 383 383 LEU LEU C . n 
C 1 384 LEU 384 384 384 LEU LEU C . n 
C 1 385 PRO 385 385 385 PRO PRO C . n 
C 1 386 LYS 386 386 386 LYS LYS C . n 
C 1 387 TYR 387 387 387 TYR TYR C . n 
C 1 388 PRO 388 388 388 PRO PRO C . n 
C 1 389 PRO 389 389 389 PRO PRO C . n 
C 1 390 THR 390 390 390 THR THR C . n 
C 1 391 VAL 391 391 391 VAL VAL C . n 
C 1 392 SER 392 392 392 SER SER C . n 
C 1 393 MET 393 393 393 MET MET C . n 
C 1 394 VAL 394 394 394 VAL VAL C . n 
C 1 395 GLU 395 395 395 GLU GLU C . n 
C 1 396 GLY 396 396 396 GLY GLY C . n 
C 1 397 GLN 397 397 397 GLN GLN C . n 
C 1 398 GLY 398 398 398 GLY GLY C . n 
C 1 399 GLU 399 399 399 GLU GLU C . n 
C 1 400 LYS 400 400 400 LYS LYS C . n 
C 1 401 ASN 401 401 401 ASN ASN C . n 
C 1 402 VAL 402 402 402 VAL VAL C . n 
C 1 403 THR 403 403 403 THR THR C . n 
C 1 404 PHE 404 404 404 PHE PHE C . n 
C 1 405 TRP 405 405 405 TRP TRP C . n 
C 1 406 GLY 406 406 406 GLY GLY C . n 
C 1 407 ARG 407 407 407 ARG ARG C . n 
C 1 408 PRO 408 408 408 PRO PRO C . n 
C 1 409 LEU 409 409 409 LEU LEU C . n 
C 1 410 PRO 410 410 410 PRO PRO C . n 
C 1 411 ARG 411 411 411 ARG ARG C . n 
C 1 412 CYS 412 412 412 CYS CYS C . n 
C 1 413 GLU 413 413 413 GLU GLU C . n 
C 1 414 GLU 414 414 414 GLU GLU C . n 
C 1 415 LEU 415 415 415 LEU LEU C . n 
C 1 416 GLN 416 416 416 GLN GLN C . n 
C 1 417 GLY 417 417 417 GLY GLY C . n 
C 1 418 GLN 418 418 418 GLN GLN C . n 
C 1 419 LYS 419 419 419 LYS LYS C . n 
C 1 420 LEU 420 420 420 LEU LEU C . n 
C 1 421 VAL 421 421 421 VAL VAL C . n 
C 1 422 VAL 422 422 422 VAL VAL C . n 
C 1 423 GLU 423 423 423 GLU GLU C . n 
C 1 424 GLU 424 424 424 GLU GLU C . n 
C 1 425 LYS 425 425 425 LYS LYS C . n 
C 1 426 ARG 426 426 426 ARG ARG C . n 
C 1 427 PRO 427 427 427 PRO PRO C . n 
C 1 428 CYS 428 428 428 CYS CYS C . n 
C 1 429 LEU 429 429 429 LEU LEU C . n 
C 1 430 HIS 430 430 430 HIS HIS C . n 
C 1 431 VAL 431 431 431 VAL VAL C . n 
C 1 432 PRO 432 432 432 PRO PRO C . n 
C 1 433 ALA 433 433 433 ALA ALA C . n 
C 1 434 CYS 434 434 434 CYS CYS C . n 
C 1 435 LYS 435 435 435 LYS LYS C . n 
C 1 436 ASP 436 436 436 ASP ASP C . n 
C 1 437 PRO 437 437 437 PRO PRO C . n 
C 1 438 GLU 438 438 438 GLU GLU C . n 
C 1 439 GLU 439 439 439 GLU GLU C . n 
C 1 440 GLU 440 440 440 GLU GLU C . n 
C 1 441 GLU 441 441 441 GLU GLU C . n 
C 1 442 LEU 442 442 442 LEU LEU C . n 
# 
_software.name             INSIGHT 
_software.classification   refinement 
_software.version          'II 98' 
_software.citation_id      ? 
_software.pdbx_ordinal     1 
# 
_cell.entry_id           1W0S 
_cell.length_a           1.000 
_cell.length_b           1.000 
_cell.length_c           1.000 
_cell.angle_alpha        90.00 
_cell.angle_beta         90.00 
_cell.angle_gamma        90.00 
_cell.Z_PDB              3 
_cell.pdbx_unique_axis   ? 
# 
_symmetry.entry_id                         1W0S 
_symmetry.space_group_name_H-M             'P 1' 
_symmetry.pdbx_full_space_group_name_H-M   ? 
_symmetry.cell_setting                     ? 
_symmetry.Int_Tables_number                1 
# 
_exptl.entry_id          1W0S 
_exptl.method            'SOLUTION SCATTERING' 
_exptl.crystals_number   ? 
# 
_refine.pdbx_refine_id                           'SOLUTION SCATTERING' 
_refine.entry_id                                 1W0S 
_refine.pdbx_diffrn_id                           1 
_refine.pdbx_TLS_residual_ADP_flag               ? 
_refine.ls_number_reflns_obs                     ? 
_refine.ls_number_reflns_all                     ? 
_refine.pdbx_ls_sigma_I                          ? 
_refine.pdbx_ls_sigma_F                          ? 
_refine.pdbx_data_cutoff_high_absF               ? 
_refine.pdbx_data_cutoff_low_absF                ? 
_refine.pdbx_data_cutoff_high_rms_absF           ? 
_refine.ls_d_res_low                             ? 
_refine.ls_d_res_high                            . 
_refine.ls_percent_reflns_obs                    ? 
_refine.ls_R_factor_obs                          ? 
_refine.ls_R_factor_all                          ? 
_refine.ls_R_factor_R_work                       ? 
_refine.ls_R_factor_R_free                       ? 
_refine.ls_R_factor_R_free_error                 ? 
_refine.ls_R_factor_R_free_error_details         ? 
_refine.ls_percent_reflns_R_free                 ? 
_refine.ls_number_reflns_R_free                  ? 
_refine.ls_number_parameters                     ? 
_refine.ls_number_restraints                     ? 
_refine.occupancy_min                            ? 
_refine.occupancy_max                            ? 
_refine.correlation_coeff_Fo_to_Fc               ? 
_refine.correlation_coeff_Fo_to_Fc_free          ? 
_refine.B_iso_mean                               ? 
_refine.aniso_B[1][1]                            ? 
_refine.aniso_B[2][2]                            ? 
_refine.aniso_B[3][3]                            ? 
_refine.aniso_B[1][2]                            ? 
_refine.aniso_B[1][3]                            ? 
_refine.aniso_B[2][3]                            ? 
_refine.solvent_model_details                    ? 
_refine.solvent_model_param_ksol                 ? 
_refine.solvent_model_param_bsol                 ? 
_refine.pdbx_solvent_vdw_probe_radii             ? 
_refine.pdbx_solvent_ion_probe_radii             ? 
_refine.pdbx_solvent_shrinkage_radii             ? 
_refine.pdbx_ls_cross_valid_method               ? 
_refine.details                                  'REFINEMENT DETAILS CAN BE FOUND IN THE JRNL CITATION' 
_refine.pdbx_starting_model                      ? 
_refine.pdbx_method_to_determine_struct          ? 
_refine.pdbx_isotropic_thermal_model             ? 
_refine.pdbx_stereochemistry_target_values       ? 
_refine.pdbx_stereochem_target_val_spec_case     ? 
_refine.pdbx_R_Free_selection_details            ? 
_refine.pdbx_overall_ESU_R                       ? 
_refine.pdbx_overall_ESU_R_Free                  ? 
_refine.overall_SU_ML                            ? 
_refine.pdbx_overall_phase_error                 ? 
_refine.overall_SU_B                             ? 
_refine.overall_SU_R_Cruickshank_DPI             ? 
_refine.pdbx_overall_SU_R_free_Cruickshank_DPI   ? 
_refine.pdbx_overall_SU_R_Blow_DPI               ? 
_refine.pdbx_overall_SU_R_free_Blow_DPI          ? 
# 
_refine_hist.pdbx_refine_id                   'SOLUTION SCATTERING' 
_refine_hist.cycle_id                         LAST 
_refine_hist.pdbx_number_atoms_protein        1326 
_refine_hist.pdbx_number_atoms_nucleic_acid   0 
_refine_hist.pdbx_number_atoms_ligand         0 
_refine_hist.number_atoms_solvent             0 
_refine_hist.number_atoms_total               1326 
_refine_hist.d_res_high                       . 
_refine_hist.d_res_low                        . 
# 
_struct.entry_id                  1W0S 
_struct.title                     
'Solution structure of trimeric form of properdin by X-ray solution scattering and analytical ultracentrifugation' 
_struct.pdbx_model_details        ? 
_struct.pdbx_CASP_flag            ? 
_struct.pdbx_model_type_details   'CA ATOMS ONLY, CHAIN A, B, C' 
# 
_struct_keywords.entry_id        1W0S 
_struct_keywords.pdbx_keywords   GLYCOPROTEIN 
_struct_keywords.text            
'X-RAY SCATTERING, ANALYTICAL ULTRACENTRIFUGATION, COMPLEMENT, THROMBOSPONDIN TYPE I REPEATS, CONSTRAINED MODELLING, GLYCOPROTEIN' 
# 
loop_
_struct_asym.id 
_struct_asym.pdbx_blank_PDB_chainid_flag 
_struct_asym.pdbx_modified 
_struct_asym.entity_id 
_struct_asym.details 
A N N 1 ? 
B N N 1 ? 
C N N 1 ? 
# 
_struct_ref.id                         1 
_struct_ref.db_name                    UNP 
_struct_ref.db_code                    PROP_HUMAN 
_struct_ref.entity_id                  1 
_struct_ref.pdbx_seq_one_letter_code   ? 
_struct_ref.pdbx_align_begin           ? 
_struct_ref.pdbx_db_accession          P27918 
_struct_ref.pdbx_db_isoform            ? 
# 
loop_
_struct_ref_seq.align_id 
_struct_ref_seq.ref_id 
_struct_ref_seq.pdbx_PDB_id_code 
_struct_ref_seq.pdbx_strand_id 
_struct_ref_seq.seq_align_beg 
_struct_ref_seq.pdbx_seq_align_beg_ins_code 
_struct_ref_seq.seq_align_end 
_struct_ref_seq.pdbx_seq_align_end_ins_code 
_struct_ref_seq.pdbx_db_accession 
_struct_ref_seq.db_align_beg 
_struct_ref_seq.pdbx_db_align_beg_ins_code 
_struct_ref_seq.db_align_end 
_struct_ref_seq.pdbx_db_align_end_ins_code 
_struct_ref_seq.pdbx_auth_seq_align_beg 
_struct_ref_seq.pdbx_auth_seq_align_end 
1 1 1W0S A 1 ? 442 ? P27918 28 ? 469 ? 1 442 
2 1 1W0S B 1 ? 442 ? P27918 28 ? 469 ? 1 442 
3 1 1W0S C 1 ? 442 ? P27918 28 ? 469 ? 1 442 
# 
loop_
_pdbx_struct_assembly.id 
_pdbx_struct_assembly.details 
_pdbx_struct_assembly.method_details 
_pdbx_struct_assembly.oligomeric_details 
_pdbx_struct_assembly.oligomeric_count 
1 author_and_software_defined_assembly PISA monomeric 1 
2 author_and_software_defined_assembly PISA monomeric 1 
3 author_and_software_defined_assembly PISA monomeric 1 
# 
loop_
_pdbx_struct_assembly_gen.assembly_id 
_pdbx_struct_assembly_gen.oper_expression 
_pdbx_struct_assembly_gen.asym_id_list 
1 1 A 
2 1 B 
3 1 C 
# 
_pdbx_struct_oper_list.id                   1 
_pdbx_struct_oper_list.type                 'identity operation' 
_pdbx_struct_oper_list.name                 1_555 
_pdbx_struct_oper_list.symmetry_operation   x,y,z 
_pdbx_struct_oper_list.matrix[1][1]         1.0000000000 
_pdbx_struct_oper_list.matrix[1][2]         0.0000000000 
_pdbx_struct_oper_list.matrix[1][3]         0.0000000000 
_pdbx_struct_oper_list.vector[1]            0.0000000000 
_pdbx_struct_oper_list.matrix[2][1]         0.0000000000 
_pdbx_struct_oper_list.matrix[2][2]         1.0000000000 
_pdbx_struct_oper_list.matrix[2][3]         0.0000000000 
_pdbx_struct_oper_list.vector[2]            0.0000000000 
_pdbx_struct_oper_list.matrix[3][1]         0.0000000000 
_pdbx_struct_oper_list.matrix[3][2]         0.0000000000 
_pdbx_struct_oper_list.matrix[3][3]         1.0000000000 
_pdbx_struct_oper_list.vector[3]            0.0000000000 
# 
_struct_biol.id   1 
# 
_pdbx_entry_details.entry_id                 1W0S 
_pdbx_entry_details.compound_details         
;POSITIVELY REGULATES THE ALTERNATE PATHWAY OF COMPLEMENT
 BY BINDING AND STABILIZING THE C3- AND C5-CONVERTASE
 ENZYME COMPLEXES.
;
_pdbx_entry_details.source_details           ? 
_pdbx_entry_details.nonpolymer_details       ? 
_pdbx_entry_details.sequence_details         ? 
_pdbx_entry_details.has_ligand_of_interest   ? 
# 
loop_
_chem_comp_atom.comp_id 
_chem_comp_atom.atom_id 
_chem_comp_atom.type_symbol 
_chem_comp_atom.pdbx_aromatic_flag 
_chem_comp_atom.pdbx_stereo_config 
_chem_comp_atom.pdbx_ordinal 
ALA N    N N N 1   
ALA CA   C N S 2   
ALA C    C N N 3   
ALA O    O N N 4   
ALA CB   C N N 5   
ALA OXT  O N N 6   
ALA H    H N N 7   
ALA H2   H N N 8   
ALA HA   H N N 9   
ALA HB1  H N N 10  
ALA HB2  H N N 11  
ALA HB3  H N N 12  
ALA HXT  H N N 13  
ARG N    N N N 14  
ARG CA   C N S 15  
ARG C    C N N 16  
ARG O    O N N 17  
ARG CB   C N N 18  
ARG CG   C N N 19  
ARG CD   C N N 20  
ARG NE   N N N 21  
ARG CZ   C N N 22  
ARG NH1  N N N 23  
ARG NH2  N N N 24  
ARG OXT  O N N 25  
ARG H    H N N 26  
ARG H2   H N N 27  
ARG HA   H N N 28  
ARG HB2  H N N 29  
ARG HB3  H N N 30  
ARG HG2  H N N 31  
ARG HG3  H N N 32  
ARG HD2  H N N 33  
ARG HD3  H N N 34  
ARG HE   H N N 35  
ARG HH11 H N N 36  
ARG HH12 H N N 37  
ARG HH21 H N N 38  
ARG HH22 H N N 39  
ARG HXT  H N N 40  
ASN N    N N N 41  
ASN CA   C N S 42  
ASN C    C N N 43  
ASN O    O N N 44  
ASN CB   C N N 45  
ASN CG   C N N 46  
ASN OD1  O N N 47  
ASN ND2  N N N 48  
ASN OXT  O N N 49  
ASN H    H N N 50  
ASN H2   H N N 51  
ASN HA   H N N 52  
ASN HB2  H N N 53  
ASN HB3  H N N 54  
ASN HD21 H N N 55  
ASN HD22 H N N 56  
ASN HXT  H N N 57  
ASP N    N N N 58  
ASP CA   C N S 59  
ASP C    C N N 60  
ASP O    O N N 61  
ASP CB   C N N 62  
ASP CG   C N N 63  
ASP OD1  O N N 64  
ASP OD2  O N N 65  
ASP OXT  O N N 66  
ASP H    H N N 67  
ASP H2   H N N 68  
ASP HA   H N N 69  
ASP HB2  H N N 70  
ASP HB3  H N N 71  
ASP HD2  H N N 72  
ASP HXT  H N N 73  
CYS N    N N N 74  
CYS CA   C N R 75  
CYS C    C N N 76  
CYS O    O N N 77  
CYS CB   C N N 78  
CYS SG   S N N 79  
CYS OXT  O N N 80  
CYS H    H N N 81  
CYS H2   H N N 82  
CYS HA   H N N 83  
CYS HB2  H N N 84  
CYS HB3  H N N 85  
CYS HG   H N N 86  
CYS HXT  H N N 87  
GLN N    N N N 88  
GLN CA   C N S 89  
GLN C    C N N 90  
GLN O    O N N 91  
GLN CB   C N N 92  
GLN CG   C N N 93  
GLN CD   C N N 94  
GLN OE1  O N N 95  
GLN NE2  N N N 96  
GLN OXT  O N N 97  
GLN H    H N N 98  
GLN H2   H N N 99  
GLN HA   H N N 100 
GLN HB2  H N N 101 
GLN HB3  H N N 102 
GLN HG2  H N N 103 
GLN HG3  H N N 104 
GLN HE21 H N N 105 
GLN HE22 H N N 106 
GLN HXT  H N N 107 
GLU N    N N N 108 
GLU CA   C N S 109 
GLU C    C N N 110 
GLU O    O N N 111 
GLU CB   C N N 112 
GLU CG   C N N 113 
GLU CD   C N N 114 
GLU OE1  O N N 115 
GLU OE2  O N N 116 
GLU OXT  O N N 117 
GLU H    H N N 118 
GLU H2   H N N 119 
GLU HA   H N N 120 
GLU HB2  H N N 121 
GLU HB3  H N N 122 
GLU HG2  H N N 123 
GLU HG3  H N N 124 
GLU HE2  H N N 125 
GLU HXT  H N N 126 
GLY N    N N N 127 
GLY CA   C N N 128 
GLY C    C N N 129 
GLY O    O N N 130 
GLY OXT  O N N 131 
GLY H    H N N 132 
GLY H2   H N N 133 
GLY HA2  H N N 134 
GLY HA3  H N N 135 
GLY HXT  H N N 136 
HIS N    N N N 137 
HIS CA   C N S 138 
HIS C    C N N 139 
HIS O    O N N 140 
HIS CB   C N N 141 
HIS CG   C Y N 142 
HIS ND1  N Y N 143 
HIS CD2  C Y N 144 
HIS CE1  C Y N 145 
HIS NE2  N Y N 146 
HIS OXT  O N N 147 
HIS H    H N N 148 
HIS H2   H N N 149 
HIS HA   H N N 150 
HIS HB2  H N N 151 
HIS HB3  H N N 152 
HIS HD1  H N N 153 
HIS HD2  H N N 154 
HIS HE1  H N N 155 
HIS HE2  H N N 156 
HIS HXT  H N N 157 
ILE N    N N N 158 
ILE CA   C N S 159 
ILE C    C N N 160 
ILE O    O N N 161 
ILE CB   C N S 162 
ILE CG1  C N N 163 
ILE CG2  C N N 164 
ILE CD1  C N N 165 
ILE OXT  O N N 166 
ILE H    H N N 167 
ILE H2   H N N 168 
ILE HA   H N N 169 
ILE HB   H N N 170 
ILE HG12 H N N 171 
ILE HG13 H N N 172 
ILE HG21 H N N 173 
ILE HG22 H N N 174 
ILE HG23 H N N 175 
ILE HD11 H N N 176 
ILE HD12 H N N 177 
ILE HD13 H N N 178 
ILE HXT  H N N 179 
LEU N    N N N 180 
LEU CA   C N S 181 
LEU C    C N N 182 
LEU O    O N N 183 
LEU CB   C N N 184 
LEU CG   C N N 185 
LEU CD1  C N N 186 
LEU CD2  C N N 187 
LEU OXT  O N N 188 
LEU H    H N N 189 
LEU H2   H N N 190 
LEU HA   H N N 191 
LEU HB2  H N N 192 
LEU HB3  H N N 193 
LEU HG   H N N 194 
LEU HD11 H N N 195 
LEU HD12 H N N 196 
LEU HD13 H N N 197 
LEU HD21 H N N 198 
LEU HD22 H N N 199 
LEU HD23 H N N 200 
LEU HXT  H N N 201 
LYS N    N N N 202 
LYS CA   C N S 203 
LYS C    C N N 204 
LYS O    O N N 205 
LYS CB   C N N 206 
LYS CG   C N N 207 
LYS CD   C N N 208 
LYS CE   C N N 209 
LYS NZ   N N N 210 
LYS OXT  O N N 211 
LYS H    H N N 212 
LYS H2   H N N 213 
LYS HA   H N N 214 
LYS HB2  H N N 215 
LYS HB3  H N N 216 
LYS HG2  H N N 217 
LYS HG3  H N N 218 
LYS HD2  H N N 219 
LYS HD3  H N N 220 
LYS HE2  H N N 221 
LYS HE3  H N N 222 
LYS HZ1  H N N 223 
LYS HZ2  H N N 224 
LYS HZ3  H N N 225 
LYS HXT  H N N 226 
MET N    N N N 227 
MET CA   C N S 228 
MET C    C N N 229 
MET O    O N N 230 
MET CB   C N N 231 
MET CG   C N N 232 
MET SD   S N N 233 
MET CE   C N N 234 
MET OXT  O N N 235 
MET H    H N N 236 
MET H2   H N N 237 
MET HA   H N N 238 
MET HB2  H N N 239 
MET HB3  H N N 240 
MET HG2  H N N 241 
MET HG3  H N N 242 
MET HE1  H N N 243 
MET HE2  H N N 244 
MET HE3  H N N 245 
MET HXT  H N N 246 
PHE N    N N N 247 
PHE CA   C N S 248 
PHE C    C N N 249 
PHE O    O N N 250 
PHE CB   C N N 251 
PHE CG   C Y N 252 
PHE CD1  C Y N 253 
PHE CD2  C Y N 254 
PHE CE1  C Y N 255 
PHE CE2  C Y N 256 
PHE CZ   C Y N 257 
PHE OXT  O N N 258 
PHE H    H N N 259 
PHE H2   H N N 260 
PHE HA   H N N 261 
PHE HB2  H N N 262 
PHE HB3  H N N 263 
PHE HD1  H N N 264 
PHE HD2  H N N 265 
PHE HE1  H N N 266 
PHE HE2  H N N 267 
PHE HZ   H N N 268 
PHE HXT  H N N 269 
PRO N    N N N 270 
PRO CA   C N S 271 
PRO C    C N N 272 
PRO O    O N N 273 
PRO CB   C N N 274 
PRO CG   C N N 275 
PRO CD   C N N 276 
PRO OXT  O N N 277 
PRO H    H N N 278 
PRO HA   H N N 279 
PRO HB2  H N N 280 
PRO HB3  H N N 281 
PRO HG2  H N N 282 
PRO HG3  H N N 283 
PRO HD2  H N N 284 
PRO HD3  H N N 285 
PRO HXT  H N N 286 
SER N    N N N 287 
SER CA   C N S 288 
SER C    C N N 289 
SER O    O N N 290 
SER CB   C N N 291 
SER OG   O N N 292 
SER OXT  O N N 293 
SER H    H N N 294 
SER H2   H N N 295 
SER HA   H N N 296 
SER HB2  H N N 297 
SER HB3  H N N 298 
SER HG   H N N 299 
SER HXT  H N N 300 
THR N    N N N 301 
THR CA   C N S 302 
THR C    C N N 303 
THR O    O N N 304 
THR CB   C N R 305 
THR OG1  O N N 306 
THR CG2  C N N 307 
THR OXT  O N N 308 
THR H    H N N 309 
THR H2   H N N 310 
THR HA   H N N 311 
THR HB   H N N 312 
THR HG1  H N N 313 
THR HG21 H N N 314 
THR HG22 H N N 315 
THR HG23 H N N 316 
THR HXT  H N N 317 
TRP N    N N N 318 
TRP CA   C N S 319 
TRP C    C N N 320 
TRP O    O N N 321 
TRP CB   C N N 322 
TRP CG   C Y N 323 
TRP CD1  C Y N 324 
TRP CD2  C Y N 325 
TRP NE1  N Y N 326 
TRP CE2  C Y N 327 
TRP CE3  C Y N 328 
TRP CZ2  C Y N 329 
TRP CZ3  C Y N 330 
TRP CH2  C Y N 331 
TRP OXT  O N N 332 
TRP H    H N N 333 
TRP H2   H N N 334 
TRP HA   H N N 335 
TRP HB2  H N N 336 
TRP HB3  H N N 337 
TRP HD1  H N N 338 
TRP HE1  H N N 339 
TRP HE3  H N N 340 
TRP HZ2  H N N 341 
TRP HZ3  H N N 342 
TRP HH2  H N N 343 
TRP HXT  H N N 344 
TYR N    N N N 345 
TYR CA   C N S 346 
TYR C    C N N 347 
TYR O    O N N 348 
TYR CB   C N N 349 
TYR CG   C Y N 350 
TYR CD1  C Y N 351 
TYR CD2  C Y N 352 
TYR CE1  C Y N 353 
TYR CE2  C Y N 354 
TYR CZ   C Y N 355 
TYR OH   O N N 356 
TYR OXT  O N N 357 
TYR H    H N N 358 
TYR H2   H N N 359 
TYR HA   H N N 360 
TYR HB2  H N N 361 
TYR HB3  H N N 362 
TYR HD1  H N N 363 
TYR HD2  H N N 364 
TYR HE1  H N N 365 
TYR HE2  H N N 366 
TYR HH   H N N 367 
TYR HXT  H N N 368 
VAL N    N N N 369 
VAL CA   C N S 370 
VAL C    C N N 371 
VAL O    O N N 372 
VAL CB   C N N 373 
VAL CG1  C N N 374 
VAL CG2  C N N 375 
VAL OXT  O N N 376 
VAL H    H N N 377 
VAL H2   H N N 378 
VAL HA   H N N 379 
VAL HB   H N N 380 
VAL HG11 H N N 381 
VAL HG12 H N N 382 
VAL HG13 H N N 383 
VAL HG21 H N N 384 
VAL HG22 H N N 385 
VAL HG23 H N N 386 
VAL HXT  H N N 387 
# 
loop_
_chem_comp_bond.comp_id 
_chem_comp_bond.atom_id_1 
_chem_comp_bond.atom_id_2 
_chem_comp_bond.value_order 
_chem_comp_bond.pdbx_aromatic_flag 
_chem_comp_bond.pdbx_stereo_config 
_chem_comp_bond.pdbx_ordinal 
ALA N   CA   sing N N 1   
ALA N   H    sing N N 2   
ALA N   H2   sing N N 3   
ALA CA  C    sing N N 4   
ALA CA  CB   sing N N 5   
ALA CA  HA   sing N N 6   
ALA C   O    doub N N 7   
ALA C   OXT  sing N N 8   
ALA CB  HB1  sing N N 9   
ALA CB  HB2  sing N N 10  
ALA CB  HB3  sing N N 11  
ALA OXT HXT  sing N N 12  
ARG N   CA   sing N N 13  
ARG N   H    sing N N 14  
ARG N   H2   sing N N 15  
ARG CA  C    sing N N 16  
ARG CA  CB   sing N N 17  
ARG CA  HA   sing N N 18  
ARG C   O    doub N N 19  
ARG C   OXT  sing N N 20  
ARG CB  CG   sing N N 21  
ARG CB  HB2  sing N N 22  
ARG CB  HB3  sing N N 23  
ARG CG  CD   sing N N 24  
ARG CG  HG2  sing N N 25  
ARG CG  HG3  sing N N 26  
ARG CD  NE   sing N N 27  
ARG CD  HD2  sing N N 28  
ARG CD  HD3  sing N N 29  
ARG NE  CZ   sing N N 30  
ARG NE  HE   sing N N 31  
ARG CZ  NH1  sing N N 32  
ARG CZ  NH2  doub N N 33  
ARG NH1 HH11 sing N N 34  
ARG NH1 HH12 sing N N 35  
ARG NH2 HH21 sing N N 36  
ARG NH2 HH22 sing N N 37  
ARG OXT HXT  sing N N 38  
ASN N   CA   sing N N 39  
ASN N   H    sing N N 40  
ASN N   H2   sing N N 41  
ASN CA  C    sing N N 42  
ASN CA  CB   sing N N 43  
ASN CA  HA   sing N N 44  
ASN C   O    doub N N 45  
ASN C   OXT  sing N N 46  
ASN CB  CG   sing N N 47  
ASN CB  HB2  sing N N 48  
ASN CB  HB3  sing N N 49  
ASN CG  OD1  doub N N 50  
ASN CG  ND2  sing N N 51  
ASN ND2 HD21 sing N N 52  
ASN ND2 HD22 sing N N 53  
ASN OXT HXT  sing N N 54  
ASP N   CA   sing N N 55  
ASP N   H    sing N N 56  
ASP N   H2   sing N N 57  
ASP CA  C    sing N N 58  
ASP CA  CB   sing N N 59  
ASP CA  HA   sing N N 60  
ASP C   O    doub N N 61  
ASP C   OXT  sing N N 62  
ASP CB  CG   sing N N 63  
ASP CB  HB2  sing N N 64  
ASP CB  HB3  sing N N 65  
ASP CG  OD1  doub N N 66  
ASP CG  OD2  sing N N 67  
ASP OD2 HD2  sing N N 68  
ASP OXT HXT  sing N N 69  
CYS N   CA   sing N N 70  
CYS N   H    sing N N 71  
CYS N   H2   sing N N 72  
CYS CA  C    sing N N 73  
CYS CA  CB   sing N N 74  
CYS CA  HA   sing N N 75  
CYS C   O    doub N N 76  
CYS C   OXT  sing N N 77  
CYS CB  SG   sing N N 78  
CYS CB  HB2  sing N N 79  
CYS CB  HB3  sing N N 80  
CYS SG  HG   sing N N 81  
CYS OXT HXT  sing N N 82  
GLN N   CA   sing N N 83  
GLN N   H    sing N N 84  
GLN N   H2   sing N N 85  
GLN CA  C    sing N N 86  
GLN CA  CB   sing N N 87  
GLN CA  HA   sing N N 88  
GLN C   O    doub N N 89  
GLN C   OXT  sing N N 90  
GLN CB  CG   sing N N 91  
GLN CB  HB2  sing N N 92  
GLN CB  HB3  sing N N 93  
GLN CG  CD   sing N N 94  
GLN CG  HG2  sing N N 95  
GLN CG  HG3  sing N N 96  
GLN CD  OE1  doub N N 97  
GLN CD  NE2  sing N N 98  
GLN NE2 HE21 sing N N 99  
GLN NE2 HE22 sing N N 100 
GLN OXT HXT  sing N N 101 
GLU N   CA   sing N N 102 
GLU N   H    sing N N 103 
GLU N   H2   sing N N 104 
GLU CA  C    sing N N 105 
GLU CA  CB   sing N N 106 
GLU CA  HA   sing N N 107 
GLU C   O    doub N N 108 
GLU C   OXT  sing N N 109 
GLU CB  CG   sing N N 110 
GLU CB  HB2  sing N N 111 
GLU CB  HB3  sing N N 112 
GLU CG  CD   sing N N 113 
GLU CG  HG2  sing N N 114 
GLU CG  HG3  sing N N 115 
GLU CD  OE1  doub N N 116 
GLU CD  OE2  sing N N 117 
GLU OE2 HE2  sing N N 118 
GLU OXT HXT  sing N N 119 
GLY N   CA   sing N N 120 
GLY N   H    sing N N 121 
GLY N   H2   sing N N 122 
GLY CA  C    sing N N 123 
GLY CA  HA2  sing N N 124 
GLY CA  HA3  sing N N 125 
GLY C   O    doub N N 126 
GLY C   OXT  sing N N 127 
GLY OXT HXT  sing N N 128 
HIS N   CA   sing N N 129 
HIS N   H    sing N N 130 
HIS N   H2   sing N N 131 
HIS CA  C    sing N N 132 
HIS CA  CB   sing N N 133 
HIS CA  HA   sing N N 134 
HIS C   O    doub N N 135 
HIS C   OXT  sing N N 136 
HIS CB  CG   sing N N 137 
HIS CB  HB2  sing N N 138 
HIS CB  HB3  sing N N 139 
HIS CG  ND1  sing Y N 140 
HIS CG  CD2  doub Y N 141 
HIS ND1 CE1  doub Y N 142 
HIS ND1 HD1  sing N N 143 
HIS CD2 NE2  sing Y N 144 
HIS CD2 HD2  sing N N 145 
HIS CE1 NE2  sing Y N 146 
HIS CE1 HE1  sing N N 147 
HIS NE2 HE2  sing N N 148 
HIS OXT HXT  sing N N 149 
ILE N   CA   sing N N 150 
ILE N   H    sing N N 151 
ILE N   H2   sing N N 152 
ILE CA  C    sing N N 153 
ILE CA  CB   sing N N 154 
ILE CA  HA   sing N N 155 
ILE C   O    doub N N 156 
ILE C   OXT  sing N N 157 
ILE CB  CG1  sing N N 158 
ILE CB  CG2  sing N N 159 
ILE CB  HB   sing N N 160 
ILE CG1 CD1  sing N N 161 
ILE CG1 HG12 sing N N 162 
ILE CG1 HG13 sing N N 163 
ILE CG2 HG21 sing N N 164 
ILE CG2 HG22 sing N N 165 
ILE CG2 HG23 sing N N 166 
ILE CD1 HD11 sing N N 167 
ILE CD1 HD12 sing N N 168 
ILE CD1 HD13 sing N N 169 
ILE OXT HXT  sing N N 170 
LEU N   CA   sing N N 171 
LEU N   H    sing N N 172 
LEU N   H2   sing N N 173 
LEU CA  C    sing N N 174 
LEU CA  CB   sing N N 175 
LEU CA  HA   sing N N 176 
LEU C   O    doub N N 177 
LEU C   OXT  sing N N 178 
LEU CB  CG   sing N N 179 
LEU CB  HB2  sing N N 180 
LEU CB  HB3  sing N N 181 
LEU CG  CD1  sing N N 182 
LEU CG  CD2  sing N N 183 
LEU CG  HG   sing N N 184 
LEU CD1 HD11 sing N N 185 
LEU CD1 HD12 sing N N 186 
LEU CD1 HD13 sing N N 187 
LEU CD2 HD21 sing N N 188 
LEU CD2 HD22 sing N N 189 
LEU CD2 HD23 sing N N 190 
LEU OXT HXT  sing N N 191 
LYS N   CA   sing N N 192 
LYS N   H    sing N N 193 
LYS N   H2   sing N N 194 
LYS CA  C    sing N N 195 
LYS CA  CB   sing N N 196 
LYS CA  HA   sing N N 197 
LYS C   O    doub N N 198 
LYS C   OXT  sing N N 199 
LYS CB  CG   sing N N 200 
LYS CB  HB2  sing N N 201 
LYS CB  HB3  sing N N 202 
LYS CG  CD   sing N N 203 
LYS CG  HG2  sing N N 204 
LYS CG  HG3  sing N N 205 
LYS CD  CE   sing N N 206 
LYS CD  HD2  sing N N 207 
LYS CD  HD3  sing N N 208 
LYS CE  NZ   sing N N 209 
LYS CE  HE2  sing N N 210 
LYS CE  HE3  sing N N 211 
LYS NZ  HZ1  sing N N 212 
LYS NZ  HZ2  sing N N 213 
LYS NZ  HZ3  sing N N 214 
LYS OXT HXT  sing N N 215 
MET N   CA   sing N N 216 
MET N   H    sing N N 217 
MET N   H2   sing N N 218 
MET CA  C    sing N N 219 
MET CA  CB   sing N N 220 
MET CA  HA   sing N N 221 
MET C   O    doub N N 222 
MET C   OXT  sing N N 223 
MET CB  CG   sing N N 224 
MET CB  HB2  sing N N 225 
MET CB  HB3  sing N N 226 
MET CG  SD   sing N N 227 
MET CG  HG2  sing N N 228 
MET CG  HG3  sing N N 229 
MET SD  CE   sing N N 230 
MET CE  HE1  sing N N 231 
MET CE  HE2  sing N N 232 
MET CE  HE3  sing N N 233 
MET OXT HXT  sing N N 234 
PHE N   CA   sing N N 235 
PHE N   H    sing N N 236 
PHE N   H2   sing N N 237 
PHE CA  C    sing N N 238 
PHE CA  CB   sing N N 239 
PHE CA  HA   sing N N 240 
PHE C   O    doub N N 241 
PHE C   OXT  sing N N 242 
PHE CB  CG   sing N N 243 
PHE CB  HB2  sing N N 244 
PHE CB  HB3  sing N N 245 
PHE CG  CD1  doub Y N 246 
PHE CG  CD2  sing Y N 247 
PHE CD1 CE1  sing Y N 248 
PHE CD1 HD1  sing N N 249 
PHE CD2 CE2  doub Y N 250 
PHE CD2 HD2  sing N N 251 
PHE CE1 CZ   doub Y N 252 
PHE CE1 HE1  sing N N 253 
PHE CE2 CZ   sing Y N 254 
PHE CE2 HE2  sing N N 255 
PHE CZ  HZ   sing N N 256 
PHE OXT HXT  sing N N 257 
PRO N   CA   sing N N 258 
PRO N   CD   sing N N 259 
PRO N   H    sing N N 260 
PRO CA  C    sing N N 261 
PRO CA  CB   sing N N 262 
PRO CA  HA   sing N N 263 
PRO C   O    doub N N 264 
PRO C   OXT  sing N N 265 
PRO CB  CG   sing N N 266 
PRO CB  HB2  sing N N 267 
PRO CB  HB3  sing N N 268 
PRO CG  CD   sing N N 269 
PRO CG  HG2  sing N N 270 
PRO CG  HG3  sing N N 271 
PRO CD  HD2  sing N N 272 
PRO CD  HD3  sing N N 273 
PRO OXT HXT  sing N N 274 
SER N   CA   sing N N 275 
SER N   H    sing N N 276 
SER N   H2   sing N N 277 
SER CA  C    sing N N 278 
SER CA  CB   sing N N 279 
SER CA  HA   sing N N 280 
SER C   O    doub N N 281 
SER C   OXT  sing N N 282 
SER CB  OG   sing N N 283 
SER CB  HB2  sing N N 284 
SER CB  HB3  sing N N 285 
SER OG  HG   sing N N 286 
SER OXT HXT  sing N N 287 
THR N   CA   sing N N 288 
THR N   H    sing N N 289 
THR N   H2   sing N N 290 
THR CA  C    sing N N 291 
THR CA  CB   sing N N 292 
THR CA  HA   sing N N 293 
THR C   O    doub N N 294 
THR C   OXT  sing N N 295 
THR CB  OG1  sing N N 296 
THR CB  CG2  sing N N 297 
THR CB  HB   sing N N 298 
THR OG1 HG1  sing N N 299 
THR CG2 HG21 sing N N 300 
THR CG2 HG22 sing N N 301 
THR CG2 HG23 sing N N 302 
THR OXT HXT  sing N N 303 
TRP N   CA   sing N N 304 
TRP N   H    sing N N 305 
TRP N   H2   sing N N 306 
TRP CA  C    sing N N 307 
TRP CA  CB   sing N N 308 
TRP CA  HA   sing N N 309 
TRP C   O    doub N N 310 
TRP C   OXT  sing N N 311 
TRP CB  CG   sing N N 312 
TRP CB  HB2  sing N N 313 
TRP CB  HB3  sing N N 314 
TRP CG  CD1  doub Y N 315 
TRP CG  CD2  sing Y N 316 
TRP CD1 NE1  sing Y N 317 
TRP CD1 HD1  sing N N 318 
TRP CD2 CE2  doub Y N 319 
TRP CD2 CE3  sing Y N 320 
TRP NE1 CE2  sing Y N 321 
TRP NE1 HE1  sing N N 322 
TRP CE2 CZ2  sing Y N 323 
TRP CE3 CZ3  doub Y N 324 
TRP CE3 HE3  sing N N 325 
TRP CZ2 CH2  doub Y N 326 
TRP CZ2 HZ2  sing N N 327 
TRP CZ3 CH2  sing Y N 328 
TRP CZ3 HZ3  sing N N 329 
TRP CH2 HH2  sing N N 330 
TRP OXT HXT  sing N N 331 
TYR N   CA   sing N N 332 
TYR N   H    sing N N 333 
TYR N   H2   sing N N 334 
TYR CA  C    sing N N 335 
TYR CA  CB   sing N N 336 
TYR CA  HA   sing N N 337 
TYR C   O    doub N N 338 
TYR C   OXT  sing N N 339 
TYR CB  CG   sing N N 340 
TYR CB  HB2  sing N N 341 
TYR CB  HB3  sing N N 342 
TYR CG  CD1  doub Y N 343 
TYR CG  CD2  sing Y N 344 
TYR CD1 CE1  sing Y N 345 
TYR CD1 HD1  sing N N 346 
TYR CD2 CE2  doub Y N 347 
TYR CD2 HD2  sing N N 348 
TYR CE1 CZ   doub Y N 349 
TYR CE1 HE1  sing N N 350 
TYR CE2 CZ   sing Y N 351 
TYR CE2 HE2  sing N N 352 
TYR CZ  OH   sing N N 353 
TYR OH  HH   sing N N 354 
TYR OXT HXT  sing N N 355 
VAL N   CA   sing N N 356 
VAL N   H    sing N N 357 
VAL N   H2   sing N N 358 
VAL CA  C    sing N N 359 
VAL CA  CB   sing N N 360 
VAL CA  HA   sing N N 361 
VAL C   O    doub N N 362 
VAL C   OXT  sing N N 363 
VAL CB  CG1  sing N N 364 
VAL CB  CG2  sing N N 365 
VAL CB  HB   sing N N 366 
VAL CG1 HG11 sing N N 367 
VAL CG1 HG12 sing N N 368 
VAL CG1 HG13 sing N N 369 
VAL CG2 HG21 sing N N 370 
VAL CG2 HG22 sing N N 371 
VAL CG2 HG23 sing N N 372 
VAL OXT HXT  sing N N 373 
# 
loop_
_pdbx_coordinate_model.asym_id 
_pdbx_coordinate_model.type 
A 'CA ATOMS ONLY' 
B 'CA ATOMS ONLY' 
C 'CA ATOMS ONLY' 
# 
loop_
_pdbx_soln_scatter.id 
_pdbx_soln_scatter.type 
_pdbx_soln_scatter.source_type 
_pdbx_soln_scatter.source_class 
_pdbx_soln_scatter.source_beamline 
_pdbx_soln_scatter.source_beamline_instrument 
_pdbx_soln_scatter.detector_type 
_pdbx_soln_scatter.detector_specific 
_pdbx_soln_scatter.temperature 
_pdbx_soln_scatter.num_time_frames 
_pdbx_soln_scatter.concentration_range 
_pdbx_soln_scatter.buffer_name 
_pdbx_soln_scatter.data_reduction_software_list 
_pdbx_soln_scatter.data_analysis_software_list 
_pdbx_soln_scatter.mean_guiner_radius 
_pdbx_soln_scatter.mean_guiner_radius_esd 
_pdbx_soln_scatter.min_mean_cross_sectional_radii_gyration 
_pdbx_soln_scatter.min_mean_cross_sectional_radii_gyration_esd 
_pdbx_soln_scatter.max_mean_cross_sectional_radii_gyration 
_pdbx_soln_scatter.max_mean_cross_sectional_radii_gyration_esd 
_pdbx_soln_scatter.protein_length 
_pdbx_soln_scatter.entry_id 
_pdbx_soln_scatter.sample_pH 
1 x-ray     'ESRF BEAMLINE ID02' Y ? ? 'FRELON CCD CAMERA' ? 288 10 0.25-1.00 '140 MM NACL, 10 MM TRIS.HCL' MULTICCD ? 10.34 0.36 
1.51 0.20 ? ? 30 1W0S ? 
2 modelling ?                    ? ? ? ?                   ? ?   ?  ?         ?                             ?        ? ?     ?    
?    ?    ? ? ?  1W0S ? 
# 
_pdbx_soln_scatter_model.scatter_id                     2 
_pdbx_soln_scatter_model.id                             1 
_pdbx_soln_scatter_model.method                         ? 
_pdbx_soln_scatter_model.software_list                  'INSIGHT II, SCTPL7, GNOM' 
_pdbx_soln_scatter_model.software_author_list           MSI 
_pdbx_soln_scatter_model.entry_fitting_list             ? 
_pdbx_soln_scatter_model.details                        ? 
_pdbx_soln_scatter_model.num_conformers_calculated      ? 
_pdbx_soln_scatter_model.num_conformers_submitted       1 
_pdbx_soln_scatter_model.conformer_selection_criteria   ? 
_pdbx_soln_scatter_model.representative_conformer       ? 
# 
_atom_sites.entry_id                    1W0S 
_atom_sites.fract_transf_matrix[1][1]   1.000000 
_atom_sites.fract_transf_matrix[1][2]   0.000000 
_atom_sites.fract_transf_matrix[1][3]   0.000000 
_atom_sites.fract_transf_matrix[2][1]   0.000000 
_atom_sites.fract_transf_matrix[2][2]   1.000000 
_atom_sites.fract_transf_matrix[2][3]   0.000000 
_atom_sites.fract_transf_matrix[3][1]   0.000000 
_atom_sites.fract_transf_matrix[3][2]   0.000000 
_atom_sites.fract_transf_matrix[3][3]   1.000000 
_atom_sites.fract_transf_vector[1]      0.00000 
_atom_sites.fract_transf_vector[2]      0.00000 
_atom_sites.fract_transf_vector[3]      0.00000 
# 
_atom_type.symbol   C 
# 
loop_
_atom_site.group_PDB 
_atom_site.id 
_atom_site.type_symbol 
_atom_site.label_atom_id 
_atom_site.label_alt_id 
_atom_site.label_comp_id 
_atom_site.label_asym_id 
_atom_site.label_entity_id 
_atom_site.label_seq_id 
_atom_site.pdbx_PDB_ins_code 
_atom_site.Cartn_x 
_atom_site.Cartn_y 
_atom_site.Cartn_z 
_atom_site.occupancy 
_atom_site.B_iso_or_equiv 
_atom_site.pdbx_formal_charge 
_atom_site.auth_seq_id 
_atom_site.auth_comp_id 
_atom_site.auth_asym_id 
_atom_site.auth_atom_id 
_atom_site.pdbx_PDB_model_num 
ATOM 1    C CA . ASP A 1 1   ? 53.501   100.558  -87.554  1.00 0.00 ? 1   ASP A CA 1 
ATOM 2    C CA . PRO A 1 2   ? 52.894   101.254  -83.739  1.00 0.00 ? 2   PRO A CA 1 
ATOM 3    C CA . VAL A 1 3   ? 50.503   99.084   -81.957  1.00 0.00 ? 3   VAL A CA 1 
ATOM 4    C CA . LEU A 1 4   ? 48.269   100.105  -79.237  1.00 0.00 ? 4   LEU A CA 1 
ATOM 5    C CA . CYS A 1 5   ? 48.194   101.120  -75.577  1.00 0.00 ? 5   CYS A CA 1 
ATOM 6    C CA . PHE A 1 6   ? 47.371   97.889   -73.561  1.00 0.00 ? 6   PHE A CA 1 
ATOM 7    C CA . THR A 1 7   ? 45.168   97.665   -70.296  1.00 0.00 ? 7   THR A CA 1 
ATOM 8    C CA . GLN A 1 8   ? 42.164   98.613   -67.944  1.00 0.00 ? 8   GLN A CA 1 
ATOM 9    C CA . TYR A 1 9   ? 41.453   97.928   -64.208  1.00 0.00 ? 9   TYR A CA 1 
ATOM 10   C CA . GLU A 1 10  ? 37.964   96.431   -64.524  1.00 0.00 ? 10  GLU A CA 1 
ATOM 11   C CA . GLU A 1 11  ? 35.682   95.421   -67.196  1.00 0.00 ? 11  GLU A CA 1 
ATOM 12   C CA . SER A 1 12  ? 34.179   99.245   -67.204  1.00 0.00 ? 12  SER A CA 1 
ATOM 13   C CA . SER A 1 13  ? 37.346   100.953  -68.510  1.00 0.00 ? 13  SER A CA 1 
ATOM 14   C CA . GLY A 1 14  ? 37.623   104.342  -66.858  1.00 0.00 ? 14  GLY A CA 1 
ATOM 15   C CA . LYS A 1 15  ? 40.940   103.669  -65.149  1.00 0.00 ? 15  LYS A CA 1 
ATOM 16   C CA . CYS A 1 16  ? 43.768   103.788  -67.715  1.00 0.00 ? 16  CYS A CA 1 
ATOM 17   C CA . LYS A 1 17  ? 47.188   103.806  -65.871  1.00 0.00 ? 17  LYS A CA 1 
ATOM 18   C CA . GLY A 1 18  ? 50.104   102.170  -68.050  1.00 0.00 ? 18  GLY A CA 1 
ATOM 19   C CA . LEU A 1 19  ? 49.996   101.099  -71.842  1.00 0.00 ? 19  LEU A CA 1 
ATOM 20   C CA . LEU A 1 20  ? 52.816   99.354   -73.655  1.00 0.00 ? 20  LEU A CA 1 
ATOM 21   C CA . GLY A 1 21  ? 52.861   99.978   -77.400  1.00 0.00 ? 21  GLY A CA 1 
ATOM 22   C CA . GLY A 1 22  ? 54.479   97.294   -79.584  1.00 0.00 ? 22  GLY A CA 1 
ATOM 23   C CA . GLY A 1 23  ? 55.793   97.112   -83.123  1.00 0.00 ? 23  GLY A CA 1 
ATOM 24   C CA . VAL A 1 24  ? 57.681   94.514   -85.205  1.00 0.00 ? 24  VAL A CA 1 
ATOM 25   C CA . SER A 1 25  ? 59.692   95.647   -88.213  1.00 0.00 ? 25  SER A CA 1 
ATOM 26   C CA . VAL A 1 26  ? 62.622   94.428   -90.129  1.00 0.00 ? 26  VAL A CA 1 
ATOM 27   C CA . GLU A 1 27  ? 63.415   93.929   -93.765  1.00 0.00 ? 27  GLU A CA 1 
ATOM 28   C CA . ASP A 1 28  ? 63.628   91.535   -96.725  1.00 0.00 ? 28  ASP A CA 1 
ATOM 29   C CA . CYS A 1 29  ? 66.327   92.322   -99.376  1.00 0.00 ? 29  CYS A CA 1 
ATOM 30   C CA . CYS A 1 30  ? 69.030   90.019   -100.948 1.00 0.00 ? 30  CYS A CA 1 
ATOM 31   C CA . LEU A 1 31  ? 72.344   91.596   -101.920 1.00 0.00 ? 31  LEU A CA 1 
ATOM 32   C CA . ASN A 1 32  ? 75.556   92.061   -100.157 1.00 0.00 ? 32  ASN A CA 1 
ATOM 33   C CA . THR A 1 33  ? 75.683   88.411   -98.766  1.00 0.00 ? 33  THR A CA 1 
ATOM 34   C CA . ALA A 1 34  ? 74.526   89.895   -95.577  1.00 0.00 ? 34  ALA A CA 1 
ATOM 35   C CA . PHE A 1 35  ? 72.606   89.089   -92.485  1.00 0.00 ? 35  PHE A CA 1 
ATOM 36   C CA . ALA A 1 36  ? 68.938   89.856   -91.664  1.00 0.00 ? 36  ALA A CA 1 
ATOM 37   C CA . TYR A 1 37  ? 67.976   91.772   -88.499  1.00 0.00 ? 37  TYR A CA 1 
ATOM 38   C CA . GLN A 1 38  ? 65.576   90.563   -85.792  1.00 0.00 ? 38  GLN A CA 1 
ATOM 39   C CA . LYS A 1 39  ? 64.061   93.208   -83.614  1.00 0.00 ? 39  LYS A CA 1 
ATOM 40   C CA . ARG A 1 40  ? 62.071   94.237   -80.667  1.00 0.00 ? 40  ARG A CA 1 
ATOM 41   C CA . SER A 1 41  ? 60.864   97.589   -79.416  1.00 0.00 ? 41  SER A CA 1 
ATOM 42   C CA . GLY A 1 42  ? 58.505   98.029   -76.537  1.00 0.00 ? 42  GLY A CA 1 
ATOM 43   C CA . GLY A 1 43  ? 58.026   101.559  -75.393  1.00 0.00 ? 43  GLY A CA 1 
ATOM 44   C CA . LEU A 1 44  ? 54.956   102.375  -73.320  1.00 0.00 ? 44  LEU A CA 1 
ATOM 45   C CA . CYS A 1 45  ? 52.384   105.180  -72.319  1.00 0.00 ? 45  CYS A CA 1 
ATOM 46   C CA . GLN A 1 46  ? 50.048   106.425  -69.327  1.00 0.00 ? 46  GLN A CA 1 
ATOM 47   C CA . PRO A 1 47  ? 46.546   108.387  -69.433  1.00 0.00 ? 47  PRO A CA 1 
ATOM 48   C CA . CYS A 1 48  ? 44.502   107.949  -66.263  1.00 0.00 ? 48  CYS A CA 1 
ATOM 49   C CA . ARG A 1 49  ? 41.586   109.612  -64.395  1.00 0.00 ? 49  ARG A CA 1 
ATOM 50   C CA . SER A 1 50  ? 38.312   107.649  -63.330  1.00 0.00 ? 50  SER A CA 1 
ATOM 51   C CA . PRO A 1 51  ? 37.329   105.947  -59.717  1.00 0.00 ? 51  PRO A CA 1 
ATOM 52   C CA . ARG A 1 52  ? 39.024   105.155  -56.209  1.00 0.00 ? 52  ARG A CA 1 
ATOM 53   C CA . TRP A 1 53  ? 38.361   103.205  -52.976  1.00 0.00 ? 53  TRP A CA 1 
ATOM 54   C CA . SER A 1 54  ? 38.457   104.323  -49.353  1.00 0.00 ? 54  SER A CA 1 
ATOM 55   C CA . LEU A 1 55  ? 40.815   102.580  -46.979  1.00 0.00 ? 55  LEU A CA 1 
ATOM 56   C CA . TRP A 1 56  ? 39.527   99.265   -45.686  1.00 0.00 ? 56  TRP A CA 1 
ATOM 57   C CA . SER A 1 57  ? 37.482   99.308   -42.483  1.00 0.00 ? 57  SER A CA 1 
ATOM 58   C CA . THR A 1 58  ? 38.870   97.343   -39.544  1.00 0.00 ? 58  THR A CA 1 
ATOM 59   C CA . TRP A 1 59  ? 38.021   93.591   -39.685  1.00 0.00 ? 59  TRP A CA 1 
ATOM 60   C CA . ALA A 1 60  ? 34.859   92.653   -37.815  1.00 0.00 ? 60  ALA A CA 1 
ATOM 61   C CA . PRO A 1 61  ? 35.065   89.965   -35.133  1.00 0.00 ? 61  PRO A CA 1 
ATOM 62   C CA . CYS A 1 62  ? 34.299   86.316   -35.886  1.00 0.00 ? 62  CYS A CA 1 
ATOM 63   C CA . SER A 1 63  ? 30.641   85.691   -36.832  1.00 0.00 ? 63  SER A CA 1 
ATOM 64   C CA . VAL A 1 64  ? 30.627   82.834   -34.323  1.00 0.00 ? 64  VAL A CA 1 
ATOM 65   C CA . THR A 1 65  ? 32.056   82.134   -30.893  1.00 0.00 ? 65  THR A CA 1 
ATOM 66   C CA . CYS A 1 66  ? 32.635   78.468   -31.630  1.00 0.00 ? 66  CYS A CA 1 
ATOM 67   C CA . SER A 1 67  ? 33.020   76.409   -34.753  1.00 0.00 ? 67  SER A CA 1 
ATOM 68   C CA . GLU A 1 68  ? 33.548   78.060   -38.146  1.00 0.00 ? 68  GLU A CA 1 
ATOM 69   C CA . GLY A 1 69  ? 32.425   81.504   -39.294  1.00 0.00 ? 69  GLY A CA 1 
ATOM 70   C CA . SER A 1 70  ? 33.809   84.580   -41.073  1.00 0.00 ? 70  SER A CA 1 
ATOM 71   C CA . GLN A 1 71  ? 35.367   88.010   -40.441  1.00 0.00 ? 71  GLN A CA 1 
ATOM 72   C CA . LEU A 1 72  ? 34.290   90.784   -42.802  1.00 0.00 ? 72  LEU A CA 1 
ATOM 73   C CA . ARG A 1 73  ? 35.659   94.204   -43.730  1.00 0.00 ? 73  ARG A CA 1 
ATOM 74   C CA . TYR A 1 74  ? 34.347   96.917   -46.081  1.00 0.00 ? 74  TYR A CA 1 
ATOM 75   C CA . ARG A 1 75  ? 35.241   99.785   -48.661  1.00 0.00 ? 75  ARG A CA 1 
ATOM 76   C CA . ARG A 1 76  ? 33.273   102.914  -50.080  1.00 0.00 ? 76  ARG A CA 1 
ATOM 77   C CA . CYS A 1 77  ? 32.795   105.440  -53.118  1.00 0.00 ? 77  CYS A CA 1 
ATOM 78   C CA . VAL A 1 78  ? 33.913   108.931  -54.177  1.00 0.00 ? 78  VAL A CA 1 
ATOM 79   C CA . GLY A 1 79  ? 34.585   112.020  -52.055  1.00 0.00 ? 79  GLY A CA 1 
ATOM 80   C CA . TRP A 1 80  ? 33.639   114.333  -54.844  1.00 0.00 ? 80  TRP A CA 1 
ATOM 81   C CA . ASN A 1 81  ? 33.639   112.499  -57.938  1.00 0.00 ? 81  ASN A CA 1 
ATOM 82   C CA . GLY A 1 82  ? 30.463   111.700  -59.684  1.00 0.00 ? 82  GLY A CA 1 
ATOM 83   C CA . GLN A 1 83  ? 31.661   108.508  -61.357  1.00 0.00 ? 83  GLN A CA 1 
ATOM 84   C CA . CYS A 1 84  ? 32.877   106.005  -58.673  1.00 0.00 ? 84  CYS A CA 1 
ATOM 85   C CA . SER A 1 85  ? 31.124   103.536  -60.981  1.00 0.00 ? 85  SER A CA 1 
ATOM 86   C CA . GLY A 1 86  ? 29.659   100.291  -59.538  1.00 0.00 ? 86  GLY A CA 1 
ATOM 87   C CA . LYS A 1 87  ? 27.135   100.873  -62.267  1.00 0.00 ? 87  LYS A CA 1 
ATOM 88   C CA . VAL A 1 88  ? 23.726   100.838  -60.604  1.00 0.00 ? 88  VAL A CA 1 
ATOM 89   C CA . ALA A 1 89  ? 24.414   97.683   -58.659  1.00 0.00 ? 89  ALA A CA 1 
ATOM 90   C CA . PRO A 1 90  ? 22.910   97.227   -55.156  1.00 0.00 ? 90  PRO A CA 1 
ATOM 91   C CA . GLY A 1 91  ? 24.263   99.831   -52.511  1.00 0.00 ? 91  GLY A CA 1 
ATOM 92   C CA . THR A 1 92  ? 28.191   100.179  -52.064  1.00 0.00 ? 92  THR A CA 1 
ATOM 93   C CA . LEU A 1 93  ? 30.461   98.103   -54.121  1.00 0.00 ? 93  LEU A CA 1 
ATOM 94   C CA . GLU A 1 94  ? 33.064   95.955   -52.280  1.00 0.00 ? 94  GLU A CA 1 
ATOM 95   C CA . TRP A 1 95  ? 33.523   93.703   -49.163  1.00 0.00 ? 95  TRP A CA 1 
ATOM 96   C CA . GLN A 1 96  ? 35.996   91.113   -48.031  1.00 0.00 ? 96  GLN A CA 1 
ATOM 97   C CA . LEU A 1 97  ? 34.827   88.079   -46.091  1.00 0.00 ? 97  LEU A CA 1 
ATOM 98   C CA . GLN A 1 98  ? 37.612   85.924   -44.618  1.00 0.00 ? 98  GLN A CA 1 
ATOM 99   C CA . ALA A 1 99  ? 37.225   82.784   -42.464  1.00 0.00 ? 99  ALA A CA 1 
ATOM 100  C CA . CYS A 1 100 ? 37.730   82.230   -38.717  1.00 0.00 ? 100 CYS A CA 1 
ATOM 101  C CA . GLU A 1 101 ? 37.905   78.890   -36.710  1.00 0.00 ? 101 GLU A CA 1 
ATOM 102  C CA . ASP A 1 102 ? 37.174   78.553   -33.049  1.00 0.00 ? 102 ASP A CA 1 
ATOM 103  C CA . GLN A 1 103 ? 37.143   76.161   -30.055  1.00 0.00 ? 103 GLN A CA 1 
ATOM 104  C CA . GLN A 1 104 ? 33.996   73.912   -29.440  1.00 0.00 ? 104 GLN A CA 1 
ATOM 105  C CA . CYS A 1 105 ? 29.977   74.183   -29.844  1.00 0.00 ? 105 CYS A CA 1 
ATOM 106  C CA . CYS A 1 106 ? 26.993   72.412   -28.242  1.00 0.00 ? 106 CYS A CA 1 
ATOM 107  C CA . PRO A 1 107 ? 23.141   72.211   -27.658  1.00 0.00 ? 107 PRO A CA 1 
ATOM 108  C CA . GLU A 1 108 ? 21.883   68.967   -29.608  1.00 0.00 ? 108 GLU A CA 1 
ATOM 109  C CA . MET A 1 109 ? 21.725   66.498   -26.675  1.00 0.00 ? 109 MET A CA 1 
ATOM 110  C CA . GLY A 1 110 ? 19.343   63.602   -27.484  1.00 0.00 ? 110 GLY A CA 1 
ATOM 111  C CA . GLY A 1 111 ? 20.290   61.952   -24.276  1.00 0.00 ? 111 GLY A CA 1 
ATOM 112  C CA . TRP A 1 112 ? 17.645   59.374   -23.569  1.00 0.00 ? 112 TRP A CA 1 
ATOM 113  C CA . SER A 1 113 ? 17.534   56.080   -25.421  1.00 0.00 ? 113 SER A CA 1 
ATOM 114  C CA . GLY A 1 114 ? 14.139   54.730   -26.397  1.00 0.00 ? 114 GLY A CA 1 
ATOM 115  C CA . TRP A 1 115 ? 12.229   53.083   -23.578  1.00 0.00 ? 115 TRP A CA 1 
ATOM 116  C CA . GLY A 1 116 ? 12.758   49.358   -23.043  1.00 0.00 ? 116 GLY A CA 1 
ATOM 117  C CA . PRO A 1 117 ? 9.701    47.130   -23.389  1.00 0.00 ? 117 PRO A CA 1 
ATOM 118  C CA . TRP A 1 118 ? 7.556    46.981   -20.199  1.00 0.00 ? 118 TRP A CA 1 
ATOM 119  C CA . GLU A 1 119 ? 8.425    44.104   -17.886  1.00 0.00 ? 119 GLU A CA 1 
ATOM 120  C CA . PRO A 1 120 ? 5.666    41.695   -16.869  1.00 0.00 ? 120 PRO A CA 1 
ATOM 121  C CA . CYS A 1 121 ? 3.697    42.146   -13.645  1.00 0.00 ? 121 CYS A CA 1 
ATOM 122  C CA . SER A 1 122 ? 5.822    41.713   -10.489  1.00 0.00 ? 122 SER A CA 1 
ATOM 123  C CA . VAL A 1 123 ? 3.122    39.389   -9.160   1.00 0.00 ? 123 VAL A CA 1 
ATOM 124  C CA . THR A 1 124 ? 0.834    36.708   -10.532  1.00 0.00 ? 124 THR A CA 1 
ATOM 125  C CA . CYS A 1 125 ? -2.012   37.632   -8.213   1.00 0.00 ? 125 CYS A CA 1 
ATOM 126  C CA . SER A 1 126 ? -2.964   40.696   -6.254   1.00 0.00 ? 126 SER A CA 1 
ATOM 127  C CA . LYS A 1 127 ? -1.247   44.039   -6.875   1.00 0.00 ? 127 LYS A CA 1 
ATOM 128  C CA . GLY A 1 128 ? 2.264    44.681   -8.186   1.00 0.00 ? 128 GLY A CA 1 
ATOM 129  C CA . THR A 1 129 ? 4.059    46.820   -10.783  1.00 0.00 ? 129 THR A CA 1 
ATOM 130  C CA . ARG A 1 130 ? 5.392    46.767   -14.363  1.00 0.00 ? 130 ARG A CA 1 
ATOM 131  C CA . THR A 1 131 ? 8.695    48.562   -14.932  1.00 0.00 ? 131 THR A CA 1 
ATOM 132  C CA . ARG A 1 132 ? 10.535   49.899   -17.974  1.00 0.00 ? 132 ARG A CA 1 
ATOM 133  C CA . ARG A 1 133 ? 13.935   51.600   -18.344  1.00 0.00 ? 133 ARG A CA 1 
ATOM 134  C CA . ARG A 1 134 ? 15.899   54.229   -20.290  1.00 0.00 ? 134 ARG A CA 1 
ATOM 135  C CA . ALA A 1 135 ? 19.620   54.892   -20.565  1.00 0.00 ? 135 ALA A CA 1 
ATOM 136  C CA . CYS A 1 136 ? 21.280   58.283   -20.980  1.00 0.00 ? 136 CYS A CA 1 
ATOM 137  C CA . ASN A 1 137 ? 23.791   57.734   -23.724  1.00 0.00 ? 137 ASN A CA 1 
ATOM 138  C CA . HIS A 1 138 ? 25.181   60.013   -26.507  1.00 0.00 ? 138 HIS A CA 1 
ATOM 139  C CA . PRO A 1 139 ? 27.862   59.861   -29.307  1.00 0.00 ? 139 PRO A CA 1 
ATOM 140  C CA . ALA A 1 140 ? 30.479   62.268   -30.184  1.00 0.00 ? 140 ALA A CA 1 
ATOM 141  C CA . PRO A 1 141 ? 30.758   65.975   -29.107  1.00 0.00 ? 141 PRO A CA 1 
ATOM 142  C CA . LYS A 1 142 ? 31.581   65.192   -25.507  1.00 0.00 ? 142 LYS A CA 1 
ATOM 143  C CA . CYS A 1 143 ? 30.933   68.456   -23.685  1.00 0.00 ? 143 CYS A CA 1 
ATOM 144  C CA . GLY A 1 144 ? 27.638   69.976   -22.453  1.00 0.00 ? 144 GLY A CA 1 
ATOM 145  C CA . GLY A 1 145 ? 25.564   68.249   -19.613  1.00 0.00 ? 145 GLY A CA 1 
ATOM 146  C CA . HIS A 1 146 ? 23.242   65.188   -18.402  1.00 0.00 ? 146 HIS A CA 1 
ATOM 147  C CA . CYS A 1 147 ? 19.688   63.823   -19.302  1.00 0.00 ? 147 CYS A CA 1 
ATOM 148  C CA . PRO A 1 148 ? 16.433   65.314   -17.871  1.00 0.00 ? 148 PRO A CA 1 
ATOM 149  C CA . GLY A 1 149 ? 13.926   63.128   -16.107  1.00 0.00 ? 149 GLY A CA 1 
ATOM 150  C CA . GLN A 1 150 ? 13.496   59.549   -14.921  1.00 0.00 ? 150 GLN A CA 1 
ATOM 151  C CA . ALA A 1 151 ? 15.552   56.556   -16.065  1.00 0.00 ? 151 ALA A CA 1 
ATOM 152  C CA . GLN A 1 152 ? 12.999   54.054   -14.833  1.00 0.00 ? 152 GLN A CA 1 
ATOM 153  C CA . GLU A 1 153 ? 9.207    54.065   -14.958  1.00 0.00 ? 153 GLU A CA 1 
ATOM 154  C CA . SER A 1 154 ? 7.217    51.842   -12.590  1.00 0.00 ? 154 SER A CA 1 
ATOM 155  C CA . GLU A 1 155 ? 3.499    51.489   -13.376  1.00 0.00 ? 155 GLU A CA 1 
ATOM 156  C CA . ALA A 1 156 ? 0.922    49.360   -11.507  1.00 0.00 ? 156 ALA A CA 1 
ATOM 157  C CA . CYS A 1 157 ? -0.699   46.097   -12.554  1.00 0.00 ? 157 CYS A CA 1 
ATOM 158  C CA . ASP A 1 158 ? -3.599   44.323   -10.960  1.00 0.00 ? 158 ASP A CA 1 
ATOM 159  C CA . THR A 1 159 ? -3.470   40.517   -11.727  1.00 0.00 ? 159 THR A CA 1 
ATOM 160  C CA . GLN A 1 160 ? -6.566   38.485   -12.450  1.00 0.00 ? 160 GLN A CA 1 
ATOM 161  C CA . GLN A 1 161 ? -5.655   35.650   -10.183  1.00 0.00 ? 161 GLN A CA 1 
ATOM 162  C CA . VAL A 1 162 ? -7.125   34.974   -6.686   1.00 0.00 ? 162 VAL A CA 1 
ATOM 163  C CA . CYS A 1 163 ? -4.705   34.500   -3.650   1.00 0.00 ? 163 CYS A CA 1 
ATOM 164  C CA . PRO A 1 164 ? -5.353   31.691   -0.848   1.00 0.00 ? 164 PRO A CA 1 
ATOM 165  C CA . THR A 1 165 ? -8.127   31.523   1.706    1.00 0.00 ? 165 THR A CA 1 
ATOM 166  C CA . HIS A 1 166 ? -6.846   28.402   3.316    1.00 0.00 ? 166 HIS A CA 1 
ATOM 167  C CA . GLY A 1 167 ? -8.550   26.697   6.169    1.00 0.00 ? 167 GLY A CA 1 
ATOM 168  C CA . ALA A 1 168 ? -7.682   27.375   9.823    1.00 0.00 ? 168 ALA A CA 1 
ATOM 169  C CA . TRP A 1 169 ? -8.885   25.558   12.918   1.00 0.00 ? 169 TRP A CA 1 
ATOM 170  C CA . ALA A 1 170 ? -11.139  27.131   15.567   1.00 0.00 ? 170 ALA A CA 1 
ATOM 171  C CA . THR A 1 171 ? -10.011  26.910   19.170   1.00 0.00 ? 171 THR A CA 1 
ATOM 172  C CA . TRP A 1 172 ? -10.728  23.594   20.843   1.00 0.00 ? 172 TRP A CA 1 
ATOM 173  C CA . GLY A 1 173 ? -13.975  23.296   22.657   1.00 0.00 ? 173 GLY A CA 1 
ATOM 174  C CA . PRO A 1 174 ? -14.076  22.453   26.352   1.00 0.00 ? 174 PRO A CA 1 
ATOM 175  C CA . TRP A 1 175 ? -13.421  18.769   27.166   1.00 0.00 ? 175 TRP A CA 1 
ATOM 176  C CA . THR A 1 176 ? -16.682  16.738   27.606   1.00 0.00 ? 176 THR A CA 1 
ATOM 177  C CA . PRO A 1 177 ? -17.415  14.716   30.817   1.00 0.00 ? 177 PRO A CA 1 
ATOM 178  C CA . CYS A 1 178 ? -16.214  11.238   31.252   1.00 0.00 ? 178 CYS A CA 1 
ATOM 179  C CA . SER A 1 179 ? -18.415  8.955    29.106   1.00 0.00 ? 179 SER A CA 1 
ATOM 180  C CA . ALA A 1 180 ? -18.908  6.775    32.182   1.00 0.00 ? 180 ALA A CA 1 
ATOM 181  C CA . SER A 1 181 ? -19.350  7.159    35.890   1.00 0.00 ? 181 SER A CA 1 
ATOM 182  C CA . CYS A 1 182 ? -17.875  3.926    37.451   1.00 0.00 ? 182 CYS A CA 1 
ATOM 183  C CA . HIS A 1 183 ? -16.403  0.442    36.591   1.00 0.00 ? 183 HIS A CA 1 
ATOM 184  C CA . GLY A 1 184 ? -13.453  -0.945   38.675   1.00 0.00 ? 184 GLY A CA 1 
ATOM 185  C CA . GLY A 1 185 ? -9.762   -0.808   37.678   1.00 0.00 ? 185 GLY A CA 1 
ATOM 186  C CA . PRO A 1 186 ? -9.249   -2.529   34.271   1.00 0.00 ? 186 PRO A CA 1 
ATOM 187  C CA . HIS A 1 187 ? -11.690  -0.497   32.054   1.00 0.00 ? 187 HIS A CA 1 
ATOM 188  C CA . GLU A 1 188 ? -11.242  1.781    28.935   1.00 0.00 ? 188 GLU A CA 1 
ATOM 189  C CA . PRO A 1 189 ? -11.931  5.607    29.609   1.00 0.00 ? 189 PRO A CA 1 
ATOM 190  C CA . LYS A 1 190 ? -13.166  8.139    26.857   1.00 0.00 ? 190 LYS A CA 1 
ATOM 191  C CA . GLU A 1 191 ? -13.368  12.098   27.341   1.00 0.00 ? 191 GLU A CA 1 
ATOM 192  C CA . THR A 1 192 ? -13.864  14.116   23.994   1.00 0.00 ? 192 THR A CA 1 
ATOM 193  C CA . ARG A 1 193 ? -13.333  17.681   22.547   1.00 0.00 ? 193 ARG A CA 1 
ATOM 194  C CA . SER A 1 194 ? -13.909  19.195   19.101   1.00 0.00 ? 194 SER A CA 1 
ATOM 195  C CA . ARG A 1 195 ? -12.612  21.605   16.528   1.00 0.00 ? 195 ARG A CA 1 
ATOM 196  C CA . LYS A 1 196 ? -14.314  23.450   13.820   1.00 0.00 ? 196 LYS A CA 1 
ATOM 197  C CA . CYS A 1 197 ? -12.622  24.463   10.570   1.00 0.00 ? 197 CYS A CA 1 
ATOM 198  C CA . SER A 1 198 ? -14.121  27.995   10.065   1.00 0.00 ? 198 SER A CA 1 
ATOM 199  C CA . ALA A 1 199 ? -12.923  31.632   10.808   1.00 0.00 ? 199 ALA A CA 1 
ATOM 200  C CA . PRO A 1 200 ? -13.838  32.872   7.155    1.00 0.00 ? 200 PRO A CA 1 
ATOM 201  C CA . GLU A 1 201 ? -14.807  32.335   3.554    1.00 0.00 ? 201 GLU A CA 1 
ATOM 202  C CA . PRO A 1 202 ? -15.345  30.655   0.207    1.00 0.00 ? 202 PRO A CA 1 
ATOM 203  C CA . SER A 1 203 ? -12.681  31.091   -2.326   1.00 0.00 ? 203 SER A CA 1 
ATOM 204  C CA . GLN A 1 204 ? -14.101  29.966   -5.752   1.00 0.00 ? 204 GLN A CA 1 
ATOM 205  C CA . LYS A 1 205 ? -13.132  26.524   -7.575   1.00 0.00 ? 205 LYS A CA 1 
ATOM 206  C CA . PRO A 1 206 ? -9.581   24.533   -7.939   1.00 0.00 ? 206 PRO A CA 1 
ATOM 207  C CA . PRO A 1 207 ? -9.346   23.395   -4.085   1.00 0.00 ? 207 PRO A CA 1 
ATOM 208  C CA . GLY A 1 208 ? -6.088   22.724   -2.122   1.00 0.00 ? 208 GLY A CA 1 
ATOM 209  C CA . LYS A 1 209 ? -5.509   23.502   1.682    1.00 0.00 ? 209 LYS A CA 1 
ATOM 210  C CA . PRO A 1 210 ? -8.526   22.239   3.946    1.00 0.00 ? 210 PRO A CA 1 
ATOM 211  C CA . CYS A 1 211 ? -7.336   22.207   7.772    1.00 0.00 ? 211 CYS A CA 1 
ATOM 212  C CA . PRO A 1 212 ? -4.649   19.439   8.900    1.00 0.00 ? 212 PRO A CA 1 
ATOM 213  C CA . GLY A 1 213 ? -5.196   17.115   11.635   1.00 0.00 ? 213 GLY A CA 1 
ATOM 214  C CA . LEU A 1 214 ? -8.095   15.940   13.605   1.00 0.00 ? 214 LEU A CA 1 
ATOM 215  C CA . ALA A 1 215 ? -11.410  17.652   14.228   1.00 0.00 ? 215 ALA A CA 1 
ATOM 216  C CA . TYR A 1 216 ? -12.101  15.591   17.353   1.00 0.00 ? 216 TYR A CA 1 
ATOM 217  C CA . GLU A 1 217 ? -9.847   14.476   20.157   1.00 0.00 ? 217 GLU A CA 1 
ATOM 218  C CA . GLN A 1 218 ? -10.878  11.550   22.366   1.00 0.00 ? 218 GLN A CA 1 
ATOM 219  C CA . ARG A 1 219 ? -8.815   11.059   25.540   1.00 0.00 ? 219 ARG A CA 1 
ATOM 220  C CA . ARG A 1 220 ? -9.341   8.371    28.254   1.00 0.00 ? 220 ARG A CA 1 
ATOM 221  C CA . CYS A 1 221 ? -10.601  9.001    31.895   1.00 0.00 ? 221 CYS A CA 1 
ATOM 222  C CA . THR A 1 222 ? -10.920  5.998    34.379   1.00 0.00 ? 222 THR A CA 1 
ATOM 223  C CA . GLY A 1 223 ? -13.300  5.746    37.239   1.00 0.00 ? 223 GLY A CA 1 
ATOM 224  C CA . LEU A 1 224 ? -11.729  4.596    40.556   1.00 0.00 ? 224 LEU A CA 1 
ATOM 225  C CA . PRO A 1 225 ? -14.939  2.796    42.301   1.00 0.00 ? 225 PRO A CA 1 
ATOM 226  C CA . PRO A 1 226 ? -17.019  -0.526   42.983   1.00 0.00 ? 226 PRO A CA 1 
ATOM 227  C CA . CYS A 1 227 ? -20.450  -0.546   41.541   1.00 0.00 ? 227 CYS A CA 1 
ATOM 228  C CA . PRO A 1 228 ? -22.744  -3.912   41.581   1.00 0.00 ? 228 PRO A CA 1 
ATOM 229  C CA . VAL A 1 229 ? -20.965  -7.213   42.335   1.00 0.00 ? 229 VAL A CA 1 
ATOM 230  C CA . ALA A 1 230 ? -22.845  -9.477   44.750   1.00 0.00 ? 230 ALA A CA 1 
ATOM 231  C CA . GLY A 1 231 ? -25.093  -8.390   47.568   1.00 0.00 ? 231 GLY A CA 1 
ATOM 232  C CA . GLY A 1 232 ? -23.627  -8.180   51.053   1.00 0.00 ? 232 GLY A CA 1 
ATOM 233  C CA . TRP A 1 233 ? -25.469  -7.776   54.494   1.00 0.00 ? 233 TRP A CA 1 
ATOM 234  C CA . GLY A 1 234 ? -24.663  -4.479   56.610   1.00 0.00 ? 234 GLY A CA 1 
ATOM 235  C CA . PRO A 1 235 ? -25.236  -4.303   60.554   1.00 0.00 ? 235 PRO A CA 1 
ATOM 236  C CA . TRP A 1 236 ? -27.403  -6.909   62.347   1.00 0.00 ? 236 TRP A CA 1 
ATOM 237  C CA . GLY A 1 237 ? -29.672  -4.028   63.759   1.00 0.00 ? 237 GLY A CA 1 
ATOM 238  C CA . PRO A 1 238 ? -30.653  -3.695   67.519   1.00 0.00 ? 238 PRO A CA 1 
ATOM 239  C CA . VAL A 1 239 ? -32.841  -6.462   68.938   1.00 0.00 ? 239 VAL A CA 1 
ATOM 240  C CA . SER A 1 240 ? -36.392  -5.218   69.466   1.00 0.00 ? 240 SER A CA 1 
ATOM 241  C CA . PRO A 1 241 ? -37.731  -5.213   73.212   1.00 0.00 ? 241 PRO A CA 1 
ATOM 242  C CA . CYS A 1 242 ? -39.964  -8.301   74.088   1.00 0.00 ? 242 CYS A CA 1 
ATOM 243  C CA . PRO A 1 243 ? -43.976  -8.111   73.777   1.00 0.00 ? 243 PRO A CA 1 
ATOM 244  C CA . VAL A 1 244 ? -44.917  -9.788   77.159   1.00 0.00 ? 244 VAL A CA 1 
ATOM 245  C CA . THR A 1 245 ? -42.428  -10.571  80.147   1.00 0.00 ? 245 THR A CA 1 
ATOM 246  C CA . CYS A 1 246 ? -42.180  -13.659  82.528   1.00 0.00 ? 246 CYS A CA 1 
ATOM 247  C CA . GLY A 1 247 ? -42.727  -16.723  80.461   1.00 0.00 ? 247 GLY A CA 1 
ATOM 248  C CA . LEU A 1 248 ? -42.549  -16.313  76.779   1.00 0.00 ? 248 LEU A CA 1 
ATOM 249  C CA . GLY A 1 249 ? -41.308  -13.683  74.510   1.00 0.00 ? 249 GLY A CA 1 
ATOM 250  C CA . GLN A 1 250 ? -40.462  -12.753  70.972   1.00 0.00 ? 250 GLN A CA 1 
ATOM 251  C CA . THR A 1 251 ? -38.094  -10.060  69.803   1.00 0.00 ? 251 THR A CA 1 
ATOM 252  C CA . MET A 1 252 ? -37.267  -9.091   66.212   1.00 0.00 ? 252 MET A CA 1 
ATOM 253  C CA . GLU A 1 253 ? -34.114  -7.982   64.395   1.00 0.00 ? 253 GLU A CA 1 
ATOM 254  C CA . GLN A 1 254 ? -33.738  -6.682   60.812   1.00 0.00 ? 254 GLN A CA 1 
ATOM 255  C CA . ARG A 1 255 ? -31.083  -6.537   58.042   1.00 0.00 ? 255 ARG A CA 1 
ATOM 256  C CA . THR A 1 256 ? -30.463  -4.677   54.805   1.00 0.00 ? 256 THR A CA 1 
ATOM 257  C CA . CYS A 1 257 ? -28.878  -6.186   51.669   1.00 0.00 ? 257 CYS A CA 1 
ATOM 258  C CA . ASN A 1 258 ? -27.090  -2.967   50.712   1.00 0.00 ? 258 ASN A CA 1 
ATOM 259  C CA . HIS A 1 259 ? -23.507  -3.457   51.869   1.00 0.00 ? 259 HIS A CA 1 
ATOM 260  C CA . PRO A 1 260 ? -23.262  -3.630   48.878   1.00 0.00 ? 260 PRO A CA 1 
ATOM 261  C CA . VAL A 1 261 ? -26.561  -3.724   46.973   1.00 0.00 ? 261 VAL A CA 1 
ATOM 262  C CA . PRO A 1 262 ? -26.442  -6.359   44.207   1.00 0.00 ? 262 PRO A CA 1 
ATOM 263  C CA . GLN A 1 263 ? -25.607  -4.829   40.822   1.00 0.00 ? 263 GLN A CA 1 
ATOM 264  C CA . HIS A 1 264 ? -24.831  -5.790   37.238   1.00 0.00 ? 264 HIS A CA 1 
ATOM 265  C CA . GLY A 1 265 ? -26.273  -9.271   37.711   1.00 0.00 ? 265 GLY A CA 1 
ATOM 266  C CA . GLY A 1 266 ? -24.594  -9.886   41.051   1.00 0.00 ? 266 GLY A CA 1 
ATOM 267  C CA . PRO A 1 267 ? -26.097  -12.425  43.408   1.00 0.00 ? 267 PRO A CA 1 
ATOM 268  C CA . PHE A 1 268 ? -28.700  -11.524  45.990   1.00 0.00 ? 268 PHE A CA 1 
ATOM 269  C CA . CYS A 1 269 ? -27.736  -11.813  49.651   1.00 0.00 ? 269 CYS A CA 1 
ATOM 270  C CA . ALA A 1 270 ? -28.375  -15.229  51.132   1.00 0.00 ? 270 ALA A CA 1 
ATOM 271  C CA . GLY A 1 271 ? -30.571  -15.366  54.191   1.00 0.00 ? 271 GLY A CA 1 
ATOM 272  C CA . ASP A 1 272 ? -33.485  -13.722  55.917   1.00 0.00 ? 272 ASP A CA 1 
ATOM 273  C CA . ALA A 1 273 ? -33.984  -9.994   56.122   1.00 0.00 ? 273 ALA A CA 1 
ATOM 274  C CA . THR A 1 274 ? -35.580  -10.402  59.570   1.00 0.00 ? 274 THR A CA 1 
ATOM 275  C CA . ARG A 1 275 ? -34.722  -12.546  62.573   1.00 0.00 ? 275 ARG A CA 1 
ATOM 276  C CA . THR A 1 276 ? -36.940  -13.729  65.446   1.00 0.00 ? 276 THR A CA 1 
ATOM 277  C CA . HIS A 1 277 ? -36.069  -15.228  68.788   1.00 0.00 ? 277 HIS A CA 1 
ATOM 278  C CA . ILE A 1 278 ? -37.636  -16.158  72.152   1.00 0.00 ? 278 ILE A CA 1 
ATOM 279  C CA . CYS A 1 279 ? -36.344  -14.125  74.849   1.00 0.00 ? 279 CYS A CA 1 
ATOM 280  C CA . ASN A 1 280 ? -36.088  -14.203  78.482   1.00 0.00 ? 280 ASN A CA 1 
ATOM 281  C CA . THR A 1 281 ? -35.964  -17.898  79.583   1.00 0.00 ? 281 THR A CA 1 
ATOM 282  C CA . ALA A 1 282 ? -36.174  -19.978  82.964   1.00 0.00 ? 282 ALA A CA 1 
ATOM 283  C CA . VAL A 1 283 ? -36.937  -17.786  86.013   1.00 0.00 ? 283 VAL A CA 1 
ATOM 284  C CA . PRO A 1 284 ? -40.291  -16.818  87.592   1.00 0.00 ? 284 PRO A CA 1 
ATOM 285  C CA . CYS A 1 285 ? -43.769  -16.405  85.738   1.00 0.00 ? 285 CYS A CA 1 
ATOM 286  C CA . PRO A 1 286 ? -45.259  -13.538  88.015   1.00 0.00 ? 286 PRO A CA 1 
ATOM 287  C CA . VAL A 1 287 ? -48.126  -12.736  90.371   1.00 0.00 ? 287 VAL A CA 1 
ATOM 288  C CA . ASP A 1 288 ? -48.854  -9.067   90.684   1.00 0.00 ? 288 ASP A CA 1 
ATOM 289  C CA . GLY A 1 289 ? -51.816  -8.122   88.403   1.00 0.00 ? 289 GLY A CA 1 
ATOM 290  C CA . GLU A 1 290 ? -52.127  -6.415   85.105   1.00 0.00 ? 290 GLU A CA 1 
ATOM 291  C CA . TRP A 1 291 ? -53.629  -4.854   82.115   1.00 0.00 ? 291 TRP A CA 1 
ATOM 292  C CA . ASP A 1 292 ? -54.984  -6.546   79.139   1.00 0.00 ? 292 ASP A CA 1 
ATOM 293  C CA . SER A 1 293 ? -54.931  -4.774   75.740   1.00 0.00 ? 293 SER A CA 1 
ATOM 294  C CA . TRP A 1 294 ? -57.071  -1.457   75.886   1.00 0.00 ? 294 TRP A CA 1 
ATOM 295  C CA . GLY A 1 295 ? -60.381  -2.128   74.232   1.00 0.00 ? 295 GLY A CA 1 
ATOM 296  C CA . GLU A 1 296 ? -61.137  -0.867   70.650   1.00 0.00 ? 296 GLU A CA 1 
ATOM 297  C CA . TRP A 1 297 ? -62.000  3.002    70.995   1.00 0.00 ? 297 TRP A CA 1 
ATOM 298  C CA . SER A 1 298 ? -65.806  3.496    70.600   1.00 0.00 ? 298 SER A CA 1 
ATOM 299  C CA . PRO A 1 299 ? -68.764  5.173    68.658   1.00 0.00 ? 299 PRO A CA 1 
ATOM 300  C CA . CYS A 1 300 ? -68.798  8.682    68.118   1.00 0.00 ? 300 CYS A CA 1 
ATOM 301  C CA . ILE A 1 301 ? -71.603  10.593   66.497   1.00 0.00 ? 301 ILE A CA 1 
ATOM 302  C CA . ARG A 1 302 ? -72.524  11.365   62.762   1.00 0.00 ? 302 ARG A CA 1 
ATOM 303  C CA . ARG A 1 303 ? -72.847  14.166   60.069   1.00 0.00 ? 303 ARG A CA 1 
ATOM 304  C CA . ASN A 1 304 ? -76.244  12.936   58.654   1.00 0.00 ? 304 ASN A CA 1 
ATOM 305  C CA . MET A 1 305 ? -78.485  15.242   56.709   1.00 0.00 ? 305 MET A CA 1 
ATOM 306  C CA . LYS A 1 306 ? -80.188  17.891   54.565   1.00 0.00 ? 306 LYS A CA 1 
ATOM 307  C CA . SER A 1 307 ? -82.784  20.501   55.948   1.00 0.00 ? 307 SER A CA 1 
ATOM 308  C CA . ILE A 1 308 ? -81.940  22.201   59.281   1.00 0.00 ? 308 ILE A CA 1 
ATOM 309  C CA . SER A 1 309 ? -78.868  21.612   61.523   1.00 0.00 ? 309 SER A CA 1 
ATOM 310  C CA . CYS A 1 310 ? -76.795  23.710   63.841   1.00 0.00 ? 310 CYS A CA 1 
ATOM 311  C CA . GLN A 1 311 ? -73.761  23.267   66.005   1.00 0.00 ? 311 GLN A CA 1 
ATOM 312  C CA . GLU A 1 312 ? -71.589  21.341   68.417   1.00 0.00 ? 312 GLU A CA 1 
ATOM 313  C CA . ILE A 1 313 ? -71.221  19.613   72.055   1.00 0.00 ? 313 ILE A CA 1 
ATOM 314  C CA . PRO A 1 314 ? -72.871  15.981   71.664   1.00 0.00 ? 314 PRO A CA 1 
ATOM 315  C CA . GLY A 1 315 ? -70.358  13.117   72.191   1.00 0.00 ? 315 GLY A CA 1 
ATOM 316  C CA . GLN A 1 316 ? -71.477  9.686    73.477   1.00 0.00 ? 316 GLN A CA 1 
ATOM 317  C CA . GLN A 1 317 ? -68.321  7.562    74.084   1.00 0.00 ? 317 GLN A CA 1 
ATOM 318  C CA . SER A 1 318 ? -67.134  4.862    76.558   1.00 0.00 ? 318 SER A CA 1 
ATOM 319  C CA . ARG A 1 319 ? -64.302  2.322    76.916   1.00 0.00 ? 319 ARG A CA 1 
ATOM 320  C CA . GLY A 1 320 ? -64.046  -0.940   78.925   1.00 0.00 ? 320 GLY A CA 1 
ATOM 321  C CA . ARG A 1 321 ? -61.095  -2.803   80.627   1.00 0.00 ? 321 ARG A CA 1 
ATOM 322  C CA . THR A 1 322 ? -60.597  -6.129   82.464   1.00 0.00 ? 322 THR A CA 1 
ATOM 323  C CA . CYS A 1 323 ? -58.116  -6.446   85.357   1.00 0.00 ? 323 CYS A CA 1 
ATOM 324  C CA . ARG A 1 324 ? -57.936  -10.227  86.256   1.00 0.00 ? 324 ARG A CA 1 
ATOM 325  C CA . GLY A 1 325 ? -54.748  -11.451  88.160   1.00 0.00 ? 325 GLY A CA 1 
ATOM 326  C CA . ARG A 1 326 ? -53.212  -13.692  91.063   1.00 0.00 ? 326 ARG A CA 1 
ATOM 327  C CA . LYS A 1 327 ? -54.021  -15.006  94.653   1.00 0.00 ? 327 LYS A CA 1 
ATOM 328  C CA . PHE A 1 328 ? -52.491  -13.929  98.098   1.00 0.00 ? 328 PHE A CA 1 
ATOM 329  C CA . ASP A 1 329 ? -53.707  -10.828  100.001  1.00 0.00 ? 329 ASP A CA 1 
ATOM 330  C CA . GLY A 1 330 ? -51.773  -8.337   97.806   1.00 0.00 ? 330 GLY A CA 1 
ATOM 331  C CA . HIS A 1 331 ? -53.449  -6.685   94.826   1.00 0.00 ? 331 HIS A CA 1 
ATOM 332  C CA . ARG A 1 332 ? -56.304  -6.036   92.668   1.00 0.00 ? 332 ARG A CA 1 
ATOM 333  C CA . CYS A 1 333 ? -54.963  -3.563   90.050   1.00 0.00 ? 333 CYS A CA 1 
ATOM 334  C CA . ALA A 1 334 ? -55.117  0.336    89.998   1.00 0.00 ? 334 ALA A CA 1 
ATOM 335  C CA . GLY A 1 335 ? -57.530  2.453    88.039   1.00 0.00 ? 335 GLY A CA 1 
ATOM 336  C CA . GLN A 1 336 ? -60.991  2.529    86.547   1.00 0.00 ? 336 GLN A CA 1 
ATOM 337  C CA . GLN A 1 337 ? -62.572  -0.360   84.727   1.00 0.00 ? 337 GLN A CA 1 
ATOM 338  C CA . GLN A 1 338 ? -64.380  2.052    82.426   1.00 0.00 ? 338 GLN A CA 1 
ATOM 339  C CA . ASP A 1 339 ? -63.325  5.235    80.673   1.00 0.00 ? 339 ASP A CA 1 
ATOM 340  C CA . ILE A 1 340 ? -65.422  8.129    79.374   1.00 0.00 ? 340 ILE A CA 1 
ATOM 341  C CA . ARG A 1 341 ? -64.574  10.964   77.023   1.00 0.00 ? 341 ARG A CA 1 
ATOM 342  C CA . HIS A 1 342 ? -66.212  13.780   74.966   1.00 0.00 ? 342 HIS A CA 1 
ATOM 343  C CA . CYS A 1 343 ? -65.753  14.187   71.001   1.00 0.00 ? 343 CYS A CA 1 
ATOM 344  C CA . TYR A 1 344 ? -66.921  17.029   68.497   1.00 0.00 ? 344 TYR A CA 1 
ATOM 345  C CA . SER A 1 345 ? -67.567  18.912   65.226   1.00 0.00 ? 345 SER A CA 1 
ATOM 346  C CA . ILE A 1 346 ? -69.279  21.478   62.866   1.00 0.00 ? 346 ILE A CA 1 
ATOM 347  C CA . GLN A 1 347 ? -70.472  24.598   60.947   1.00 0.00 ? 347 GLN A CA 1 
ATOM 348  C CA . HIS A 1 348 ? -72.529  27.562   60.382   1.00 0.00 ? 348 HIS A CA 1 
ATOM 349  C CA . CYS A 1 349 ? -75.980  27.889   61.264   1.00 0.00 ? 349 CYS A CA 1 
ATOM 350  C CA . PRO A 1 350 ? -79.084  27.960   59.151   1.00 0.00 ? 350 PRO A CA 1 
ATOM 351  C CA . LEU A 1 351 ? -82.104  30.336   59.645   1.00 0.00 ? 351 LEU A CA 1 
ATOM 352  C CA . LYS A 1 352 ? -85.320  29.031   57.779   1.00 0.00 ? 352 LYS A CA 1 
ATOM 353  C CA . GLY A 1 353 ? -89.136  29.657   58.659   1.00 0.00 ? 353 GLY A CA 1 
ATOM 354  C CA . SER A 1 354 ? -92.645  27.837   58.981   1.00 0.00 ? 354 SER A CA 1 
ATOM 355  C CA . TRP A 1 355 ? -96.424  27.488   59.851   1.00 0.00 ? 355 TRP A CA 1 
ATOM 356  C CA . SER A 1 356 ? -98.214  26.893   63.280   1.00 0.00 ? 356 SER A CA 1 
ATOM 357  C CA . GLU A 1 357 ? -101.205 24.482   63.555   1.00 0.00 ? 357 GLU A CA 1 
ATOM 358  C CA . TRP A 1 358 ? -104.752 24.427   64.689   1.00 0.00 ? 358 TRP A CA 1 
ATOM 359  C CA . SER A 1 359 ? -106.949 26.092   67.116   1.00 0.00 ? 359 SER A CA 1 
ATOM 360  C CA . THR A 1 360 ? -109.697 24.030   68.655   1.00 0.00 ? 360 THR A CA 1 
ATOM 361  C CA . TRP A 1 361 ? -112.515 23.357   66.489   1.00 0.00 ? 361 TRP A CA 1 
ATOM 362  C CA . GLY A 1 362 ? -115.151 26.056   67.097   1.00 0.00 ? 362 GLY A CA 1 
ATOM 363  C CA . LEU A 1 363 ? -118.778 25.073   67.787   1.00 0.00 ? 363 LEU A CA 1 
ATOM 364  C CA . CYS A 1 364 ? -121.569 24.913   65.080   1.00 0.00 ? 364 CYS A CA 1 
ATOM 365  C CA . MET A 1 365 ? -125.005 26.815   65.259   1.00 0.00 ? 365 MET A CA 1 
ATOM 366  C CA . PRO A 1 366 ? -127.874 24.322   66.814   1.00 0.00 ? 366 PRO A CA 1 
ATOM 367  C CA . PRO A 1 367 ? -131.538 25.176   67.960   1.00 0.00 ? 367 PRO A CA 1 
ATOM 368  C CA . CYS A 1 368 ? -133.163 23.539   65.134   1.00 0.00 ? 368 CYS A CA 1 
ATOM 369  C CA . GLY A 1 369 ? -133.534 24.124   61.286   1.00 0.00 ? 369 GLY A CA 1 
ATOM 370  C CA . PRO A 1 370 ? -131.118 25.518   58.476   1.00 0.00 ? 370 PRO A CA 1 
ATOM 371  C CA . ASN A 1 371 ? -127.279 24.178   59.031   1.00 0.00 ? 371 ASN A CA 1 
ATOM 372  C CA . PRO A 1 372 ? -124.517 26.938   59.581   1.00 0.00 ? 372 PRO A CA 1 
ATOM 373  C CA . THR A 1 373 ? -120.918 25.980   59.451   1.00 0.00 ? 373 THR A CA 1 
ATOM 374  C CA . ARG A 1 374 ? -118.088 25.434   61.980   1.00 0.00 ? 374 ARG A CA 1 
ATOM 375  C CA . ALA A 1 375 ? -114.909 27.475   61.435   1.00 0.00 ? 375 ALA A CA 1 
ATOM 376  C CA . ARG A 1 376 ? -111.315 27.220   62.637   1.00 0.00 ? 376 ARG A CA 1 
ATOM 377  C CA . GLN A 1 377 ? -108.258 29.485   62.024   1.00 0.00 ? 377 GLN A CA 1 
ATOM 378  C CA . ARG A 1 378 ? -104.553 29.460   61.535   1.00 0.00 ? 378 ARG A CA 1 
ATOM 379  C CA . LEU A 1 379 ? -102.034 32.151   62.400   1.00 0.00 ? 379 LEU A CA 1 
ATOM 380  C CA . CYS A 1 380 ? -98.405  32.107   61.392   1.00 0.00 ? 380 CYS A CA 1 
ATOM 381  C CA . THR A 1 381 ? -95.189  33.709   62.456   1.00 0.00 ? 381 THR A CA 1 
ATOM 382  C CA . PRO A 1 382 ? -93.552  35.973   65.237   1.00 0.00 ? 382 PRO A CA 1 
ATOM 383  C CA . LEU A 1 383 ? -94.466  39.833   64.569   1.00 0.00 ? 383 LEU A CA 1 
ATOM 384  C CA . LEU A 1 384 ? -96.484  43.335   64.310   1.00 0.00 ? 384 LEU A CA 1 
ATOM 385  C CA . PRO A 1 385 ? -99.623  45.359   66.000   1.00 0.00 ? 385 PRO A CA 1 
ATOM 386  C CA . LYS A 1 386 ? -102.759 42.925   65.309   1.00 0.00 ? 386 LYS A CA 1 
ATOM 387  C CA . TYR A 1 387 ? -106.687 43.325   64.918   1.00 0.00 ? 387 TYR A CA 1 
ATOM 388  C CA . PRO A 1 388 ? -110.582 43.746   66.036   1.00 0.00 ? 388 PRO A CA 1 
ATOM 389  C CA . PRO A 1 389 ? -111.817 39.939   66.180   1.00 0.00 ? 389 PRO A CA 1 
ATOM 390  C CA . THR A 1 390 ? -115.526 39.693   67.293   1.00 0.00 ? 390 THR A CA 1 
ATOM 391  C CA . VAL A 1 391 ? -118.730 37.821   67.646   1.00 0.00 ? 391 VAL A CA 1 
ATOM 392  C CA . SER A 1 392 ? -121.661 39.940   67.695   1.00 0.00 ? 392 SER A CA 1 
ATOM 393  C CA . MET A 1 393 ? -123.975 36.866   67.936   1.00 0.00 ? 393 MET A CA 1 
ATOM 394  C CA . VAL A 1 394 ? -127.503 38.496   67.227   1.00 0.00 ? 394 VAL A CA 1 
ATOM 395  C CA . GLU A 1 395 ? -129.527 35.438   68.281   1.00 0.00 ? 395 GLU A CA 1 
ATOM 396  C CA . GLY A 1 396 ? -132.888 37.189   67.664   1.00 0.00 ? 396 GLY A CA 1 
ATOM 397  C CA . GLN A 1 397 ? -132.753 37.284   63.747   1.00 0.00 ? 397 GLN A CA 1 
ATOM 398  C CA . GLY A 1 398 ? -131.620 33.684   62.957   1.00 0.00 ? 398 GLY A CA 1 
ATOM 399  C CA . GLU A 1 399 ? -128.260 34.938   61.748   1.00 0.00 ? 399 GLU A CA 1 
ATOM 400  C CA . LYS A 1 400 ? -124.678 34.001   62.619   1.00 0.00 ? 400 LYS A CA 1 
ATOM 401  C CA . ASN A 1 401 ? -122.427 36.918   61.693   1.00 0.00 ? 401 ASN A CA 1 
ATOM 402  C CA . VAL A 1 402 ? -118.910 35.732   60.800   1.00 0.00 ? 402 VAL A CA 1 
ATOM 403  C CA . THR A 1 403 ? -116.250 38.255   60.498   1.00 0.00 ? 403 THR A CA 1 
ATOM 404  C CA . PHE A 1 404 ? -112.972 37.215   59.080   1.00 0.00 ? 404 PHE A CA 1 
ATOM 405  C CA . TRP A 1 405 ? -110.708 39.613   57.486   1.00 0.00 ? 405 TRP A CA 1 
ATOM 406  C CA . GLY A 1 406 ? -108.442 38.540   54.701   1.00 0.00 ? 406 GLY A CA 1 
ATOM 407  C CA . ARG A 1 407 ? -104.867 39.530   55.485   1.00 0.00 ? 407 ARG A CA 1 
ATOM 408  C CA . PRO A 1 408 ? -104.454 39.246   51.648   1.00 0.00 ? 408 PRO A CA 1 
ATOM 409  C CA . LEU A 1 409 ? -100.832 39.661   51.366   1.00 0.00 ? 409 LEU A CA 1 
ATOM 410  C CA . PRO A 1 410 ? -97.726  38.987   53.537   1.00 0.00 ? 410 PRO A CA 1 
ATOM 411  C CA . ARG A 1 411 ? -98.342  35.146   53.943   1.00 0.00 ? 411 ARG A CA 1 
ATOM 412  C CA . CYS A 1 412 ? -96.272  32.552   55.726   1.00 0.00 ? 412 CYS A CA 1 
ATOM 413  C CA . GLU A 1 413 ? -97.688  29.409   54.344   1.00 0.00 ? 413 GLU A CA 1 
ATOM 414  C CA . GLU A 1 414 ? -96.068  26.013   54.155   1.00 0.00 ? 414 GLU A CA 1 
ATOM 415  C CA . LEU A 1 415 ? -97.897  23.644   51.758   1.00 0.00 ? 415 LEU A CA 1 
ATOM 416  C CA . GLN A 1 416 ? -100.191 22.312   54.460   1.00 0.00 ? 416 GLN A CA 1 
ATOM 417  C CA . GLY A 1 417 ? -102.321 25.344   54.934   1.00 0.00 ? 417 GLY A CA 1 
ATOM 418  C CA . GLN A 1 418 ? -105.251 26.675   53.021   1.00 0.00 ? 418 GLN A CA 1 
ATOM 419  C CA . LYS A 1 419 ? -104.661 30.114   51.469   1.00 0.00 ? 419 LYS A CA 1 
ATOM 420  C CA . LEU A 1 420 ? -108.195 31.336   50.866   1.00 0.00 ? 420 LEU A CA 1 
ATOM 421  C CA . VAL A 1 421 ? -110.287 33.491   53.036   1.00 0.00 ? 421 VAL A CA 1 
ATOM 422  C CA . VAL A 1 422 ? -112.754 30.512   53.078   1.00 0.00 ? 422 VAL A CA 1 
ATOM 423  C CA . GLU A 1 423 ? -110.935 28.485   55.800   1.00 0.00 ? 423 GLU A CA 1 
ATOM 424  C CA . GLU A 1 424 ? -112.817 25.201   56.316   1.00 0.00 ? 424 GLU A CA 1 
ATOM 425  C CA . LYS A 1 425 ? -116.577 25.006   56.170   1.00 0.00 ? 425 LYS A CA 1 
ATOM 426  C CA . ARG A 1 426 ? -119.141 22.227   55.979   1.00 0.00 ? 426 ARG A CA 1 
ATOM 427  C CA . PRO A 1 427 ? -122.858 22.164   56.624   1.00 0.00 ? 427 PRO A CA 1 
ATOM 428  C CA . CYS A 1 428 ? -122.256 21.111   60.483   1.00 0.00 ? 428 CYS A CA 1 
ATOM 429  C CA . LEU A 1 429 ? -125.559 19.353   59.896   1.00 0.00 ? 429 LEU A CA 1 
ATOM 430  C CA . HIS A 1 430 ? -127.706 18.907   63.024   1.00 0.00 ? 430 HIS A CA 1 
ATOM 431  C CA . VAL A 1 431 ? -131.276 17.418   62.120   1.00 0.00 ? 431 VAL A CA 1 
ATOM 432  C CA . PRO A 1 432 ? -134.861 18.774   63.355   1.00 0.00 ? 432 PRO A CA 1 
ATOM 433  C CA . ALA A 1 433 ? -137.807 20.409   61.568   1.00 0.00 ? 433 ALA A CA 1 
ATOM 434  C CA . CYS A 1 434 ? -138.749 23.180   64.114   1.00 0.00 ? 434 CYS A CA 1 
ATOM 435  C CA . LYS A 1 435 ? -141.788 24.032   66.264   1.00 0.00 ? 435 LYS A CA 1 
ATOM 436  C CA . ASP A 1 436 ? -145.319 23.343   64.924   1.00 0.00 ? 436 ASP A CA 1 
ATOM 437  C CA . PRO A 1 437 ? -148.990 23.355   66.263   1.00 0.00 ? 437 PRO A CA 1 
ATOM 438  C CA . GLU A 1 438 ? -151.844 21.081   65.640   1.00 0.00 ? 438 GLU A CA 1 
ATOM 439  C CA . GLU A 1 439 ? -155.412 20.797   66.989   1.00 0.00 ? 439 GLU A CA 1 
ATOM 440  C CA . GLU A 1 440 ? -158.454 18.325   66.313   1.00 0.00 ? 440 GLU A CA 1 
ATOM 441  C CA . GLU A 1 441 ? -161.706 16.594   67.320   1.00 0.00 ? 441 GLU A CA 1 
ATOM 442  C CA . LEU A 1 442 ? -164.365 13.794   66.932   1.00 0.00 ? 442 LEU A CA 1 
ATOM 443  C CA . ASP B 1 1   ? -133.654 32.478   32.312   1.00 0.00 ? 1   ASP B CA 1 
ATOM 444  C CA . PRO B 1 2   ? -131.945 29.492   34.204   1.00 0.00 ? 2   PRO B CA 1 
ATOM 445  C CA . VAL B 1 3   ? -128.913 28.022   32.708   1.00 0.00 ? 3   VAL B CA 1 
ATOM 446  C CA . LEU B 1 4   ? -127.933 24.492   32.832   1.00 0.00 ? 4   LEU B CA 1 
ATOM 447  C CA . CYS B 1 5   ? -126.628 21.774   35.143   1.00 0.00 ? 5   CYS B CA 1 
ATOM 448  C CA . PHE B 1 6   ? -122.763 21.689   34.659   1.00 0.00 ? 6   PHE B CA 1 
ATOM 449  C CA . THR B 1 7   ? -120.466 18.483   34.735   1.00 0.00 ? 7   THR B CA 1 
ATOM 450  C CA . GLN B 1 8   ? -119.561 14.721   34.038   1.00 0.00 ? 8   GLN B CA 1 
ATOM 451  C CA . TYR B 1 9   ? -116.772 12.412   35.384   1.00 0.00 ? 9   TYR B CA 1 
ATOM 452  C CA . GLU B 1 10  ? -115.384 11.148   32.069   1.00 0.00 ? 10  GLU B CA 1 
ATOM 453  C CA . GLU B 1 11  ? -115.880 11.792   28.503   1.00 0.00 ? 11  GLU B CA 1 
ATOM 454  C CA . SER B 1 12  ? -118.822 8.924    28.511   1.00 0.00 ? 12  SER B CA 1 
ATOM 455  C CA . SER B 1 13  ? -121.285 10.837   30.729   1.00 0.00 ? 13  SER B CA 1 
ATOM 456  C CA . GLY B 1 14  ? -123.099 8.333    32.905   1.00 0.00 ? 14  GLY B CA 1 
ATOM 457  C CA . LYS B 1 15  ? -121.907 9.756    36.209   1.00 0.00 ? 15  LYS B CA 1 
ATOM 458  C CA . CYS B 1 16  ? -123.780 12.997   36.978   1.00 0.00 ? 16  CYS B CA 1 
ATOM 459  C CA . LYS B 1 17  ? -123.077 14.059   40.648   1.00 0.00 ? 17  LYS B CA 1 
ATOM 460  C CA . GLY B 1 18  ? -123.317 18.010   41.165   1.00 0.00 ? 18  GLY B CA 1 
ATOM 461  C CA . LEU B 1 19  ? -124.634 20.718   38.622   1.00 0.00 ? 19  LEU B CA 1 
ATOM 462  C CA . LEU B 1 20  ? -124.563 24.447   39.237   1.00 0.00 ? 20  LEU B CA 1 
ATOM 463  C CA . GLY B 1 21  ? -127.241 26.372   37.356   1.00 0.00 ? 21  GLY B CA 1 
ATOM 464  C CA . GLY B 1 22  ? -126.501 30.032   36.553   1.00 0.00 ? 22  GLY B CA 1 
ATOM 465  C CA . GLY B 1 23  ? -128.537 33.042   35.516   1.00 0.00 ? 23  GLY B CA 1 
ATOM 466  C CA . VAL B 1 24  ? -127.836 36.770   35.005   1.00 0.00 ? 24  VAL B CA 1 
ATOM 467  C CA . SER B 1 25  ? -130.700 39.246   35.203   1.00 0.00 ? 25  SER B CA 1 
ATOM 468  C CA . VAL B 1 26  ? -131.125 42.839   36.005   1.00 0.00 ? 26  VAL B CA 1 
ATOM 469  C CA . GLU B 1 27  ? -132.908 45.738   34.418   1.00 0.00 ? 27  GLU B CA 1 
ATOM 470  C CA . ASP B 1 28  ? -132.707 48.823   32.187   1.00 0.00 ? 28  ASP B CA 1 
ATOM 471  C CA . CYS B 1 29  ? -135.157 51.696   33.009   1.00 0.00 ? 29  CYS B CA 1 
ATOM 472  C CA . CYS B 1 30  ? -134.481 55.488   33.500   1.00 0.00 ? 30  CYS B CA 1 
ATOM 473  C CA . LEU B 1 31  ? -136.661 57.362   35.982   1.00 0.00 ? 31  LEU B CA 1 
ATOM 474  C CA . ASN B 1 32  ? -136.348 58.116   39.583   1.00 0.00 ? 32  ASN B CA 1 
ATOM 475  C CA . THR B 1 33  ? -132.602 59.210   39.351   1.00 0.00 ? 33  THR B CA 1 
ATOM 476  C CA . ALA B 1 34  ? -131.837 55.851   40.708   1.00 0.00 ? 34  ALA B CA 1 
ATOM 477  C CA . PHE B 1 35  ? -129.197 53.219   40.725   1.00 0.00 ? 35  PHE B CA 1 
ATOM 478  C CA . ALA B 1 36  ? -128.966 50.033   38.602   1.00 0.00 ? 36  ALA B CA 1 
ATOM 479  C CA . TYR B 1 37  ? -128.584 46.594   40.227   1.00 0.00 ? 37  TYR B CA 1 
ATOM 480  C CA . GLN B 1 38  ? -125.792 44.087   39.537   1.00 0.00 ? 38  GLN B CA 1 
ATOM 481  C CA . LYS B 1 39  ? -126.514 40.516   40.404   1.00 0.00 ? 39  LYS B CA 1 
ATOM 482  C CA . ARG B 1 40  ? -125.436 37.003   40.846   1.00 0.00 ? 40  ARG B CA 1 
ATOM 483  C CA . SER B 1 41  ? -127.298 33.816   41.644   1.00 0.00 ? 41  SER B CA 1 
ATOM 484  C CA . GLY B 1 42  ? -125.745 30.406   41.585   1.00 0.00 ? 42  GLY B CA 1 
ATOM 485  C CA . GLY B 1 43  ? -127.889 27.653   42.936   1.00 0.00 ? 43  GLY B CA 1 
ATOM 486  C CA . LEU B 1 44  ? -127.032 24.081   41.992   1.00 0.00 ? 44  LEU B CA 1 
ATOM 487  C CA . CYS B 1 45  ? -128.458 20.456   41.433   1.00 0.00 ? 45  CYS B CA 1 
ATOM 488  C CA . GLN B 1 46  ? -127.492 16.588   41.701   1.00 0.00 ? 46  GLN B CA 1 
ATOM 489  C CA . PRO B 1 47  ? -128.780 13.452   39.548   1.00 0.00 ? 47  PRO B CA 1 
ATOM 490  C CA . CYS B 1 48  ? -126.379 10.511   39.626   1.00 0.00 ? 48  CYS B CA 1 
ATOM 491  C CA . ARG B 1 49  ? -126.343 6.731    38.943   1.00 0.00 ? 49  ARG B CA 1 
ATOM 492  C CA . SER B 1 50  ? -123.802 5.022    36.428   1.00 0.00 ? 50  SER B CA 1 
ATOM 493  C CA . PRO B 1 51  ? -120.232 3.125    37.186   1.00 0.00 ? 51  PRO B CA 1 
ATOM 494  C CA . ARG B 1 52  ? -117.736 2.522    40.221   1.00 0.00 ? 52  ARG B CA 1 
ATOM 495  C CA . TRP B 1 53  ? -114.218 1.177    40.934   1.00 0.00 ? 53  TRP B CA 1 
ATOM 496  C CA . SER B 1 54  ? -113.035 -1.466   43.387   1.00 0.00 ? 54  SER B CA 1 
ATOM 497  C CA . LEU B 1 55  ? -110.494 -0.500   46.004   1.00 0.00 ? 55  LEU B CA 1 
ATOM 498  C CA . TRP B 1 56  ? -106.931 -0.410   44.731   1.00 0.00 ? 56  TRP B CA 1 
ATOM 499  C CA . SER B 1 57  ? -104.902 -3.614   44.974   1.00 0.00 ? 57  SER B CA 1 
ATOM 500  C CA . THR B 1 58  ? -101.753 -3.484   47.095   1.00 0.00 ? 58  THR B CA 1 
ATOM 501  C CA . TRP B 1 59  ? -98.713  -2.050   45.219   1.00 0.00 ? 59  TRP B CA 1 
ATOM 502  C CA . ALA B 1 60  ? -96.546  -4.679   43.555   1.00 0.00 ? 60  ALA B CA 1 
ATOM 503  C CA . PRO B 1 61  ? -92.841  -4.780   44.403   1.00 0.00 ? 61  PRO B CA 1 
ATOM 504  C CA . CYS B 1 62  ? -90.246  -2.985   42.278   1.00 0.00 ? 62  CYS B CA 1 
ATOM 505  C CA . SER B 1 63  ? -89.912  -4.422   38.744   1.00 0.00 ? 63  SER B CA 1 
ATOM 506  C CA . VAL B 1 64  ? -86.147  -4.475   39.273   1.00 0.00 ? 64  VAL B CA 1 
ATOM 507  C CA . THR B 1 65  ? -83.742  -5.246   42.089   1.00 0.00 ? 65  THR B CA 1 
ATOM 508  C CA . CYS B 1 66  ? -81.263  -2.601   41.001   1.00 0.00 ? 66  CYS B CA 1 
ATOM 509  C CA . SER B 1 67  ? -81.445  0.520    38.912   1.00 0.00 ? 67  SER B CA 1 
ATOM 510  C CA . GLU B 1 68  ? -84.799  2.025    37.913   1.00 0.00 ? 68  GLU B CA 1 
ATOM 511  C CA . GLY B 1 69  ? -88.134  0.262    37.454   1.00 0.00 ? 69  GLY B CA 1 
ATOM 512  C CA . SER B 1 70  ? -91.795  0.641    38.454   1.00 0.00 ? 70  SER B CA 1 
ATOM 513  C CA . GLN B 1 71  ? -94.362  -0.474   41.053   1.00 0.00 ? 71  GLN B CA 1 
ATOM 514  C CA . LEU B 1 72  ? -97.862  -1.155   39.742   1.00 0.00 ? 72  LEU B CA 1 
ATOM 515  C CA . ARG B 1 73  ? -101.307 -1.462   41.316   1.00 0.00 ? 73  ARG B CA 1 
ATOM 516  C CA . TYR B 1 74  ? -104.727 -2.267   39.811   1.00 0.00 ? 74  TYR B CA 1 
ATOM 517  C CA . ARG B 1 75  ? -108.634 -1.621   39.920   1.00 0.00 ? 75  ARG B CA 1 
ATOM 518  C CA . ARG B 1 76  ? -111.784 -3.601   38.565   1.00 0.00 ? 76  ARG B CA 1 
ATOM 519  C CA . CYS B 1 77  ? -115.535 -3.379   37.259   1.00 0.00 ? 77  CYS B CA 1 
ATOM 520  C CA . VAL B 1 78  ? -119.088 -3.804   38.585   1.00 0.00 ? 78  VAL B CA 1 
ATOM 521  C CA . GLY B 1 79  ? -120.427 -6.184   41.239   1.00 0.00 ? 79  GLY B CA 1 
ATOM 522  C CA . TRP B 1 80  ? -123.815 -6.299   39.647   1.00 0.00 ? 80  TRP B CA 1 
ATOM 523  C CA . ASN B 1 81  ? -124.123 -3.550   37.348   1.00 0.00 ? 81  ASN B CA 1 
ATOM 524  C CA . GLY B 1 82  ? -124.160 -4.124   33.681   1.00 0.00 ? 82  GLY B CA 1 
ATOM 525  C CA . GLN B 1 83  ? -122.670 -0.774   32.687   1.00 0.00 ? 83  GLN B CA 1 
ATOM 526  C CA . CYS B 1 84  ? -119.217 -0.331   34.369   1.00 0.00 ? 84  CYS B CA 1 
ATOM 527  C CA . SER B 1 85  ? -118.377 1.164    30.970   1.00 0.00 ? 85  SER B CA 1 
ATOM 528  C CA . GLY B 1 86  ? -114.765 1.018    29.667   1.00 0.00 ? 86  GLY B CA 1 
ATOM 529  C CA . LYS B 1 87  ? -116.556 0.744    26.370   1.00 0.00 ? 87  LYS B CA 1 
ATOM 530  C CA . VAL B 1 88  ? -115.214 -2.374   24.675   1.00 0.00 ? 88  VAL B CA 1 
ATOM 531  C CA . ALA B 1 89  ? -111.606 -1.500   25.337   1.00 0.00 ? 89  ALA B CA 1 
ATOM 532  C CA . PRO B 1 90  ? -109.055 -4.290   26.011   1.00 0.00 ? 90  PRO B CA 1 
ATOM 533  C CA . GLY B 1 91  ? -109.770 -6.305   29.333   1.00 0.00 ? 91  GLY B CA 1 
ATOM 534  C CA . THR B 1 92  ? -110.197 -4.263   32.709   1.00 0.00 ? 92  THR B CA 1 
ATOM 535  C CA . LEU B 1 93  ? -109.942 -0.571   32.664   1.00 0.00 ? 93  LEU B CA 1 
ATOM 536  C CA . GLU B 1 94  ? -107.406 1.066    35.045   1.00 0.00 ? 94  GLU B CA 1 
ATOM 537  C CA . TRP B 1 95  ? -103.828 0.647    36.466   1.00 0.00 ? 95  TRP B CA 1 
ATOM 538  C CA . GLN B 1 96  ? -101.332 2.844    38.212   1.00 0.00 ? 96  GLN B CA 1 
ATOM 539  C CA . LEU B 1 97  ? -97.634  2.485    37.481   1.00 0.00 ? 97  LEU B CA 1 
ATOM 540  C CA . GLN B 1 98  ? -95.326  4.458    39.793   1.00 0.00 ? 98  GLN B CA 1 
ATOM 541  C CA . ALA B 1 99  ? -91.498  4.522    39.749   1.00 0.00 ? 99  ALA B CA 1 
ATOM 542  C CA . CYS B 1 100 ? -88.933  2.907    42.076   1.00 0.00 ? 100 CYS B CA 1 
ATOM 543  C CA . GLU B 1 101 ? -85.088  3.512    42.321   1.00 0.00 ? 101 GLU B CA 1 
ATOM 544  C CA . ASP B 1 102 ? -82.620  1.059    43.718   1.00 0.00 ? 102 ASP B CA 1 
ATOM 545  C CA . GLN B 1 103 ? -78.949  0.475    44.648   1.00 0.00 ? 103 GLN B CA 1 
ATOM 546  C CA . GLN B 1 104 ? -76.450  -0.744   41.891   1.00 0.00 ? 104 GLN B CA 1 
ATOM 547  C CA . CYS B 1 105 ? -76.490  -3.180   38.655   1.00 0.00 ? 105 CYS B CA 1 
ATOM 548  C CA . CYS B 1 106 ? -73.823  -5.119   36.725   1.00 0.00 ? 106 CYS B CA 1 
ATOM 549  C CA . PRO B 1 107 ? -72.926  -7.795   34.031   1.00 0.00 ? 107 PRO B CA 1 
ATOM 550  C CA . GLU B 1 108 ? -71.300  -5.808   30.979   1.00 0.00 ? 108 GLU B CA 1 
ATOM 551  C CA . MET B 1 109 ? -67.589  -6.397   31.755   1.00 0.00 ? 109 MET B CA 1 
ATOM 552  C CA . GLY B 1 110 ? -65.471  -5.968   28.585   1.00 0.00 ? 110 GLY B CA 1 
ATOM 553  C CA . GLY B 1 111 ? -62.376  -6.434   30.615   1.00 0.00 ? 111 GLY B CA 1 
ATOM 554  C CA . TRP B 1 112 ? -59.608  -7.226   28.194   1.00 0.00 ? 112 TRP B CA 1 
ATOM 555  C CA . SER B 1 113 ? -58.006  -4.545   26.063   1.00 0.00 ? 113 SER B CA 1 
ATOM 556  C CA . GLY B 1 114 ? -57.130  -5.435   22.493   1.00 0.00 ? 114 GLY B CA 1 
ATOM 557  C CA . TRP B 1 115 ? -53.968  -7.477   22.109   1.00 0.00 ? 115 TRP B CA 1 
ATOM 558  C CA . GLY B 1 116 ? -50.701  -5.584   21.681   1.00 0.00 ? 116 GLY B CA 1 
ATOM 559  C CA . PRO B 1 117 ? -48.784  -6.191   18.458   1.00 0.00 ? 117 PRO B CA 1 
ATOM 560  C CA . TRP B 1 118 ? -46.596  -9.353   18.559   1.00 0.00 ? 118 TRP B CA 1 
ATOM 561  C CA . GLU B 1 119 ? -43.018  -8.724   19.649   1.00 0.00 ? 119 GLU B CA 1 
ATOM 562  C CA . PRO B 1 120 ? -40.198  -9.854   17.367   1.00 0.00 ? 120 PRO B CA 1 
ATOM 563  C CA . CYS B 1 121 ? -38.494  -13.229  17.805   1.00 0.00 ? 121 CYS B CA 1 
ATOM 564  C CA . SER B 1 122 ? -36.535  -13.531  21.083   1.00 0.00 ? 122 SER B CA 1 
ATOM 565  C CA . VAL B 1 123 ? -33.607  -14.852  19.046   1.00 0.00 ? 123 VAL B CA 1 
ATOM 566  C CA . THR B 1 124 ? -31.999  -14.139  15.698   1.00 0.00 ? 124 THR B CA 1 
ATOM 567  C CA . CYS B 1 125 ? -31.110  -17.769  15.096   1.00 0.00 ? 125 CYS B CA 1 
ATOM 568  C CA . SER B 1 126 ? -32.357  -21.069  16.402   1.00 0.00 ? 126 SER B CA 1 
ATOM 569  C CA . LYS B 1 127 ? -35.597  -21.297  18.391   1.00 0.00 ? 127 LYS B CA 1 
ATOM 570  C CA . GLY B 1 128 ? -37.237  -18.630  20.546   1.00 0.00 ? 128 GLY B CA 1 
ATOM 571  C CA . THR B 1 129 ? -40.655  -17.038  21.118   1.00 0.00 ? 129 THR B CA 1 
ATOM 572  C CA . ARG B 1 130 ? -42.822  -14.058  20.113   1.00 0.00 ? 130 ARG B CA 1 
ATOM 573  C CA . THR B 1 131 ? -44.942  -12.539  22.878   1.00 0.00 ? 131 THR B CA 1 
ATOM 574  C CA . ARG B 1 132 ? -47.974  -10.252  22.988   1.00 0.00 ? 132 ARG B CA 1 
ATOM 575  C CA . ARG B 1 133 ? -49.914  -8.743   25.912   1.00 0.00 ? 133 ARG B CA 1 
ATOM 576  C CA . ARG B 1 134 ? -53.370  -7.675   27.129   1.00 0.00 ? 134 ARG B CA 1 
ATOM 577  C CA . ALA B 1 135 ? -54.448  -5.497   30.036   1.00 0.00 ? 135 ALA B CA 1 
ATOM 578  C CA . CYS B 1 136 ? -57.602  -5.909   32.111   1.00 0.00 ? 136 CYS B CA 1 
ATOM 579  C CA . ASN B 1 137 ? -59.005  -2.427   32.330   1.00 0.00 ? 137 ASN B CA 1 
ATOM 580  C CA . HIS B 1 138 ? -62.602  -1.053   32.528   1.00 0.00 ? 138 HIS B CA 1 
ATOM 581  C CA . PRO B 1 139 ? -64.376  2.369    32.967   1.00 0.00 ? 139 PRO B CA 1 
ATOM 582  C CA . ALA B 1 140 ? -67.101  3.329    35.219   1.00 0.00 ? 140 ALA B CA 1 
ATOM 583  C CA . PRO B 1 141 ? -69.503  1.005    37.169   1.00 0.00 ? 141 PRO B CA 1 
ATOM 584  C CA . LYS B 1 142 ? -66.870  -0.206   39.587   1.00 0.00 ? 142 LYS B CA 1 
ATOM 585  C CA . CYS B 1 143 ? -68.390  -3.331   41.110   1.00 0.00 ? 143 CYS B CA 1 
ATOM 586  C CA . GLY B 1 144 ? -68.567  -6.904   39.734   1.00 0.00 ? 144 GLY B CA 1 
ATOM 587  C CA . GLY B 1 145 ? -65.313  -9.022   39.210   1.00 0.00 ? 145 GLY B CA 1 
ATOM 588  C CA . HIS B 1 146 ? -61.897  -9.664   37.175   1.00 0.00 ? 146 HIS B CA 1 
ATOM 589  C CA . CYS B 1 147 ? -60.949  -10.690  33.520   1.00 0.00 ? 147 CYS B CA 1 
ATOM 590  C CA . PRO B 1 148 ? -60.990  -14.341  32.279   1.00 0.00 ? 148 PRO B CA 1 
ATOM 591  C CA . GLY B 1 149 ? -57.943  -15.865  30.678   1.00 0.00 ? 149 GLY B CA 1 
ATOM 592  C CA . GLN B 1 150 ? -54.317  -15.038  29.923   1.00 0.00 ? 150 GLN B CA 1 
ATOM 593  C CA . ALA B 1 151 ? -52.771  -11.559  29.947   1.00 0.00 ? 151 ALA B CA 1 
ATOM 594  C CA . GLN B 1 152 ? -49.770  -12.640  27.916   1.00 0.00 ? 152 GLN B CA 1 
ATOM 595  C CA . GLU B 1 153 ? -49.461  -14.966  24.935   1.00 0.00 ? 153 GLU B CA 1 
ATOM 596  C CA . SER B 1 154 ? -46.088  -16.503  24.060   1.00 0.00 ? 154 SER B CA 1 
ATOM 597  C CA . GLU B 1 155 ? -45.875  -18.210  20.653   1.00 0.00 ? 155 GLU B CA 1 
ATOM 598  C CA . ALA B 1 156 ? -42.806  -19.870  19.074   1.00 0.00 ? 156 ALA B CA 1 
ATOM 599  C CA . CYS B 1 157 ? -40.606  -18.634  16.245   1.00 0.00 ? 157 CYS B CA 1 
ATOM 600  C CA . ASP B 1 158 ? -37.949  -20.515  14.372   1.00 0.00 ? 158 ASP B CA 1 
ATOM 601  C CA . THR B 1 159 ? -35.328  -18.066  12.880   1.00 0.00 ? 159 THR B CA 1 
ATOM 602  C CA . GLN B 1 160 ? -33.784  -18.573  9.475    1.00 0.00 ? 160 GLN B CA 1 
ATOM 603  C CA . GLN B 1 161 ? -30.273  -17.912  10.586   1.00 0.00 ? 161 GLN B CA 1 
ATOM 604  C CA . VAL B 1 162 ? -27.550  -20.563  11.216   1.00 0.00 ? 162 VAL B CA 1 
ATOM 605  C CA . CYS B 1 163 ? -25.658  -20.589  14.639   1.00 0.00 ? 163 CYS B CA 1 
ATOM 606  C CA . PRO B 1 164 ? -21.698  -21.239  14.862   1.00 0.00 ? 164 PRO B CA 1 
ATOM 607  C CA . THR B 1 165 ? -19.798  -24.415  14.115   1.00 0.00 ? 165 THR B CA 1 
ATOM 608  C CA . HIS B 1 166 ? -16.473  -22.986  15.054   1.00 0.00 ? 166 HIS B CA 1 
ATOM 609  C CA . GLY B 1 167 ? -13.267  -24.889  14.830   1.00 0.00 ? 167 GLY B CA 1 
ATOM 610  C CA . ALA B 1 168 ? -11.788  -26.838  17.758   1.00 0.00 ? 168 ALA B CA 1 
ATOM 611  C CA . TRP B 1 169 ? -8.403   -28.512  18.021   1.00 0.00 ? 169 TRP B CA 1 
ATOM 612  C CA . ALA B 1 170 ? -7.910   -32.290  18.258   1.00 0.00 ? 170 ALA B CA 1 
ATOM 613  C CA . THR B 1 171 ? -5.762   -33.593  21.085   1.00 0.00 ? 171 THR B CA 1 
ATOM 614  C CA . TRP B 1 172 ? -2.037   -33.366  20.464   1.00 0.00 ? 172 TRP B CA 1 
ATOM 615  C CA . GLY B 1 173 ? -0.412   -36.337  18.898   1.00 0.00 ? 173 GLY B CA 1 
ATOM 616  C CA . PRO B 1 174 ? 2.421    -38.158  20.642   1.00 0.00 ? 174 PRO B CA 1 
ATOM 617  C CA . TRP B 1 175 ? 5.803    -36.373  20.480   1.00 0.00 ? 175 TRP B CA 1 
ATOM 618  C CA . THR B 1 176 ? 8.036    -37.671  17.603   1.00 0.00 ? 176 THR B CA 1 
ATOM 619  C CA . PRO B 1 177 ? 11.607   -39.012  18.230   1.00 0.00 ? 177 PRO B CA 1 
ATOM 620  C CA . CYS B 1 178 ? 14.547   -36.761  18.336   1.00 0.00 ? 178 CYS B CA 1 
ATOM 621  C CA . SER B 1 179 ? 15.378   -35.736  14.741   1.00 0.00 ? 179 SER B CA 1 
ATOM 622  C CA . ALA B 1 180 ? 18.973   -36.767  15.429   1.00 0.00 ? 180 ALA B CA 1 
ATOM 623  C CA . SER B 1 181 ? 20.855   -39.427  17.292   1.00 0.00 ? 181 SER B CA 1 
ATOM 624  C CA . CYS B 1 182 ? 24.221   -37.793  18.317   1.00 0.00 ? 182 CYS B CA 1 
ATOM 625  C CA . HIS B 1 183 ? 26.391   -34.604  17.903   1.00 0.00 ? 183 HIS B CA 1 
ATOM 626  C CA . GLY B 1 184 ? 28.415   -33.274  20.920   1.00 0.00 ? 184 GLY B CA 1 
ATOM 627  C CA . GLY B 1 185 ? 27.347   -30.423  23.237   1.00 0.00 ? 185 GLY B CA 1 
ATOM 628  C CA . PRO B 1 186 ? 26.714   -27.223  21.191   1.00 0.00 ? 186 PRO B CA 1 
ATOM 629  C CA . HIS B 1 187 ? 24.038   -28.477  18.686   1.00 0.00 ? 187 HIS B CA 1 
ATOM 630  C CA . GLU B 1 188 ? 20.344   -27.499  17.972   1.00 0.00 ? 188 GLU B CA 1 
ATOM 631  C CA . PRO B 1 189 ? 17.711   -30.256  18.987   1.00 0.00 ? 189 PRO B CA 1 
ATOM 632  C CA . LYS B 1 190 ? 14.196   -30.683  17.261   1.00 0.00 ? 190 LYS B CA 1 
ATOM 633  C CA . GLU B 1 191 ? 11.294   -33.089  18.586   1.00 0.00 ? 191 GLU B CA 1 
ATOM 634  C CA . THR B 1 192 ? 7.776    -32.441  16.936   1.00 0.00 ? 192 THR B CA 1 
ATOM 635  C CA . ARG B 1 193 ? 4.000    -33.044  17.618   1.00 0.00 ? 193 ARG B CA 1 
ATOM 636  C CA . SER B 1 194 ? 0.839    -32.135  15.699   1.00 0.00 ? 194 SER B CA 1 
ATOM 637  C CA . ARG B 1 195 ? -2.733   -31.008  15.982   1.00 0.00 ? 195 ARG B CA 1 
ATOM 638  C CA . LYS B 1 196 ? -5.618   -31.413  13.714   1.00 0.00 ? 196 LYS B CA 1 
ATOM 639  C CA . CYS B 1 197 ? -8.492   -28.935  13.495   1.00 0.00 ? 197 CYS B CA 1 
ATOM 640  C CA . SER B 1 198 ? -11.488  -31.359  13.135   1.00 0.00 ? 198 SER B CA 1 
ATOM 641  C CA . ALA B 1 199 ? -14.122  -32.871  15.583   1.00 0.00 ? 199 ALA B CA 1 
ATOM 642  C CA . PRO B 1 200 ? -17.146  -31.915  13.203   1.00 0.00 ? 200 PRO B CA 1 
ATOM 643  C CA . GLU B 1 201 ? -18.697  -30.132  10.268   1.00 0.00 ? 201 GLU B CA 1 
ATOM 644  C CA . PRO B 1 202 ? -19.219  -27.652  7.460    1.00 0.00 ? 202 PRO B CA 1 
ATOM 645  C CA . SER B 1 203 ? -21.313  -24.693  8.216    1.00 0.00 ? 203 SER B CA 1 
ATOM 646  C CA . GLN B 1 204 ? -22.240  -23.002  4.855    1.00 0.00 ? 204 GLN B CA 1 
ATOM 647  C CA . LYS B 1 205 ? -20.611  -19.584  3.523    1.00 0.00 ? 205 LYS B CA 1 
ATOM 648  C CA . PRO B 1 206 ? -19.578  -16.125  5.440    1.00 0.00 ? 206 PRO B CA 1 
ATOM 649  C CA . PRO B 1 207 ? -16.451  -17.679  7.442    1.00 0.00 ? 207 PRO B CA 1 
ATOM 650  C CA . GLY B 1 208 ? -15.106  -16.443  10.846   1.00 0.00 ? 208 GLY B CA 1 
ATOM 651  C CA . LYS B 1 209 ? -13.593  -18.714  13.668   1.00 0.00 ? 209 LYS B CA 1 
ATOM 652  C CA . PRO B 1 210 ? -10.949  -21.320  12.239   1.00 0.00 ? 210 PRO B CA 1 
ATOM 653  C CA . CYS B 1 211 ? -8.831   -22.811  15.295   1.00 0.00 ? 211 CYS B CA 1 
ATOM 654  C CA . PRO B 1 212 ? -6.215   -20.389  17.152   1.00 0.00 ? 212 PRO B CA 1 
ATOM 655  C CA . GLY B 1 213 ? -2.696   -21.179  17.561   1.00 0.00 ? 213 GLY B CA 1 
ATOM 656  C CA . LEU B 1 214 ? -0.307   -23.583  16.082   1.00 0.00 ? 214 LEU B CA 1 
ATOM 657  C CA . ALA B 1 215 ? -0.990   -26.905  14.407   1.00 0.00 ? 215 ALA B CA 1 
ATOM 658  C CA . TYR B 1 216 ? 2.558    -28.149  15.006   1.00 0.00 ? 216 TYR B CA 1 
ATOM 659  C CA . GLU B 1 217 ? 4.850    -27.820  17.975   1.00 0.00 ? 217 GLU B CA 1 
ATOM 660  C CA . GLN B 1 218 ? 8.602    -28.304  17.534   1.00 0.00 ? 218 GLN B CA 1 
ATOM 661  C CA . ARG B 1 219 ? 10.624   -28.628  20.755   1.00 0.00 ? 219 ARG B CA 1 
ATOM 662  C CA . ARG B 1 220 ? 14.424   -29.210  21.057   1.00 0.00 ? 220 ARG B CA 1 
ATOM 663  C CA . CYS B 1 221 ? 16.153   -32.472  22.329   1.00 0.00 ? 221 CYS B CA 1 
ATOM 664  C CA . THR B 1 222 ? 20.052   -32.631  22.567   1.00 0.00 ? 222 THR B CA 1 
ATOM 665  C CA . GLY B 1 223 ? 22.156   -35.694  22.269   1.00 0.00 ? 223 GLY B CA 1 
ATOM 666  C CA . LEU B 1 224 ? 24.845   -36.081  24.993   1.00 0.00 ? 224 LEU B CA 1 
ATOM 667  C CA . PRO B 1 225 ? 27.641   -38.234  22.958   1.00 0.00 ? 225 PRO B CA 1 
ATOM 668  C CA . PRO B 1 226 ? 30.937   -38.279  20.730   1.00 0.00 ? 226 PRO B CA 1 
ATOM 669  C CA . CYS B 1 227 ? 30.473   -39.585  17.275   1.00 0.00 ? 227 CYS B CA 1 
ATOM 670  C CA . PRO B 1 228 ? 33.454   -39.364  14.510   1.00 0.00 ? 228 PRO B CA 1 
ATOM 671  C CA . VAL B 1 229 ? 36.377   -37.027  15.296   1.00 0.00 ? 229 VAL B CA 1 
ATOM 672  C CA . ALA B 1 230 ? 39.801   -38.500  14.518   1.00 0.00 ? 230 ALA B CA 1 
ATOM 673  C CA . GLY B 1 231 ? 40.784   -42.130  14.707   1.00 0.00 ? 231 GLY B CA 1 
ATOM 674  C CA . GLY B 1 232 ? 42.480   -43.367  17.858   1.00 0.00 ? 232 GLY B CA 1 
ATOM 675  C CA . TRP B 1 233 ? 44.335   -46.764  18.502   1.00 0.00 ? 233 TRP B CA 1 
ATOM 676  C CA . GLY B 1 234 ? 42.811   -49.161  21.315   1.00 0.00 ? 234 GLY B CA 1 
ATOM 677  C CA . PRO B 1 235 ? 45.011   -51.940  23.146   1.00 0.00 ? 235 PRO B CA 1 
ATOM 678  C CA . TRP B 1 236 ? 48.379   -53.056  21.697   1.00 0.00 ? 236 TRP B CA 1 
ATOM 679  C CA . GLY B 1 237 ? 47.100   -56.772  21.625   1.00 0.00 ? 237 GLY B CA 1 
ATOM 680  C CA . PRO B 1 238 ? 49.109   -59.778  23.086   1.00 0.00 ? 238 PRO B CA 1 
ATOM 681  C CA . VAL B 1 239 ? 52.393   -60.606  21.361   1.00 0.00 ? 239 VAL B CA 1 
ATOM 682  C CA . SER B 1 240 ? 52.057   -63.786  19.308   1.00 0.00 ? 240 SER B CA 1 
ATOM 683  C CA . PRO B 1 241 ? 54.360   -66.845  20.388   1.00 0.00 ? 241 PRO B CA 1 
ATOM 684  C CA . CYS B 1 242 ? 57.594   -67.220  18.223   1.00 0.00 ? 242 CYS B CA 1 
ATOM 685  C CA . PRO B 1 243 ? 57.674   -69.664  15.023   1.00 0.00 ? 243 PRO B CA 1 
ATOM 686  C CA . VAL B 1 244 ? 61.086   -71.413  15.691   1.00 0.00 ? 244 VAL B CA 1 
ATOM 687  C CA . THR B 1 245 ? 63.193   -71.209  19.046   1.00 0.00 ? 245 THR B CA 1 
ATOM 688  C CA . CYS B 1 246 ? 67.043   -70.906  19.634   1.00 0.00 ? 246 CYS B CA 1 
ATOM 689  C CA . GLY B 1 247 ? 68.381   -68.491  17.118   1.00 0.00 ? 247 GLY B CA 1 
ATOM 690  C CA . LEU B 1 248 ? 65.899   -66.412  15.308   1.00 0.00 ? 248 LEU B CA 1 
ATOM 691  C CA . GLY B 1 249 ? 62.331   -65.611  15.787   1.00 0.00 ? 249 GLY B CA 1 
ATOM 692  C CA . GLN B 1 250 ? 59.443   -63.456  14.730   1.00 0.00 ? 250 GLN B CA 1 
ATOM 693  C CA . THR B 1 251 ? 56.344   -62.624  16.714   1.00 0.00 ? 251 THR B CA 1 
ATOM 694  C CA . MET B 1 252 ? 53.398   -60.469  15.625   1.00 0.00 ? 252 MET B CA 1 
ATOM 695  C CA . GLU B 1 253 ? 51.124   -57.964  17.364   1.00 0.00 ? 253 GLU B CA 1 
ATOM 696  C CA . GLN B 1 254 ? 47.959   -56.264  16.033   1.00 0.00 ? 254 GLN B CA 1 
ATOM 697  C CA . ARG B 1 255 ? 45.965   -53.027  16.561   1.00 0.00 ? 255 ARG B CA 1 
ATOM 698  C CA . THR B 1 256 ? 42.522   -51.659  15.783   1.00 0.00 ? 256 THR B CA 1 
ATOM 699  C CA . CYS B 1 257 ? 41.765   -48.048  14.777   1.00 0.00 ? 257 CYS B CA 1 
ATOM 700  C CA . ASN B 1 258 ? 38.423   -47.973  16.595   1.00 0.00 ? 258 ASN B CA 1 
ATOM 701  C CA . HIS B 1 259 ? 39.121   -46.148  19.849   1.00 0.00 ? 259 HIS B CA 1 
ATOM 702  C CA . PRO B 1 260 ? 37.503   -44.140  18.302   1.00 0.00 ? 260 PRO B CA 1 
ATOM 703  C CA . VAL B 1 261 ? 36.817   -45.051  14.666   1.00 0.00 ? 261 VAL B CA 1 
ATOM 704  C CA . PRO B 1 262 ? 37.334   -42.019  12.399   1.00 0.00 ? 262 PRO B CA 1 
ATOM 705  C CA . GLN B 1 263 ? 34.051   -40.263  11.603   1.00 0.00 ? 263 GLN B CA 1 
ATOM 706  C CA . HIS B 1 264 ? 32.673   -37.174  9.891    1.00 0.00 ? 264 HIS B CA 1 
ATOM 707  C CA . GLY B 1 265 ? 35.911   -36.614  7.987    1.00 0.00 ? 265 GLY B CA 1 
ATOM 708  C CA . GLY B 1 266 ? 38.170   -37.215  10.969   1.00 0.00 ? 266 GLY B CA 1 
ATOM 709  C CA . PRO B 1 267 ? 41.742   -38.278  10.364   1.00 0.00 ? 267 PRO B CA 1 
ATOM 710  C CA . PHE B 1 268 ? 42.776   -41.900  10.092   1.00 0.00 ? 268 PHE B CA 1 
ATOM 711  C CA . CYS B 1 269 ? 45.031   -43.307  12.804   1.00 0.00 ? 269 CYS B CA 1 
ATOM 712  C CA . ALA B 1 270 ? 48.717   -42.867  12.105   1.00 0.00 ? 270 ALA B CA 1 
ATOM 713  C CA . GLY B 1 271 ? 50.825   -45.991  12.096   1.00 0.00 ? 271 GLY B CA 1 
ATOM 714  C CA . ASP B 1 272 ? 50.794   -49.677  11.328   1.00 0.00 ? 272 ASP B CA 1 
ATOM 715  C CA . ALA B 1 273 ? 47.949   -51.987  12.196   1.00 0.00 ? 273 ALA B CA 1 
ATOM 716  C CA . THR B 1 274 ? 50.438   -54.825  12.784   1.00 0.00 ? 274 THR B CA 1 
ATOM 717  C CA . ARG B 1 275 ? 53.823   -54.978  14.480   1.00 0.00 ? 275 ARG B CA 1 
ATOM 718  C CA . THR B 1 276 ? 56.672   -57.479  14.031   1.00 0.00 ? 276 THR B CA 1 
ATOM 719  C CA . HIS B 1 277 ? 59.729   -58.148  16.124   1.00 0.00 ? 277 HIS B CA 1 
ATOM 720  C CA . ILE B 1 278 ? 62.591   -60.656  16.528   1.00 0.00 ? 278 ILE B CA 1 
ATOM 721  C CA . CYS B 1 279 ? 62.374   -62.454  19.658   1.00 0.00 ? 279 CYS B CA 1 
ATOM 722  C CA . ASN B 1 280 ? 64.513   -64.398  21.874   1.00 0.00 ? 280 ASN B CA 1 
ATOM 723  C CA . THR B 1 281 ? 68.128   -63.111  21.464   1.00 0.00 ? 281 THR B CA 1 
ATOM 724  C CA . ALA B 1 282 ? 71.789   -64.195  22.568   1.00 0.00 ? 282 ALA B CA 1 
ATOM 725  C CA . VAL B 1 283 ? 71.860   -67.576  24.366   1.00 0.00 ? 283 VAL B CA 1 
ATOM 726  C CA . PRO B 1 284 ? 72.336   -71.113  22.972   1.00 0.00 ? 284 PRO B CA 1 
ATOM 727  C CA . CYS B 1 285 ? 71.285   -72.424  19.382   1.00 0.00 ? 285 CYS B CA 1 
ATOM 728  C CA . PRO B 1 286 ? 70.440   -76.151  20.391   1.00 0.00 ? 286 PRO B CA 1 
ATOM 729  C CA . VAL B 1 287 ? 71.448   -79.754  19.758   1.00 0.00 ? 287 VAL B CA 1 
ATOM 730  C CA . ASP B 1 288 ? 68.738   -82.244  20.494   1.00 0.00 ? 288 ASP B CA 1 
ATOM 731  C CA . GLY B 1 289 ? 66.957   -83.243  17.222   1.00 0.00 ? 289 GLY B CA 1 
ATOM 732  C CA . GLU B 1 290 ? 63.700   -82.351  15.648   1.00 0.00 ? 290 GLU B CA 1 
ATOM 733  C CA . TRP B 1 291 ? 60.861   -82.319  13.286   1.00 0.00 ? 291 TRP B CA 1 
ATOM 734  C CA . ASP B 1 292 ? 60.646   -80.567  10.056   1.00 0.00 ? 292 ASP B CA 1 
ATOM 735  C CA . SER B 1 293 ? 57.239   -79.419  8.724    1.00 0.00 ? 293 SER B CA 1 
ATOM 736  C CA . TRP B 1 294 ? 54.860   -82.524  8.173    1.00 0.00 ? 294 TRP B CA 1 
ATOM 737  C CA . GLY B 1 295 ? 54.787   -83.301  4.495    1.00 0.00 ? 295 GLY B CA 1 
ATOM 738  C CA . GLU B 1 296 ? 51.771   -82.298  2.282    1.00 0.00 ? 296 GLU B CA 1 
ATOM 739  C CA . TRP B 1 297 ? 48.929   -84.991  2.994    1.00 0.00 ? 297 TRP B CA 1 
ATOM 740  C CA . SER B 1 298 ? 48.693   -87.410  -0.003   1.00 0.00 ? 298 SER B CA 1 
ATOM 741  C CA . PRO B 1 299 ? 46.517   -88.975  -2.858   1.00 0.00 ? 299 PRO B CA 1 
ATOM 742  C CA . CYS B 1 300 ? 43.369   -90.443  -2.118   1.00 0.00 ? 300 CYS B CA 1 
ATOM 743  C CA . ILE B 1 301 ? 41.174   -92.218  -4.604   1.00 0.00 ? 301 ILE B CA 1 
ATOM 744  C CA . ARG B 1 302 ? 38.482   -90.982  -7.175   1.00 0.00 ? 302 ARG B CA 1 
ATOM 745  C CA . ARG B 1 303 ? 34.691   -91.006  -8.087   1.00 0.00 ? 303 ARG B CA 1 
ATOM 746  C CA . ASN B 1 304 ? 35.215   -91.698  -11.867  1.00 0.00 ? 304 ASN B CA 1 
ATOM 747  C CA . MET B 1 305 ? 32.456   -93.123  -13.981  1.00 0.00 ? 305 MET B CA 1 
ATOM 748  C CA . LYS B 1 306 ? 29.247   -94.266  -15.688  1.00 0.00 ? 306 LYS B CA 1 
ATOM 749  C CA . SER B 1 307 ? 28.203   -98.033  -16.110  1.00 0.00 ? 307 SER B CA 1 
ATOM 750  C CA . ILE B 1 308 ? 28.672   -100.323 -13.068  1.00 0.00 ? 308 ILE B CA 1 
ATOM 751  C CA . SER B 1 309 ? 30.129   -99.411  -9.625   1.00 0.00 ? 309 SER B CA 1 
ATOM 752  C CA . CYS B 1 310 ? 29.561   -100.525 -6.089   1.00 0.00 ? 310 CYS B CA 1 
ATOM 753  C CA . GLN B 1 311 ? 30.860   -99.662  -2.674   1.00 0.00 ? 311 GLN B CA 1 
ATOM 754  C CA . GLU B 1 312 ? 33.591   -98.746  -0.236   1.00 0.00 ? 312 GLU B CA 1 
ATOM 755  C CA . ILE B 1 313 ? 37.056   -99.793  1.566    1.00 0.00 ? 313 ILE B CA 1 
ATOM 756  C CA . PRO B 1 314 ? 39.938   -98.779  -1.029   1.00 0.00 ? 314 PRO B CA 1 
ATOM 757  C CA . GLY B 1 315 ? 42.301   -96.062  0.325    1.00 0.00 ? 315 GLY B CA 1 
ATOM 758  C CA . GLN B 1 316 ? 45.937   -95.803  -0.856   1.00 0.00 ? 316 GLN B CA 1 
ATOM 759  C CA . GLN B 1 317 ? 47.680   -93.100  1.264    1.00 0.00 ? 317 GLN B CA 1 
ATOM 760  C CA . SER B 1 318 ? 51.174   -92.453  2.745    1.00 0.00 ? 318 SER B CA 1 
ATOM 761  C CA . ARG B 1 319 ? 53.144   -89.599  4.347    1.00 0.00 ? 319 ARG B CA 1 
ATOM 762  C CA . GLY B 1 320 ? 56.920   -88.983  4.680    1.00 0.00 ? 320 GLY B CA 1 
ATOM 763  C CA . ARG B 1 321 ? 59.108   -87.187  7.337    1.00 0.00 ? 321 ARG B CA 1 
ATOM 764  C CA . THR B 1 322 ? 62.810   -86.285  7.739    1.00 0.00 ? 322 THR B CA 1 
ATOM 765  C CA . CYS B 1 323 ? 64.487   -86.266  11.176   1.00 0.00 ? 323 CYS B CA 1 
ATOM 766  C CA . ARG B 1 324 ? 68.047   -84.782  10.669   1.00 0.00 ? 324 ARG B CA 1 
ATOM 767  C CA . GLY B 1 325 ? 69.811   -83.277  13.817   1.00 0.00 ? 325 GLY B CA 1 
ATOM 768  C CA . ARG B 1 326 ? 73.146   -82.894  15.947   1.00 0.00 ? 326 ARG B CA 1 
ATOM 769  C CA . LYS B 1 327 ? 76.372   -84.862  16.945   1.00 0.00 ? 327 LYS B CA 1 
ATOM 770  C CA . PHE B 1 328 ? 77.337   -86.472  20.386   1.00 0.00 ? 328 PHE B CA 1 
ATOM 771  C CA . ASP B 1 329 ? 76.055   -89.922  21.466   1.00 0.00 ? 329 ASP B CA 1 
ATOM 772  C CA . GLY B 1 330 ? 72.571   -88.658  22.479   1.00 0.00 ? 330 GLY B CA 1 
ATOM 773  C CA . HIS B 1 331 ? 69.682   -88.788  20.017   1.00 0.00 ? 331 HIS B CA 1 
ATOM 774  C CA . ARG B 1 332 ? 68.201   -89.643  16.808   1.00 0.00 ? 332 ARG B CA 1 
ATOM 775  C CA . CYS B 1 333 ? 64.548   -88.494  17.118   1.00 0.00 ? 333 CYS B CA 1 
ATOM 776  C CA . ALA B 1 334 ? 61.380   -90.522  18.160   1.00 0.00 ? 334 ALA B CA 1 
ATOM 777  C CA . GLY B 1 335 ? 58.782   -91.954  15.849   1.00 0.00 ? 335 GLY B CA 1 
ATOM 778  C CA . GLN B 1 336 ? 58.212   -93.297  12.372   1.00 0.00 ? 336 GLN B CA 1 
ATOM 779  C CA . GLN B 1 337 ? 59.658   -91.769  9.254    1.00 0.00 ? 337 GLN B CA 1 
ATOM 780  C CA . GLN B 1 338 ? 56.561   -92.765  7.305    1.00 0.00 ? 338 GLN B CA 1 
ATOM 781  C CA . ASP B 1 339 ? 52.863   -92.664  8.100    1.00 0.00 ? 339 ASP B CA 1 
ATOM 782  C CA . ILE B 1 340 ? 49.986   -94.676  6.639    1.00 0.00 ? 340 ILE B CA 1 
ATOM 783  C CA . ARG B 1 341 ? 46.245   -94.179  6.834    1.00 0.00 ? 341 ARG B CA 1 
ATOM 784  C CA . HIS B 1 342 ? 42.945   -95.415  5.276    1.00 0.00 ? 342 HIS B CA 1 
ATOM 785  C CA . CYS B 1 343 ? 40.273   -92.990  3.521    1.00 0.00 ? 343 CYS B CA 1 
ATOM 786  C CA . TYR B 1 344 ? 36.646   -93.677  2.082    1.00 0.00 ? 344 TYR B CA 1 
ATOM 787  C CA . SER B 1 345 ? 33.293   -93.102  0.320    1.00 0.00 ? 345 SER B CA 1 
ATOM 788  C CA . ILE B 1 346 ? 30.028   -94.080  -1.541   1.00 0.00 ? 346 ILE B CA 1 
ATOM 789  C CA . GLN B 1 347 ? 26.517   -95.269  -2.587   1.00 0.00 ? 347 GLN B CA 1 
ATOM 790  C CA . HIS B 1 348 ? 24.004   -97.725  -3.582   1.00 0.00 ? 348 HIS B CA 1 
ATOM 791  C CA . CYS B 1 349 ? 24.605   -100.589 -5.639   1.00 0.00 ? 349 CYS B CA 1 
ATOM 792  C CA . PRO B 1 350 ? 23.644   -101.339 -9.190   1.00 0.00 ? 350 PRO B CA 1 
ATOM 793  C CA . LEU B 1 351 ? 22.318   -104.731 -10.509  1.00 0.00 ? 351 LEU B CA 1 
ATOM 794  C CA . LYS B 1 352 ? 22.624   -105.005 -14.428  1.00 0.00 ? 352 LYS B CA 1 
ATOM 795  C CA . GLY B 1 353 ? 23.021   -108.249 -16.674  1.00 0.00 ? 353 GLY B CA 1 
ATOM 796  C CA . SER B 1 354 ? 25.040   -109.739 -19.745  1.00 0.00 ? 354 SER B CA 1 
ATOM 797  C CA . TRP B 1 355 ? 26.216   -112.464 -22.268  1.00 0.00 ? 355 TRP B CA 1 
ATOM 798  C CA . SER B 1 356 ? 28.865   -115.319 -21.895  1.00 0.00 ? 356 SER B CA 1 
ATOM 799  C CA . GLU B 1 357 ? 31.282   -116.158 -24.773  1.00 0.00 ? 357 GLU B CA 1 
ATOM 800  C CA . TRP B 1 358 ? 32.348   -119.039 -26.879  1.00 0.00 ? 358 TRP B CA 1 
ATOM 801  C CA . SER B 1 359 ? 32.633   -122.696 -26.695  1.00 0.00 ? 359 SER B CA 1 
ATOM 802  C CA . THR B 1 360 ? 35.474   -124.303 -28.570  1.00 0.00 ? 360 THR B CA 1 
ATOM 803  C CA . TRP B 1 361 ? 35.055   -124.466 -32.158  1.00 0.00 ? 361 TRP B CA 1 
ATOM 804  C CA . GLY B 1 362 ? 33.495   -127.847 -33.021  1.00 0.00 ? 362 GLY B CA 1 
ATOM 805  C CA . LEU B 1 363 ? 35.063   -130.050 -35.719  1.00 0.00 ? 363 LEU B CA 1 
ATOM 806  C CA . CYS B 1 364 ? 33.913   -130.135 -39.435  1.00 0.00 ? 364 CYS B CA 1 
ATOM 807  C CA . MET B 1 365 ? 32.833   -133.366 -41.396  1.00 0.00 ? 365 MET B CA 1 
ATOM 808  C CA . PRO B 1 366 ? 36.043   -134.842 -43.486  1.00 0.00 ? 366 PRO B CA 1 
ATOM 809  C CA . PRO B 1 367 ? 36.394   -138.261 -45.397  1.00 0.00 ? 367 PRO B CA 1 
ATOM 810  C CA . CYS B 1 368 ? 36.248   -136.797 -48.734  1.00 0.00 ? 368 CYS B CA 1 
ATOM 811  C CA . GLY B 1 369 ? 33.585   -135.054 -51.006  1.00 0.00 ? 369 GLY B CA 1 
ATOM 812  C CA . PRO B 1 370 ? 30.582   -132.570 -50.306  1.00 0.00 ? 370 PRO B CA 1 
ATOM 813  C CA . ASN B 1 371 ? 31.592   -129.800 -47.450  1.00 0.00 ? 371 ASN B CA 1 
ATOM 814  C CA . PRO B 1 372 ? 29.395   -129.767 -44.177  1.00 0.00 ? 372 PRO B CA 1 
ATOM 815  C CA . THR B 1 373 ? 29.725   -126.937 -41.775  1.00 0.00 ? 373 THR B CA 1 
ATOM 816  C CA . ARG B 1 374 ? 31.339   -126.369 -38.345  1.00 0.00 ? 374 ARG B CA 1 
ATOM 817  C CA . ALA B 1 375 ? 29.044   -125.066 -35.587  1.00 0.00 ? 375 ALA B CA 1 
ATOM 818  C CA . ARG B 1 376 ? 29.577   -123.376 -32.226  1.00 0.00 ? 376 ARG B CA 1 
ATOM 819  C CA . GLN B 1 377 ? 27.075   -122.224 -29.531  1.00 0.00 ? 377 GLN B CA 1 
ATOM 820  C CA . ARG B 1 378 ? 26.431   -119.584 -26.967  1.00 0.00 ? 378 ARG B CA 1 
ATOM 821  C CA . LEU B 1 379 ? 24.497   -119.856 -23.724  1.00 0.00 ? 379 LEU B CA 1 
ATOM 822  C CA . CYS B 1 380 ? 23.575   -116.947 -21.515  1.00 0.00 ? 380 CYS B CA 1 
ATOM 823  C CA . THR B 1 381 ? 22.565   -116.349 -17.955  1.00 0.00 ? 381 THR B CA 1 
ATOM 824  C CA . PRO B 1 382 ? 22.175   -118.096 -14.444  1.00 0.00 ? 382 PRO B CA 1 
ATOM 825  C CA . LEU B 1 383 ? 18.759   -120.219 -14.346  1.00 0.00 ? 383 LEU B CA 1 
ATOM 826  C CA . LEU B 1 384 ? 15.985   -123.102 -14.973  1.00 0.00 ? 384 LEU B CA 1 
ATOM 827  C CA . PRO B 1 385 ? 15.649   -127.099 -15.819  1.00 0.00 ? 385 PRO B CA 1 
ATOM 828  C CA . LYS B 1 386 ? 17.540   -127.448 -19.359  1.00 0.00 ? 386 LYS B CA 1 
ATOM 829  C CA . TYR B 1 387 ? 17.394   -129.899 -22.476  1.00 0.00 ? 387 TYR B CA 1 
ATOM 830  C CA . PRO B 1 388 ? 18.102   -133.230 -24.713  1.00 0.00 ? 388 PRO B CA 1 
ATOM 831  C CA . PRO B 1 389 ? 21.392   -132.181 -26.743  1.00 0.00 ? 389 PRO B CA 1 
ATOM 832  C CA . THR B 1 390 ? 22.617   -135.056 -29.041  1.00 0.00 ? 390 THR B CA 1 
ATOM 833  C CA . VAL B 1 391 ? 24.665   -136.346 -31.876  1.00 0.00 ? 391 VAL B CA 1 
ATOM 834  C CA . SER B 1 392 ? 23.280   -139.291 -33.455  1.00 0.00 ? 392 SER B CA 1 
ATOM 835  C CA . MET B 1 393 ? 26.145   -139.349 -36.034  1.00 0.00 ? 393 MET B CA 1 
ATOM 836  C CA . VAL B 1 394 ? 24.780   -141.979 -38.647  1.00 0.00 ? 394 VAL B CA 1 
ATOM 837  C CA . GLU B 1 395 ? 28.072   -142.341 -40.543  1.00 0.00 ? 395 GLU B CA 1 
ATOM 838  C CA . GLY B 1 396 ? 26.644   -144.980 -42.939  1.00 0.00 ? 396 GLY B CA 1 
ATOM 839  C CA . GLN B 1 397 ? 24.285   -142.629 -45.009  1.00 0.00 ? 397 GLN B CA 1 
ATOM 840  C CA . GLY B 1 398 ? 26.624   -139.639 -45.681  1.00 0.00 ? 398 GLY B CA 1 
ATOM 841  C CA . GLU B 1 399 ? 24.563   -137.434 -43.395  1.00 0.00 ? 399 GLU B CA 1 
ATOM 842  C CA . LYS B 1 400 ? 25.456   -135.214 -40.439  1.00 0.00 ? 400 LYS B CA 1 
ATOM 843  C CA . ASN B 1 401 ? 22.330   -134.714 -38.340  1.00 0.00 ? 401 ASN B CA 1 
ATOM 844  C CA . VAL B 1 402 ? 22.410   -131.369 -36.501  1.00 0.00 ? 402 VAL B CA 1 
ATOM 845  C CA . THR B 1 403 ? 19.920   -130.780 -33.857  1.00 0.00 ? 403 THR B CA 1 
ATOM 846  C CA . PHE B 1 404 ? 19.605   -127.348 -32.454  1.00 0.00 ? 404 PHE B CA 1 
ATOM 847  C CA . TRP B 1 405 ? 16.508   -126.184 -30.879  1.00 0.00 ? 405 TRP B CA 1 
ATOM 848  C CA . GLY B 1 406 ? 15.531   -122.570 -31.032  1.00 0.00 ? 406 GLY B CA 1 
ATOM 849  C CA . ARG B 1 407 ? 14.816   -121.273 -27.542  1.00 0.00 ? 407 ARG B CA 1 
ATOM 850  C CA . PRO B 1 408 ? 12.782   -118.606 -29.468  1.00 0.00 ? 408 PRO B CA 1 
ATOM 851  C CA . LEU B 1 409 ? 11.910   -116.359 -26.717  1.00 0.00 ? 409 LEU B CA 1 
ATOM 852  C CA . PRO B 1 410 ? 13.392   -115.340 -23.314  1.00 0.00 ? 410 PRO B CA 1 
ATOM 853  C CA . ARG B 1 411 ? 16.798   -114.040 -24.730  1.00 0.00 ? 411 ARG B CA 1 
ATOM 854  C CA . CYS B 1 412 ? 19.716   -112.479 -22.927  1.00 0.00 ? 412 CYS B CA 1 
ATOM 855  C CA . GLU B 1 413 ? 21.603   -110.978 -25.751  1.00 0.00 ? 413 GLU B CA 1 
ATOM 856  C CA . GLU B 1 414 ? 24.074   -108.135 -25.647  1.00 0.00 ? 414 GLU B CA 1 
ATOM 857  C CA . LEU B 1 415 ? 24.790   -106.684 -29.123  1.00 0.00 ? 415 LEU B CA 1 
ATOM 858  C CA . GLN B 1 416 ? 27.669   -109.057 -29.774  1.00 0.00 ? 416 GLN B CA 1 
ATOM 859  C CA . GLY B 1 417 ? 25.710   -112.208 -30.218  1.00 0.00 ? 417 GLY B CA 1 
ATOM 860  C CA . GLN B 1 418 ? 23.827   -113.598 -33.140  1.00 0.00 ? 418 GLN B CA 1 
ATOM 861  C CA . LYS B 1 419 ? 20.085   -114.038 -32.512  1.00 0.00 ? 419 LYS B CA 1 
ATOM 862  C CA . LEU B 1 420 ? 19.112   -116.528 -35.194  1.00 0.00 ? 420 LEU B CA 1 
ATOM 863  C CA . VAL B 1 421 ? 18.841   -120.213 -34.925  1.00 0.00 ? 421 VAL B CA 1 
ATOM 864  C CA . VAL B 1 422 ? 21.529   -120.298 -37.705  1.00 0.00 ? 422 VAL B CA 1 
ATOM 865  C CA . GLU B 1 423 ? 24.556   -119.737 -35.394  1.00 0.00 ? 423 GLU B CA 1 
ATOM 866  C CA . GLU B 1 424 ? 27.705   -119.579 -37.551  1.00 0.00 ? 424 GLU B CA 1 
ATOM 867  C CA . LYS B 1 425 ? 28.165   -121.770 -40.583  1.00 0.00 ? 425 LYS B CA 1 
ATOM 868  C CA . ARG B 1 426 ? 30.566   -121.878 -43.507  1.00 0.00 ? 426 ARG B CA 1 
ATOM 869  C CA . PRO B 1 427 ? 31.373   -124.574 -46.021  1.00 0.00 ? 427 PRO B CA 1 
ATOM 870  C CA . CYS B 1 428 ? 34.398   -125.943 -43.709  1.00 0.00 ? 428 CYS B CA 1 
ATOM 871  C CA . LEU B 1 429 ? 35.820   -126.798 -47.113  1.00 0.00 ? 429 LEU B CA 1 
ATOM 872  C CA . HIS B 1 430 ? 38.212   -129.775 -47.139  1.00 0.00 ? 430 HIS B CA 1 
ATOM 873  C CA . VAL B 1 431 ? 39.261   -130.748 -50.845  1.00 0.00 ? 431 VAL B CA 1 
ATOM 874  C CA . PRO B 1 432 ? 39.248   -134.423 -52.493  1.00 0.00 ? 432 PRO B CA 1 
ATOM 875  C CA . ALA B 1 433 ? 37.193   -136.051 -55.264  1.00 0.00 ? 433 ALA B CA 1 
ATOM 876  C CA . CYS B 1 434 ? 36.524   -139.541 -53.710  1.00 0.00 ? 434 CYS B CA 1 
ATOM 877  C CA . LYS B 1 435 ? 37.391   -143.158 -54.576  1.00 0.00 ? 435 LYS B CA 1 
ATOM 878  C CA . ASP B 1 436 ? 37.536   -144.250 -58.255  1.00 0.00 ? 436 ASP B CA 1 
ATOM 879  C CA . PRO B 1 437 ? 38.679   -147.365 -60.320  1.00 0.00 ? 437 PRO B CA 1 
ATOM 880  C CA . GLU B 1 438 ? 40.452   -147.656 -63.557  1.00 0.00 ? 438 GLU B CA 1 
ATOM 881  C CA . GLU B 1 439 ? 41.830   -150.563 -65.627  1.00 0.00 ? 439 GLU B CA 1 
ATOM 882  C CA . GLU B 1 440 ? 43.751   -150.841 -69.098  1.00 0.00 ? 440 GLU B CA 1 
ATOM 883  C CA . GLU B 1 441 ? 46.069   -152.618 -71.558  1.00 0.00 ? 441 GLU B CA 1 
ATOM 884  C CA . LEU B 1 442 ? 48.382   -152.661 -74.673  1.00 0.00 ? 442 LEU B CA 1 
ATOM 885  C CA . ASP C 1 1   ? 7.607    -127.043 -63.340  1.00 0.00 ? 1   ASP C CA 1 
ATOM 886  C CA . PRO C 1 2   ? 10.802   -125.239 -61.945  1.00 0.00 ? 2   PRO C CA 1 
ATOM 887  C CA . VAL C 1 3   ? 10.644   -121.583 -61.480  1.00 0.00 ? 3   VAL C CA 1 
ATOM 888  C CA . LEU C 1 4   ? 13.409   -119.224 -61.944  1.00 0.00 ? 4   LEU C CA 1 
ATOM 889  C CA . CYS C 1 5   ? 16.689   -118.043 -60.436  1.00 0.00 ? 5   CYS C CA 1 
ATOM 890  C CA . PHE C 1 6   ? 15.839   -114.915 -58.274  1.00 0.00 ? 6   PHE C CA 1 
ATOM 891  C CA . THR C 1 7   ? 18.093   -111.713 -57.803  1.00 0.00 ? 7   THR C CA 1 
ATOM 892  C CA . GLN C 1 8   ? 20.598   -108.909 -58.952  1.00 0.00 ? 8   GLN C CA 1 
ATOM 893  C CA . TYR C 1 9   ? 22.756   -106.372 -56.995  1.00 0.00 ? 9   TYR C CA 1 
ATOM 894  C CA . GLU C 1 10  ? 21.686   -103.175 -58.770  1.00 0.00 ? 10  GLU C CA 1 
ATOM 895  C CA . GLU C 1 11  ? 19.244   -102.169 -61.300  1.00 0.00 ? 11  GLU C CA 1 
ATOM 896  C CA . SER C 1 12  ? 22.066   -102.972 -64.178  1.00 0.00 ? 12  SER C CA 1 
ATOM 897  C CA . SER C 1 13  ? 22.177   -106.758 -63.631  1.00 0.00 ? 13  SER C CA 1 
ATOM 898  C CA . GLY C 1 14  ? 25.732   -107.924 -64.175  1.00 0.00 ? 14  GLY C CA 1 
ATOM 899  C CA . LYS C 1 15  ? 26.233   -109.284 -60.673  1.00 0.00 ? 15  LYS C CA 1 
ATOM 900  C CA . CYS C 1 16  ? 24.353   -112.587 -60.284  1.00 0.00 ? 16  CYS C CA 1 
ATOM 901  C CA . LYS C 1 17  ? 25.436   -114.309 -56.973  1.00 0.00 ? 17  LYS C CA 1 
ATOM 902  C CA . GLY C 1 18  ? 22.567   -116.626 -55.450  1.00 0.00 ? 18  GLY C CA 1 
ATOM 903  C CA . LEU C 1 19  ? 19.165   -117.702 -57.126  1.00 0.00 ? 19  LEU C CA 1 
ATOM 904  C CA . LEU C 1 20  ? 16.477   -119.729 -55.408  1.00 0.00 ? 20  LEU C CA 1 
ATOM 905  C CA . GLY C 1 21  ? 14.311   -121.748 -57.786  1.00 0.00 ? 21  GLY C CA 1 
ATOM 906  C CA . GLY C 1 22  ? 10.769   -122.579 -56.618  1.00 0.00 ? 22  GLY C CA 1 
ATOM 907  C CA . GLY C 1 23  ? 8.091    -125.042 -57.638  1.00 0.00 ? 23  GLY C CA 1 
ATOM 908  C CA . VAL C 1 24  ? 4.665    -126.071 -56.276  1.00 0.00 ? 24  VAL C CA 1 
ATOM 909  C CA . SER C 1 25  ? 3.251    -129.472 -57.174  1.00 0.00 ? 25  SER C CA 1 
ATOM 910  C CA . VAL C 1 26  ? 0.862    -131.890 -55.698  1.00 0.00 ? 26  VAL C CA 1 
ATOM 911  C CA . GLU C 1 27  ? -2.079   -133.851 -56.965  1.00 0.00 ? 27  GLU C CA 1 
ATOM 912  C CA . ASP C 1 28  ? -5.866   -134.132 -57.313  1.00 0.00 ? 28  ASP C CA 1 
ATOM 913  C CA . CYS C 1 29  ? -7.321   -137.711 -57.384  1.00 0.00 ? 29  CYS C CA 1 
ATOM 914  C CA . CYS C 1 30  ? -10.231  -139.263 -55.336  1.00 0.00 ? 30  CYS C CA 1 
ATOM 915  C CA . LEU C 1 31  ? -9.989   -142.947 -54.440  1.00 0.00 ? 31  LEU C CA 1 
ATOM 916  C CA . ASN C 1 32  ? -8.630   -144.774 -51.534  1.00 0.00 ? 32  ASN C CA 1 
ATOM 917  C CA . THR C 1 33  ? -10.276  -142.421 -48.882  1.00 0.00 ? 33  THR C CA 1 
ATOM 918  C CA . ALA C 1 34  ? -6.920   -140.882 -48.591  1.00 0.00 ? 34  ALA C CA 1 
ATOM 919  C CA . PHE C 1 35  ? -5.221   -137.674 -47.743  1.00 0.00 ? 35  PHE C CA 1 
ATOM 920  C CA . ALA C 1 36  ? -3.871   -134.971 -50.106  1.00 0.00 ? 36  ALA C CA 1 
ATOM 921  C CA . TYR C 1 37  ? -0.236   -133.804 -49.910  1.00 0.00 ? 37  TYR C CA 1 
ATOM 922  C CA . GLN C 1 38  ? 0.939    -130.211 -49.402  1.00 0.00 ? 38  GLN C CA 1 
ATOM 923  C CA . LYS C 1 39  ? 4.441    -129.439 -50.484  1.00 0.00 ? 39  LYS C CA 1 
ATOM 924  C CA . ARG C 1 40  ? 7.355    -127.163 -50.662  1.00 0.00 ? 40  ARG C CA 1 
ATOM 925  C CA . SER C 1 41  ? 10.696   -127.387 -52.404  1.00 0.00 ? 41  SER C CA 1 
ATOM 926  C CA . GLY C 1 42  ? 13.166   -124.573 -52.578  1.00 0.00 ? 42  GLY C CA 1 
ATOM 927  C CA . GLY C 1 43  ? 16.515   -125.474 -53.982  1.00 0.00 ? 43  GLY C CA 1 
ATOM 928  C CA . LEU C 1 44  ? 18.735   -122.679 -55.268  1.00 0.00 ? 44  LEU C CA 1 
ATOM 929  C CA . CYS C 1 45  ? 21.597   -121.730 -57.795  1.00 0.00 ? 45  CYS C CA 1 
ATOM 930  C CA . GLN C 1 46  ? 24.720   -119.285 -58.284  1.00 0.00 ? 46  GLN C CA 1 
ATOM 931  C CA . PRO C 1 47  ? 26.267   -117.717 -61.641  1.00 0.00 ? 47  PRO C CA 1 
ATOM 932  C CA . CYS C 1 48  ? 28.291   -114.566 -61.012  1.00 0.00 ? 48  CYS C CA 1 
ATOM 933  C CA . ARG C 1 49  ? 30.964   -112.402 -62.724  1.00 0.00 ? 49  ARG C CA 1 
ATOM 934  C CA . SER C 1 50  ? 30.510   -108.516 -63.353  1.00 0.00 ? 50  SER C CA 1 
ATOM 935  C CA . PRO C 1 51  ? 31.874   -105.321 -61.149  1.00 0.00 ? 51  PRO C CA 1 
ATOM 936  C CA . ARG C 1 52  ? 33.647   -104.617 -57.660  1.00 0.00 ? 52  ARG C CA 1 
ATOM 937  C CA . TRP C 1 53  ? 34.548   -101.707 -55.335  1.00 0.00 ? 53  TRP C CA 1 
ATOM 938  C CA . SER C 1 54  ? 37.868   -100.720 -53.785  1.00 0.00 ? 54  SER C CA 1 
ATOM 939  C CA . LEU C 1 55  ? 38.128   -100.538 -50.026  1.00 0.00 ? 55  LEU C CA 1 
ATOM 940  C CA . TRP C 1 56  ? 36.742   -97.346  -48.539  1.00 0.00 ? 56  TRP C CA 1 
ATOM 941  C CA . SER C 1 57  ? 39.134   -94.422  -48.128  1.00 0.00 ? 57  SER C CA 1 
ATOM 942  C CA . THR C 1 58  ? 39.691   -93.155  -44.590  1.00 0.00 ? 58  THR C CA 1 
ATOM 943  C CA . TRP C 1 59  ? 36.965   -90.710  -43.401  1.00 0.00 ? 59  TRP C CA 1 
ATOM 944  C CA . ALA C 1 60  ? 37.798   -87.061  -44.003  1.00 0.00 ? 60  ALA C CA 1 
ATOM 945  C CA . PRO C 1 61  ? 37.734   -84.672  -41.047  1.00 0.00 ? 61  PRO C CA 1 
ATOM 946  C CA . CYS C 1 62  ? 34.651   -82.611  -40.197  1.00 0.00 ? 62  CYS C CA 1 
ATOM 947  C CA . SER C 1 63  ? 33.774   -80.008  -42.866  1.00 0.00 ? 63  SER C CA 1 
ATOM 948  C CA . VAL C 1 64  ? 33.482   -77.447  -40.069  1.00 0.00 ? 64  VAL C CA 1 
ATOM 949  C CA . THR C 1 65  ? 35.285   -76.627  -36.847  1.00 0.00 ? 65  THR C CA 1 
ATOM 950  C CA . CYS C 1 66  ? 32.115   -75.549  -35.080  1.00 0.00 ? 66  CYS C CA 1 
ATOM 951  C CA . SER C 1 67  ? 28.443   -76.198  -35.570  1.00 0.00 ? 67  SER C CA 1 
ATOM 952  C CA . GLU C 1 68  ? 27.226   -78.931  -37.930  1.00 0.00 ? 68  GLU C CA 1 
ATOM 953  C CA . GLY C 1 69  ? 28.955   -80.333  -41.008  1.00 0.00 ? 69  GLY C CA 1 
ATOM 954  C CA . SER C 1 70  ? 29.826   -83.694  -42.586  1.00 0.00 ? 70  SER C CA 1 
ATOM 955  C CA . GLN C 1 71  ? 32.618   -86.285  -42.868  1.00 0.00 ? 71  GLN C CA 1 
ATOM 956  C CA . LEU C 1 72  ? 33.022   -87.928  -46.269  1.00 0.00 ? 72  LEU C CA 1 
ATOM 957  C CA . ARG C 1 73  ? 34.733   -91.070  -47.548  1.00 0.00 ? 73  ARG C CA 1 
ATOM 958  C CA . TYR C 1 74  ? 35.114   -92.504  -51.070  1.00 0.00 ? 74  TYR C CA 1 
ATOM 959  C CA . ARG C 1 75  ? 35.308   -95.754  -53.325  1.00 0.00 ? 75  ARG C CA 1 
ATOM 960  C CA . ARG C 1 76  ? 36.679   -96.494  -56.965  1.00 0.00 ? 76  ARG C CA 1 
ATOM 961  C CA . CYS C 1 77  ? 36.395   -98.760  -60.225  1.00 0.00 ? 77  CYS C CA 1 
ATOM 962  C CA . VAL C 1 78  ? 38.080   -101.810 -61.781  1.00 0.00 ? 78  VAL C CA 1 
ATOM 963  C CA . GLY C 1 79  ? 41.725   -102.907 -61.650  1.00 0.00 ? 79  GLY C CA 1 
ATOM 964  C CA . TRP C 1 80  ? 41.493   -104.609 -64.979  1.00 0.00 ? 80  TRP C CA 1 
ATOM 965  C CA . ASN C 1 81  ? 38.025   -105.071 -65.818  1.00 0.00 ? 81  ASN C CA 1 
ATOM 966  C CA . GLY C 1 82  ? 36.437   -103.094 -68.529  1.00 0.00 ? 82  GLY C CA 1 
ATOM 967  C CA . GLN C 1 83  ? 32.915   -103.132 -67.106  1.00 0.00 ? 83  GLN C CA 1 
ATOM 968  C CA . CYS C 1 84  ? 32.921   -101.583 -63.564  1.00 0.00 ? 84  CYS C CA 1 
ATOM 969  C CA . SER C 1 85  ? 29.660   -100.076 -64.823  1.00 0.00 ? 85  SER C CA 1 
ATOM 970  C CA . GLY C 1 86  ? 28.440   -96.721  -63.404  1.00 0.00 ? 86  GLY C CA 1 
ATOM 971  C CA . LYS C 1 87  ? 27.111   -96.359  -66.907  1.00 0.00 ? 87  LYS C CA 1 
ATOM 972  C CA . VAL C 1 88  ? 28.460   -93.070  -68.231  1.00 0.00 ? 88  VAL C CA 1 
ATOM 973  C CA . ALA C 1 89  ? 27.518   -91.133  -65.136  1.00 0.00 ? 89  ALA C CA 1 
ATOM 974  C CA . PRO C 1 90  ? 29.729   -88.225  -63.952  1.00 0.00 ? 90  PRO C CA 1 
ATOM 975  C CA . GLY C 1 91  ? 33.348   -89.352  -62.838  1.00 0.00 ? 91  GLY C CA 1 
ATOM 976  C CA . THR C 1 92  ? 33.660   -92.242  -60.135  1.00 0.00 ? 92  THR C CA 1 
ATOM 977  C CA . LEU C 1 93  ? 30.601   -93.803  -58.758  1.00 0.00 ? 93  LEU C CA 1 
ATOM 978  C CA . GLU C 1 94  ? 30.187   -93.837  -54.937  1.00 0.00 ? 94  GLU C CA 1 
ATOM 979  C CA . TRP C 1 95  ? 30.723   -91.660  -51.779  1.00 0.00 ? 95  TRP C CA 1 
ATOM 980  C CA . GLN C 1 96  ? 29.505   -91.692  -48.227  1.00 0.00 ? 96  GLN C CA 1 
ATOM 981  C CA . LEU C 1 97  ? 28.764   -88.441  -46.434  1.00 0.00 ? 97  LEU C CA 1 
ATOM 982  C CA . GLN C 1 98  ? 28.077   -88.771  -42.694  1.00 0.00 ? 98  GLN C CA 1 
ATOM 983  C CA . ALA C 1 99  ? 27.359   -85.949  -40.208  1.00 0.00 ? 99  ALA C CA 1 
ATOM 984  C CA . CYS C 1 100 ? 29.543   -84.375  -37.497  1.00 0.00 ? 100 CYS C CA 1 
ATOM 985  C CA . GLU C 1 101 ? 28.545   -81.936  -34.620  1.00 0.00 ? 101 GLU C CA 1 
ATOM 986  C CA . ASP C 1 102 ? 30.902   -79.593  -32.888  1.00 0.00 ? 102 ASP C CA 1 
ATOM 987  C CA . GLN C 1 103 ? 31.283   -77.035  -30.059  1.00 0.00 ? 103 GLN C CA 1 
ATOM 988  C CA . GLN C 1 104 ? 30.302   -73.301  -30.715  1.00 0.00 ? 104 GLN C CA 1 
ATOM 989  C CA . CYS C 1 105 ? 30.466   -70.635  -33.759  1.00 0.00 ? 105 CYS C CA 1 
ATOM 990  C CA . CYS C 1 106 ? 30.505   -66.821  -33.985  1.00 0.00 ? 106 CYS C CA 1 
ATOM 991  C CA . PRO C 1 107 ? 31.010   -63.603  -36.131  1.00 0.00 ? 107 PRO C CA 1 
ATOM 992  C CA . GLU C 1 108 ? 27.413   -61.915  -36.479  1.00 0.00 ? 108 GLU C CA 1 
ATOM 993  C CA . MET C 1 109 ? 27.702   -59.253  -33.731  1.00 0.00 ? 109 MET C CA 1 
ATOM 994  C CA . GLY C 1 110 ? 25.220   -56.397  -34.360  1.00 0.00 ? 110 GLY C CA 1 
ATOM 995  C CA . GLY C 1 111 ? 26.217   -54.842  -31.121  1.00 0.00 ? 111 GLY C CA 1 
ATOM 996  C CA . TRP C 1 112 ? 25.035   -51.274  -31.228  1.00 0.00 ? 112 TRP C CA 1 
ATOM 997  C CA . SER C 1 113 ? 21.397   -50.370  -30.731  1.00 0.00 ? 113 SER C CA 1 
ATOM 998  C CA . GLY C 1 114 ? 19.967   -47.611  -32.886  1.00 0.00 ? 114 GLY C CA 1 
ATOM 999  C CA . TRP C 1 115 ? 20.875   -44.111  -31.773  1.00 0.00 ? 115 TRP C CA 1 
ATOM 1000 C CA . GLY C 1 116 ? 18.553   -42.401  -29.298  1.00 0.00 ? 116 GLY C CA 1 
ATOM 1001 C CA . PRO C 1 117 ? 16.912   -39.173  -30.444  1.00 0.00 ? 117 PRO C CA 1 
ATOM 1002 C CA . TRP C 1 118 ? 19.164   -36.084  -30.012  1.00 0.00 ? 118 TRP C CA 1 
ATOM 1003 C CA . GLU C 1 119 ? 18.666   -34.254  -26.727  1.00 0.00 ? 119 GLU C CA 1 
ATOM 1004 C CA . PRO C 1 120 ? 17.827   -30.549  -26.821  1.00 0.00 ? 120 PRO C CA 1 
ATOM 1005 C CA . CYS C 1 121 ? 20.521   -27.875  -26.546  1.00 0.00 ? 121 CYS C CA 1 
ATOM 1006 C CA . SER C 1 122 ? 22.278   -27.826  -23.145  1.00 0.00 ? 122 SER C CA 1 
ATOM 1007 C CA . VAL C 1 123 ? 21.713   -24.066  -23.065  1.00 0.00 ? 123 VAL C CA 1 
ATOM 1008 C CA . THR C 1 124 ? 18.985   -21.640  -24.054  1.00 0.00 ? 124 THR C CA 1 
ATOM 1009 C CA . CYS C 1 125 ? 21.439   -18.956  -25.102  1.00 0.00 ? 125 CYS C CA 1 
ATOM 1010 C CA . SER C 1 126 ? 25.054   -18.910  -26.137  1.00 0.00 ? 126 SER C CA 1 
ATOM 1011 C CA . LYS C 1 127 ? 26.901   -22.134  -26.973  1.00 0.00 ? 127 LYS C CA 1 
ATOM 1012 C CA . GLY C 1 128 ? 26.226   -25.644  -25.680  1.00 0.00 ? 128 GLY C CA 1 
ATOM 1013 C CA . THR C 1 129 ? 25.831   -29.207  -26.984  1.00 0.00 ? 129 THR C CA 1 
ATOM 1014 C CA . ARG C 1 130 ? 23.215   -31.766  -28.078  1.00 0.00 ? 130 ARG C CA 1 
ATOM 1015 C CA . THR C 1 131 ? 23.893   -35.367  -27.070  1.00 0.00 ? 131 THR C CA 1 
ATOM 1016 C CA . ARG C 1 132 ? 22.612   -38.760  -28.202  1.00 0.00 ? 132 ARG C CA 1 
ATOM 1017 C CA . ARG C 1 133 ? 23.356   -42.299  -26.972  1.00 0.00 ? 133 ARG C CA 1 
ATOM 1018 C CA . ARG C 1 134 ? 23.754   -45.941  -28.037  1.00 0.00 ? 134 ARG C CA 1 
ATOM 1019 C CA . ALA C 1 135 ? 23.802   -49.155  -26.032  1.00 0.00 ? 135 ALA C CA 1 
ATOM 1020 C CA . CYS C 1 136 ? 25.832   -52.269  -26.814  1.00 0.00 ? 136 CYS C CA 1 
ATOM 1021 C CA . ASN C 1 137 ? 23.370   -55.083  -26.410  1.00 0.00 ? 137 ASN C CA 1 
ATOM 1022 C CA . HIS C 1 138 ? 22.970   -58.496  -28.158  1.00 0.00 ? 138 HIS C CA 1 
ATOM 1023 C CA . PRO C 1 139 ? 20.742   -61.658  -27.865  1.00 0.00 ? 139 PRO C CA 1 
ATOM 1024 C CA . ALA C 1 140 ? 21.686   -65.195  -27.787  1.00 0.00 ? 140 ALA C CA 1 
ATOM 1025 C CA . PRO C 1 141 ? 25.067   -66.778  -28.809  1.00 0.00 ? 141 PRO C CA 1 
ATOM 1026 C CA . LYS C 1 142 ? 26.965   -65.388  -25.856  1.00 0.00 ? 142 LYS C CA 1 
ATOM 1027 C CA . CYS C 1 143 ? 30.607   -65.729  -26.863  1.00 0.00 ? 143 CYS C CA 1 
ATOM 1028 C CA . GLY C 1 144 ? 32.759   -63.497  -29.114  1.00 0.00 ? 144 GLY C CA 1 
ATOM 1029 C CA . GLY C 1 145 ? 33.635   -59.826  -28.061  1.00 0.00 ? 145 GLY C CA 1 
ATOM 1030 C CA . HIS C 1 146 ? 32.438   -56.031  -27.434  1.00 0.00 ? 146 HIS C CA 1 
ATOM 1031 C CA . CYS C 1 147 ? 31.058   -53.113  -29.645  1.00 0.00 ? 147 CYS C CA 1 
ATOM 1032 C CA . PRO C 1 148 ? 33.326   -50.806  -31.745  1.00 0.00 ? 148 PRO C CA 1 
ATOM 1033 C CA . GLY C 1 149 ? 33.151   -47.064  -31.359  1.00 0.00 ? 149 GLY C CA 1 
ATOM 1034 C CA . GLN C 1 150 ? 31.448   -44.425  -29.230  1.00 0.00 ? 150 GLN C CA 1 
ATOM 1035 C CA . ALA C 1 151 ? 28.383   -44.963  -27.036  1.00 0.00 ? 151 ALA C CA 1 
ATOM 1036 C CA . GLN C 1 152 ? 27.615   -41.266  -26.826  1.00 0.00 ? 152 GLN C CA 1 
ATOM 1037 C CA . GLU C 1 153 ? 27.773   -38.514  -29.433  1.00 0.00 ? 153 GLU C CA 1 
ATOM 1038 C CA . SER C 1 154 ? 27.961   -34.869  -28.345  1.00 0.00 ? 154 SER C CA 1 
ATOM 1039 C CA . GLU C 1 155 ? 27.394   -32.285  -31.097  1.00 0.00 ? 155 GLU C CA 1 
ATOM 1040 C CA . ALA C 1 156 ? 27.337   -28.474  -30.728  1.00 0.00 ? 156 ALA C CA 1 
ATOM 1041 C CA . CYS C 1 157 ? 24.379   -26.106  -30.801  1.00 0.00 ? 157 CYS C CA 1 
ATOM 1042 C CA . ASP C 1 158 ? 24.405   -22.355  -30.976  1.00 0.00 ? 158 ASP C CA 1 
ATOM 1043 C CA . THR C 1 159 ? 21.143   -20.888  -29.459  1.00 0.00 ? 159 THR C CA 1 
ATOM 1044 C CA . GLN C 1 160 ? 19.383   -17.896  -30.938  1.00 0.00 ? 160 GLN C CA 1 
ATOM 1045 C CA . GLN C 1 161 ? 18.881   -16.141  -27.671  1.00 0.00 ? 161 GLN C CA 1 
ATOM 1046 C CA . VAL C 1 162 ? 20.926   -13.151  -26.359  1.00 0.00 ? 162 VAL C CA 1 
ATOM 1047 C CA . CYS C 1 163 ? 22.553   -13.354  -22.808  1.00 0.00 ? 163 CYS C CA 1 
ATOM 1048 C CA . PRO C 1 164 ? 22.540   -10.218  -20.294  1.00 0.00 ? 164 PRO C CA 1 
ATOM 1049 C CA . THR C 1 165 ? 24.373   -6.936   -20.631  1.00 0.00 ? 165 THR C CA 1 
ATOM 1050 C CA . HIS C 1 166 ? 23.185   -5.605   -17.346  1.00 0.00 ? 166 HIS C CA 1 
ATOM 1051 C CA . GLY C 1 167 ? 24.063   -2.214   -16.048  1.00 0.00 ? 167 GLY C CA 1 
ATOM 1052 C CA . ALA C 1 168 ? 27.039   -1.566   -13.749  1.00 0.00 ? 168 ALA C CA 1 
ATOM 1053 C CA . TRP C 1 169 ? 27.975   1.617    -11.927  1.00 0.00 ? 169 TRP C CA 1 
ATOM 1054 C CA . ALA C 1 170 ? 31.085   3.684    -12.713  1.00 0.00 ? 170 ALA C CA 1 
ATOM 1055 C CA . THR C 1 171 ? 33.368   4.565    -9.830   1.00 0.00 ? 171 THR C CA 1 
ATOM 1056 C CA . TRP C 1 172 ? 32.210   7.504    -7.748   1.00 0.00 ? 172 TRP C CA 1 
ATOM 1057 C CA . GLY C 1 173 ? 33.466   10.871   -8.753   1.00 0.00 ? 173 GLY C CA 1 
ATOM 1058 C CA . PRO C 1 174 ? 35.446   13.018   -6.334   1.00 0.00 ? 174 PRO C CA 1 
ATOM 1059 C CA . TRP C 1 175 ? 33.340   14.738   -3.639   1.00 0.00 ? 175 TRP C CA 1 
ATOM 1060 C CA . THR C 1 176 ? 32.401   18.371   -4.575   1.00 0.00 ? 176 THR C CA 1 
ATOM 1061 C CA . PRO C 1 177 ? 33.241   21.359   -2.274   1.00 0.00 ? 177 PRO C CA 1 
ATOM 1062 C CA . CYS C 1 178 ? 30.984   22.403   0.473    1.00 0.00 ? 178 CYS C CA 1 
ATOM 1063 C CA . SER C 1 179 ? 27.995   24.221   -1.086   1.00 0.00 ? 179 SER C CA 1 
ATOM 1064 C CA . ALA C 1 180 ? 28.612   27.051   1.379    1.00 0.00 ? 180 ALA C CA 1 
ATOM 1065 C CA . SER C 1 181 ? 31.498   28.842   2.978    1.00 0.00 ? 181 SER C CA 1 
ATOM 1066 C CA . CYS C 1 182 ? 30.185   30.063   6.418    1.00 0.00 ? 182 CYS C CA 1 
ATOM 1067 C CA . HIS C 1 183 ? 27.004   30.332   8.623    1.00 0.00 ? 183 HIS C CA 1 
ATOM 1068 C CA . GLY C 1 184 ? 27.281   29.767   12.441   1.00 0.00 ? 184 GLY C CA 1 
ATOM 1069 C CA . GLY C 1 185 ? 26.452   26.516   14.278   1.00 0.00 ? 185 GLY C CA 1 
ATOM 1070 C CA . PRO C 1 186 ? 22.817   25.476   13.549   1.00 0.00 ? 186 PRO C CA 1 
ATOM 1071 C CA . HIS C 1 187 ? 22.875   25.280   9.682    1.00 0.00 ? 187 HIS C CA 1 
ATOM 1072 C CA . GLU C 1 188 ? 22.301   22.416   7.117    1.00 0.00 ? 188 GLU C CA 1 
ATOM 1073 C CA . PRO C 1 189 ? 25.548   21.312   5.165    1.00 0.00 ? 189 PRO C CA 1 
ATOM 1074 C CA . LYS C 1 190 ? 25.514   19.732   1.557    1.00 0.00 ? 190 LYS C CA 1 
ATOM 1075 C CA . GLU C 1 191 ? 28.694   18.116   -0.243   1.00 0.00 ? 191 GLU C CA 1 
ATOM 1076 C CA . THR C 1 192 ? 27.832   15.981   -3.440   1.00 0.00 ? 192 THR C CA 1 
ATOM 1077 C CA . ARG C 1 193 ? 29.338   13.156   -5.641   1.00 0.00 ? 193 ARG C CA 1 
ATOM 1078 C CA . SER C 1 194 ? 28.054   11.288   -8.700   1.00 0.00 ? 194 SER C CA 1 
ATOM 1079 C CA . ARG C 1 195 ? 27.900   7.971    -10.456  1.00 0.00 ? 195 ARG C CA 1 
ATOM 1080 C CA . LYS C 1 196 ? 27.438   7.101    -14.015  1.00 0.00 ? 196 LYS C CA 1 
ATOM 1081 C CA . CYS C 1 197 ? 25.791   3.888    -15.204  1.00 0.00 ? 197 CYS C CA 1 
ATOM 1082 C CA . SER C 1 198 ? 28.055   3.007    -18.216  1.00 0.00 ? 198 SER C CA 1 
ATOM 1083 C CA . ALA C 1 199 ? 31.096   0.630    -18.777  1.00 0.00 ? 199 ALA C CA 1 
ATOM 1084 C CA . PRO C 1 200 ? 29.493   -0.942   -22.045  1.00 0.00 ? 200 PRO C CA 1 
ATOM 1085 C CA . GLU C 1 201 ? 26.660   -1.562   -24.451  1.00 0.00 ? 201 GLU C CA 1 
ATOM 1086 C CA . PRO C 1 202 ? 23.162   -1.815   -25.867  1.00 0.00 ? 202 PRO C CA 1 
ATOM 1087 C CA . SER C 1 203 ? 21.541   -5.139   -25.723  1.00 0.00 ? 203 SER C CA 1 
ATOM 1088 C CA . GLN C 1 204 ? 18.439   -5.053   -28.044  1.00 0.00 ? 204 GLN C CA 1 
ATOM 1089 C CA . LYS C 1 205 ? 14.648   -4.862   -26.737  1.00 0.00 ? 205 LYS C CA 1 
ATOM 1090 C CA . PRO C 1 206 ? 12.749   -6.662   -23.597  1.00 0.00 ? 206 PRO C CA 1 
ATOM 1091 C CA . PRO C 1 207 ? 14.607   -4.547   -20.721  1.00 0.00 ? 207 PRO C CA 1 
ATOM 1092 C CA . GLY C 1 208 ? 15.292   -5.751   -17.116  1.00 0.00 ? 208 GLY C CA 1 
ATOM 1093 C CA . LYS C 1 209 ? 18.463   -4.873   -14.974  1.00 0.00 ? 209 LYS C CA 1 
ATOM 1094 C CA . PRO C 1 210 ? 19.328   -0.992   -15.100  1.00 0.00 ? 210 PRO C CA 1 
ATOM 1095 C CA . CYS C 1 211 ? 21.897   -0.151   -12.142  1.00 0.00 ? 211 CYS C CA 1 
ATOM 1096 C CA . PRO C 1 212 ? 20.537   -0.255   -8.361   1.00 0.00 ? 212 PRO C CA 1 
ATOM 1097 C CA . GLY C 1 213 ? 20.818   2.534    -6.054   1.00 0.00 ? 213 GLY C CA 1 
ATOM 1098 C CA . LEU C 1 214 ? 21.534   6.152    -6.311   1.00 0.00 ? 214 LEU C CA 1 
ATOM 1099 C CA . ALA C 1 215 ? 23.399   8.032    -9.012   1.00 0.00 ? 215 ALA C CA 1 
ATOM 1100 C CA . TYR C 1 216 ? 24.148   10.971   -6.710   1.00 0.00 ? 216 TYR C CA 1 
ATOM 1101 C CA . GLU C 1 217 ? 25.163   11.109   -3.087   1.00 0.00 ? 217 GLU C CA 1 
ATOM 1102 C CA . GLN C 1 218 ? 24.678   14.324   -1.105   1.00 0.00 ? 218 GLN C CA 1 
ATOM 1103 C CA . ARG C 1 219 ? 26.410   14.456   2.294    1.00 0.00 ? 219 ARG C CA 1 
ATOM 1104 C CA . ARG C 1 220 ? 26.414   17.404   4.781    1.00 0.00 ? 220 ARG C CA 1 
ATOM 1105 C CA . CYS C 1 221 ? 29.482   19.647   5.676    1.00 0.00 ? 221 CYS C CA 1 
ATOM 1106 C CA . THR C 1 222 ? 29.088   22.496   8.325    1.00 0.00 ? 222 THR C CA 1 
ATOM 1107 C CA . GLY C 1 223 ? 31.051   25.664   8.465    1.00 0.00 ? 223 GLY C CA 1 
ATOM 1108 C CA . LEU C 1 224 ? 32.442   26.554   11.938   1.00 0.00 ? 224 LEU C CA 1 
ATOM 1109 C CA . PRO C 1 225 ? 32.574   30.615   11.654   1.00 0.00 ? 225 PRO C CA 1 
ATOM 1110 C CA . PRO C 1 226 ? 30.806   34.125   12.273   1.00 0.00 ? 226 PRO C CA 1 
ATOM 1111 C CA . CYS C 1 227 ? 30.003   36.038   9.182    1.00 0.00 ? 227 CYS C CA 1 
ATOM 1112 C CA . PRO C 1 228 ? 27.770   39.442   9.319    1.00 0.00 ? 228 PRO C CA 1 
ATOM 1113 C CA . VAL C 1 229 ? 25.826   40.111   12.545   1.00 0.00 ? 229 VAL C CA 1 
ATOM 1114 C CA . ALA C 1 230 ? 26.009   43.716   13.752   1.00 0.00 ? 230 ALA C CA 1 
ATOM 1115 C CA . GLY C 1 231 ? 28.892   46.098   13.301   1.00 0.00 ? 231 GLY C CA 1 
ATOM 1116 C CA . GLY C 1 232 ? 31.379   46.461   16.133   1.00 0.00 ? 232 GLY C CA 1 
ATOM 1117 C CA . TRP C 1 233 ? 34.181   49.160   16.636   1.00 0.00 ? 233 TRP C CA 1 
ATOM 1118 C CA . GLY C 1 234 ? 37.960   47.856   16.751   1.00 0.00 ? 234 GLY C CA 1 
ATOM 1119 C CA . PRO C 1 235 ? 40.871   49.954   18.495   1.00 0.00 ? 235 PRO C CA 1 
ATOM 1120 C CA . TRP C 1 236 ? 40.395   53.665   19.330   1.00 0.00 ? 236 TRP C CA 1 
ATOM 1121 C CA . GLY C 1 237 ? 43.579   54.536   17.198   1.00 0.00 ? 237 GLY C CA 1 
ATOM 1122 C CA . PRO C 1 238 ? 46.499   56.776   18.490   1.00 0.00 ? 238 PRO C CA 1 
ATOM 1123 C CA . VAL C 1 239 ? 45.649   60.416   19.179   1.00 0.00 ? 239 VAL C CA 1 
ATOM 1124 C CA . SER C 1 240 ? 47.130   62.664   16.495   1.00 0.00 ? 240 SER C CA 1 
ATOM 1125 C CA . PRO C 1 241 ? 49.828   65.326   17.701   1.00 0.00 ? 241 PRO C CA 1 
ATOM 1126 C CA . CYS C 1 242 ? 48.372   68.918   18.213   1.00 0.00 ? 242 CYS C CA 1 
ATOM 1127 C CA . PRO C 1 243 ? 48.542   71.661   15.266   1.00 0.00 ? 243 PRO C CA 1 
ATOM 1128 C CA . VAL C 1 244 ? 49.762   74.708   17.356   1.00 0.00 ? 244 VAL C CA 1 
ATOM 1129 C CA . THR C 1 245 ? 51.128   74.587   21.079   1.00 0.00 ? 245 THR C CA 1 
ATOM 1130 C CA . CYS C 1 246 ? 50.566   77.012   24.090   1.00 0.00 ? 246 CYS C CA 1 
ATOM 1131 C CA . GLY C 1 247 ? 46.972   78.029   24.064   1.00 0.00 ? 247 GLY C CA 1 
ATOM 1132 C CA . LEU C 1 248 ? 44.687   76.048   21.915   1.00 0.00 ? 248 LEU C CA 1 
ATOM 1133 C CA . GLY C 1 249 ? 44.907   72.799   20.185   1.00 0.00 ? 249 GLY C CA 1 
ATOM 1134 C CA . GLN C 1 250 ? 43.052   70.127   18.308   1.00 0.00 ? 250 GLN C CA 1 
ATOM 1135 C CA . THR C 1 251 ? 44.012   66.500   17.917   1.00 0.00 ? 251 THR C CA 1 
ATOM 1136 C CA . MET C 1 252 ? 42.149   63.800   15.980   1.00 0.00 ? 252 MET C CA 1 
ATOM 1137 C CA . GLU C 1 253 ? 41.477   60.095   16.522   1.00 0.00 ? 253 GLU C CA 1 
ATOM 1138 C CA . GLN C 1 254 ? 39.884   57.565   14.126   1.00 0.00 ? 254 GLN C CA 1 
ATOM 1139 C CA . ARG C 1 255 ? 37.892   54.288   14.274   1.00 0.00 ? 255 ARG C CA 1 
ATOM 1140 C CA . THR C 1 256 ? 36.925   51.452   11.962   1.00 0.00 ? 256 THR C CA 1 
ATOM 1141 C CA . CYS C 1 257 ? 33.561   49.631   11.998   1.00 0.00 ? 257 CYS C CA 1 
ATOM 1142 C CA . ASN C 1 258 ? 35.082   46.266   11.081   1.00 0.00 ? 258 ASN C CA 1 
ATOM 1143 C CA . HIS C 1 259 ? 35.314   44.372   14.362   1.00 0.00 ? 259 HIS C CA 1 
ATOM 1144 C CA . PRO C 1 260 ? 33.090   42.941   12.931   1.00 0.00 ? 260 PRO C CA 1 
ATOM 1145 C CA . VAL C 1 261 ? 31.902   44.586   9.705    1.00 0.00 ? 261 VAL C CA 1 
ATOM 1146 C CA . PRO C 1 262 ? 28.085   44.582   9.519    1.00 0.00 ? 262 PRO C CA 1 
ATOM 1147 C CA . GLN C 1 263 ? 26.766   41.685   7.429    1.00 0.00 ? 263 GLN C CA 1 
ATOM 1148 C CA . HIS C 1 264 ? 23.532   39.992   6.406    1.00 0.00 ? 264 HIS C CA 1 
ATOM 1149 C CA . GLY C 1 265 ? 21.466   43.015   7.411    1.00 0.00 ? 265 GLY C CA 1 
ATOM 1150 C CA . GLY C 1 266 ? 23.249   43.568   10.707   1.00 0.00 ? 266 GLY C CA 1 
ATOM 1151 C CA . PRO C 1 267 ? 23.172   47.005   12.268   1.00 0.00 ? 267 PRO C CA 1 
ATOM 1152 C CA . PHE C 1 268 ? 25.779   49.638   11.540   1.00 0.00 ? 268 PHE C CA 1 
ATOM 1153 C CA . CYS C 1 269 ? 28.064   50.702   14.380   1.00 0.00 ? 269 CYS C CA 1 
ATOM 1154 C CA . ALA C 1 270 ? 26.696   53.547   16.455   1.00 0.00 ? 270 ALA C CA 1 
ATOM 1155 C CA . GLY C 1 271 ? 28.867   56.609   16.772   1.00 0.00 ? 271 GLY C CA 1 
ATOM 1156 C CA . ASP C 1 272 ? 31.428   58.717   14.991   1.00 0.00 ? 272 ASP C CA 1 
ATOM 1157 C CA . ALA C 1 273 ? 34.265   57.313   12.950   1.00 0.00 ? 273 ALA C CA 1 
ATOM 1158 C CA . THR C 1 274 ? 36.478   60.240   14.018   1.00 0.00 ? 274 THR C CA 1 
ATOM 1159 C CA . ARG C 1 275 ? 36.986   62.018   17.326   1.00 0.00 ? 275 ARG C CA 1 
ATOM 1160 C CA . THR C 1 276 ? 38.281   65.537   18.035   1.00 0.00 ? 276 THR C CA 1 
ATOM 1161 C CA . HIS C 1 277 ? 39.485   67.133   21.227   1.00 0.00 ? 277 HIS C CA 1 
ATOM 1162 C CA . ILE C 1 278 ? 41.264   70.261   22.524   1.00 0.00 ? 278 ILE C CA 1 
ATOM 1163 C CA . CYS C 1 279 ? 44.515   69.490   23.905   1.00 0.00 ? 279 CYS C CA 1 
ATOM 1164 C CA . ASN C 1 280 ? 46.976   70.959   26.152   1.00 0.00 ? 280 ASN C CA 1 
ATOM 1165 C CA . THR C 1 281 ? 45.095   73.209   28.662   1.00 0.00 ? 281 THR C CA 1 
ATOM 1166 C CA . ALA C 1 282 ? 45.980   75.915   31.435   1.00 0.00 ? 282 ALA C CA 1 
ATOM 1167 C CA . VAL C 1 283 ? 49.717   76.744   31.565   1.00 0.00 ? 283 VAL C CA 1 
ATOM 1168 C CA . PRO C 1 284 ? 51.721   79.452   29.739   1.00 0.00 ? 284 PRO C CA 1 
ATOM 1169 C CA . CYS C 1 285 ? 50.942   80.998   26.173   1.00 0.00 ? 285 CYS C CA 1 
ATOM 1170 C CA . PRO C 1 286 ? 54.670   81.684   25.055   1.00 0.00 ? 286 PRO C CA 1 
ATOM 1171 C CA . VAL C 1 287 ? 57.065   84.460   24.071   1.00 0.00 ? 287 VAL C CA 1 
ATOM 1172 C CA . ASP C 1 288 ? 59.950   83.303   21.968   1.00 0.00 ? 288 ASP C CA 1 
ATOM 1173 C CA . GLY C 1 289 ? 59.222   84.009   18.248   1.00 0.00 ? 289 GLY C CA 1 
ATOM 1174 C CA . GLU C 1 290 ? 58.160   81.914   15.353   1.00 0.00 ? 290 GLU C CA 1 
ATOM 1175 C CA . TRP C 1 291 ? 57.287   80.913   11.909   1.00 0.00 ? 291 TRP C CA 1 
ATOM 1176 C CA . ASP C 1 292 ? 54.089   81.436   10.162   1.00 0.00 ? 292 ASP C CA 1 
ATOM 1177 C CA . SER C 1 293 ? 52.982   78.994   7.421    1.00 0.00 ? 293 SER C CA 1 
ATOM 1178 C CA . TRP C 1 294 ? 55.588   78.984   4.453    1.00 0.00 ? 294 TRP C CA 1 
ATOM 1179 C CA . GLY C 1 295 ? 54.164   81.038   1.643    1.00 0.00 ? 295 GLY C CA 1 
ATOM 1180 C CA . GLU C 1 296 ? 52.615   79.369   -1.489   1.00 0.00 ? 296 GLU C CA 1 
ATOM 1181 C CA . TRP C 1 297 ? 55.674   78.226   -3.764   1.00 0.00 ? 297 TRP C CA 1 
ATOM 1182 C CA . SER C 1 298 ? 55.990   80.626   -6.769   1.00 0.00 ? 298 SER C CA 1 
ATOM 1183 C CA . PRO C 1 299 ? 56.019   81.114   -10.653  1.00 0.00 ? 299 PRO C CA 1 
ATOM 1184 C CA . CYS C 1 300 ? 58.152   79.142   -12.695  1.00 0.00 ? 300 CYS C CA 1 
ATOM 1185 C CA . ILE C 1 301 ? 58.562   79.542   -16.413  1.00 0.00 ? 301 ILE C CA 1 
ATOM 1186 C CA . ARG C 1 302 ? 56.570   78.172   -19.500  1.00 0.00 ? 302 ARG C CA 1 
ATOM 1187 C CA . ARG C 1 303 ? 56.713   75.808   -22.598  1.00 0.00 ? 303 ARG C CA 1 
ATOM 1188 C CA . ASN C 1 304 ? 55.062   78.312   -25.059  1.00 0.00 ? 304 ASN C CA 1 
ATOM 1189 C CA . MET C 1 305 ? 55.493   77.952   -28.774  1.00 0.00 ? 305 MET C CA 1 
ATOM 1190 C CA . LYS C 1 306 ? 55.999   76.932   -32.411  1.00 0.00 ? 306 LYS C CA 1 
ATOM 1191 C CA . SER C 1 307 ? 58.990   78.168   -34.645  1.00 0.00 ? 307 SER C CA 1 
ATOM 1192 C CA . ILE C 1 308 ? 62.474   78.179   -33.041  1.00 0.00 ? 308 ILE C CA 1 
ATOM 1193 C CA . SER C 1 309 ? 63.424   77.195   -29.444  1.00 0.00 ? 309 SER C CA 1 
ATOM 1194 C CA . CYS C 1 310 ? 66.409   75.642   -27.785  1.00 0.00 ? 310 CYS C CA 1 
ATOM 1195 C CA . GLN C 1 311 ? 67.409   74.579   -24.327  1.00 0.00 ? 311 GLN C CA 1 
ATOM 1196 C CA . GLU C 1 312 ? 67.578   75.009   -20.581  1.00 0.00 ? 312 GLU C CA 1 
ATOM 1197 C CA . ILE C 1 313 ? 68.857   77.224   -17.450  1.00 0.00 ? 313 ILE C CA 1 
ATOM 1198 C CA . PRO C 1 314 ? 66.093   80.093   -16.994  1.00 0.00 ? 314 PRO C CA 1 
ATOM 1199 C CA . GLY C 1 315 ? 64.256   79.896   -13.620  1.00 0.00 ? 315 GLY C CA 1 
ATOM 1200 C CA . GLN C 1 316 ? 62.772   83.018   -11.966  1.00 0.00 ? 316 GLN C CA 1 
ATOM 1201 C CA . GLN C 1 317 ? 61.481   82.011   -8.480   1.00 0.00 ? 317 GLN C CA 1 
ATOM 1202 C CA . SER C 1 318 ? 61.202   83.585   -4.978   1.00 0.00 ? 318 SER C CA 1 
ATOM 1203 C CA . ARG C 1 319 ? 59.459   82.917   -1.645   1.00 0.00 ? 319 ARG C CA 1 
ATOM 1204 C CA . GLY C 1 320 ? 58.512   85.256   1.248    1.00 0.00 ? 320 GLY C CA 1 
ATOM 1205 C CA . ARG C 1 321 ? 58.183   84.759   5.085    1.00 0.00 ? 321 ARG C CA 1 
ATOM 1206 C CA . THR C 1 322 ? 57.057   86.875   8.075    1.00 0.00 ? 322 THR C CA 1 
ATOM 1207 C CA . CYS C 1 323 ? 58.690   86.485   11.511   1.00 0.00 ? 323 CYS C CA 1 
ATOM 1208 C CA . ARG C 1 324 ? 56.605   88.644   13.984   1.00 0.00 ? 324 ARG C CA 1 
ATOM 1209 C CA . GLY C 1 325 ? 56.858   87.742   17.781   1.00 0.00 ? 325 GLY C CA 1 
ATOM 1210 C CA . ARG C 1 326 ? 57.183   89.020   21.531   1.00 0.00 ? 326 ARG C CA 1 
ATOM 1211 C CA . LYS C 1 327 ? 58.798   91.881   23.649   1.00 0.00 ? 327 LYS C CA 1 
ATOM 1212 C CA . PHE C 1 328 ? 61.873   91.744   26.077   1.00 0.00 ? 328 PHE C CA 1 
ATOM 1213 C CA . ASP C 1 329 ? 65.490   91.943   24.817   1.00 0.00 ? 329 ASP C CA 1 
ATOM 1214 C CA . GLY C 1 330 ? 65.619   88.282   23.659   1.00 0.00 ? 330 GLY C CA 1 
ATOM 1215 C CA . HIS C 1 331 ? 64.826   87.369   20.059   1.00 0.00 ? 331 HIS C CA 1 
ATOM 1216 C CA . ARG C 1 332 ? 63.965   88.198   16.624   1.00 0.00 ? 332 ARG C CA 1 
ATOM 1217 C CA . CYS C 1 333 ? 63.823   84.797   14.841   1.00 0.00 ? 333 CYS C CA 1 
ATOM 1218 C CA . ALA C 1 334 ? 66.582   82.936   12.801   1.00 0.00 ? 334 ALA C CA 1 
ATOM 1219 C CA . GLY C 1 335 ? 66.880   82.792   9.056    1.00 0.00 ? 335 GLY C CA 1 
ATOM 1220 C CA . GLN C 1 336 ? 66.112   84.655   5.870    1.00 0.00 ? 336 GLN C CA 1 
ATOM 1221 C CA . GLN C 1 337 ? 62.879   86.462   5.207    1.00 0.00 ? 337 GLN C CA 1 
ATOM 1222 C CA . GLN C 1 338 ? 63.111   85.569   1.528    1.00 0.00 ? 338 GLN C CA 1 
ATOM 1223 C CA . ASP C 1 339 ? 64.098   82.410   -0.308   1.00 0.00 ? 339 ASP C CA 1 
ATOM 1224 C CA . ILE C 1 340 ? 65.390   81.938   -3.853   1.00 0.00 ? 340 ILE C CA 1 
ATOM 1225 C CA . ARG C 1 341 ? 65.724   78.840   -5.992   1.00 0.00 ? 341 ARG C CA 1 
ATOM 1226 C CA . HIS C 1 342 ? 66.404   77.727   -9.618   1.00 0.00 ? 342 HIS C CA 1 
ATOM 1227 C CA . CYS C 1 343 ? 63.903   75.414   -11.736  1.00 0.00 ? 343 CYS C CA 1 
ATOM 1228 C CA . TYR C 1 344 ? 64.261   73.741   -15.309  1.00 0.00 ? 344 TYR C CA 1 
ATOM 1229 C CA . SER C 1 345 ? 63.367   71.817   -18.500  1.00 0.00 ? 345 SER C CA 1 
ATOM 1230 C CA . ILE C 1 346 ? 63.662   70.749   -22.221  1.00 0.00 ? 346 ILE C CA 1 
ATOM 1231 C CA . GLN C 1 347 ? 64.628   69.216   -25.621  1.00 0.00 ? 347 GLN C CA 1 
ATOM 1232 C CA . HIS C 1 348 ? 66.481   69.006   -28.761  1.00 0.00 ? 348 HIS C CA 1 
ATOM 1233 C CA . CYS C 1 349 ? 67.545   71.795   -30.730  1.00 0.00 ? 349 CYS C CA 1 
ATOM 1234 C CA . PRO C 1 350 ? 66.319   73.120   -34.023  1.00 0.00 ? 350 PRO C CA 1 
ATOM 1235 C CA . LEU C 1 351 ? 68.550   74.390   -36.924  1.00 0.00 ? 351 LEU C CA 1 
ATOM 1236 C CA . LYS C 1 352 ? 66.519   76.597   -39.481  1.00 0.00 ? 352 LYS C CA 1 
ATOM 1237 C CA . GLY C 1 353 ? 67.819   79.506   -41.840  1.00 0.00 ? 353 GLY C CA 1 
ATOM 1238 C CA . SER C 1 354 ? 66.963   83.164   -43.114  1.00 0.00 ? 354 SER C CA 1 
ATOM 1239 C CA . TRP C 1 355 ? 67.556   86.531   -44.978  1.00 0.00 ? 355 TRP C CA 1 
ATOM 1240 C CA . SER C 1 356 ? 69.635   89.685   -43.957  1.00 0.00 ? 356 SER C CA 1 
ATOM 1241 C CA . GLU C 1 357 ? 68.292   93.234   -44.621  1.00 0.00 ? 357 GLU C CA 1 
ATOM 1242 C CA . TRP C 1 358 ? 69.266   96.400   -46.326  1.00 0.00 ? 358 TRP C CA 1 
ATOM 1243 C CA . SER C 1 359 ? 72.283   98.278   -47.246  1.00 0.00 ? 359 SER C CA 1 
ATOM 1244 C CA . THR C 1 360 ? 72.055   102.036  -47.208  1.00 0.00 ? 360 THR C CA 1 
ATOM 1245 C CA . TRP C 1 361 ? 70.242   103.496  -49.976  1.00 0.00 ? 361 TRP C CA 1 
ATOM 1246 C CA . GLY C 1 362 ? 72.760   104.373  -52.715  1.00 0.00 ? 362 GLY C CA 1 
ATOM 1247 C CA . LEU C 1 363 ? 72.766   107.863  -54.267  1.00 0.00 ? 363 LEU C CA 1 
ATOM 1248 C CA . CYS C 1 364 ? 70.941   108.805  -57.573  1.00 0.00 ? 364 CYS C CA 1 
ATOM 1249 C CA . MET C 1 365 ? 72.640   110.482  -60.696  1.00 0.00 ? 365 MET C CA 1 
ATOM 1250 C CA . PRO C 1 366 ? 72.123   114.551  -60.521  1.00 0.00 ? 366 PRO C CA 1 
ATOM 1251 C CA . PRO C 1 367 ? 73.760   117.354  -62.741  1.00 0.00 ? 367 PRO C CA 1 
ATOM 1252 C CA . CYS C 1 368 ? 70.724   118.117  -64.612  1.00 0.00 ? 368 CYS C CA 1 
ATOM 1253 C CA . GLY C 1 369 ? 68.484   116.381  -67.306  1.00 0.00 ? 369 GLY C CA 1 
ATOM 1254 C CA . PRO C 1 370 ? 67.368   112.638  -67.953  1.00 0.00 ? 370 PRO C CA 1 
ATOM 1255 C CA . ASN C 1 371 ? 66.558   110.709  -64.421  1.00 0.00 ? 371 ASN C CA 1 
ATOM 1256 C CA . PRO C 1 372 ? 68.739   107.524  -63.617  1.00 0.00 ? 372 PRO C CA 1 
ATOM 1257 C CA . THR C 1 373 ? 67.739   105.276  -60.818  1.00 0.00 ? 373 THR C CA 1 
ATOM 1258 C CA . ARG C 1 374 ? 68.934   104.579  -57.244  1.00 0.00 ? 374 ARG C CA 1 
ATOM 1259 C CA . ALA C 1 375 ? 69.813   100.955  -56.425  1.00 0.00 ? 375 ALA C CA 1 
ATOM 1260 C CA . ARG C 1 376 ? 70.242   98.953   -53.226  1.00 0.00 ? 376 ARG C CA 1 
ATOM 1261 C CA . GLN C 1 377 ? 71.241   95.278   -52.636  1.00 0.00 ? 377 GLN C CA 1 
ATOM 1262 C CA . ARG C 1 378 ? 70.650   92.325   -50.425  1.00 0.00 ? 378 ARG C CA 1 
ATOM 1263 C CA . LEU C 1 379 ? 73.018   89.495   -49.572  1.00 0.00 ? 379 LEU C CA 1 
ATOM 1264 C CA . CYS C 1 380 ? 72.055   86.376   -47.695  1.00 0.00 ? 380 CYS C CA 1 
ATOM 1265 C CA . THR C 1 381 ? 73.739   83.662   -45.732  1.00 0.00 ? 381 THR C CA 1 
ATOM 1266 C CA . PRO C 1 382 ? 77.192   82.557   -44.186  1.00 0.00 ? 382 PRO C CA 1 
ATOM 1267 C CA . LEU C 1 383 ? 79.541   81.004   -47.059  1.00 0.00 ? 383 LEU C CA 1 
ATOM 1268 C CA . LEU C 1 384 ? 81.989   80.632   -50.264  1.00 0.00 ? 384 LEU C CA 1 
ATOM 1269 C CA . PRO C 1 385 ? 84.810   82.702   -52.401  1.00 0.00 ? 385 PRO C CA 1 
ATOM 1270 C CA . LYS C 1 386 ? 82.787   85.938   -53.693  1.00 0.00 ? 386 LYS C CA 1 
ATOM 1271 C CA . TYR C 1 387 ? 83.046   88.476   -56.731  1.00 0.00 ? 387 TYR C CA 1 
ATOM 1272 C CA . PRO C 1 388 ? 84.370   91.653   -58.910  1.00 0.00 ? 388 PRO C CA 1 
ATOM 1273 C CA . PRO C 1 389 ? 81.829   94.540   -57.792  1.00 0.00 ? 389 PRO C CA 1 
ATOM 1274 C CA . THR C 1 390 ? 82.661   97.912   -59.524  1.00 0.00 ? 390 THR C CA 1 
ATOM 1275 C CA . VAL C 1 391 ? 81.771   101.383  -60.549  1.00 0.00 ? 391 VAL C CA 1 
ATOM 1276 C CA . SER C 1 392 ? 83.502   102.517  -63.516  1.00 0.00 ? 392 SER C CA 1 
ATOM 1277 C CA . MET C 1 393 ? 81.620   105.882  -63.421  1.00 0.00 ? 393 MET C CA 1 
ATOM 1278 C CA . VAL C 1 394 ? 82.511   107.365  -66.972  1.00 0.00 ? 394 VAL C CA 1 
ATOM 1279 C CA . GLU C 1 395 ? 81.189   110.868  -66.236  1.00 0.00 ? 395 GLU C CA 1 
ATOM 1280 C CA . GLY C 1 396 ? 82.221   112.209  -69.684  1.00 0.00 ? 396 GLY C CA 1 
ATOM 1281 C CA . GLN C 1 397 ? 79.549   110.313  -71.839  1.00 0.00 ? 397 GLN C CA 1 
ATOM 1282 C CA . GLY C 1 398 ? 76.356   110.923  -69.765  1.00 0.00 ? 398 GLY C CA 1 
ATOM 1283 C CA . GLU C 1 399 ? 76.200   107.262  -68.813  1.00 0.00 ? 399 GLU C CA 1 
ATOM 1284 C CA . LYS C 1 400 ? 75.912   105.463  -65.475  1.00 0.00 ? 400 LYS C CA 1 
ATOM 1285 C CA . ASN C 1 401 ? 77.209   101.921  -65.918  1.00 0.00 ? 401 ASN C CA 1 
ATOM 1286 C CA . VAL C 1 402 ? 75.519   99.506   -63.490  1.00 0.00 ? 402 VAL C CA 1 
ATOM 1287 C CA . THR C 1 403 ? 76.944   96.135   -63.117  1.00 0.00 ? 403 THR C CA 1 
ATOM 1288 C CA . PHE C 1 404 ? 75.006   93.592   -61.216  1.00 0.00 ? 404 PHE C CA 1 
ATOM 1289 C CA . TRP C 1 405 ? 75.466   90.001   -61.772  1.00 0.00 ? 405 TRP C CA 1 
ATOM 1290 C CA . GLY C 1 406 ? 72.617   87.615   -61.298  1.00 0.00 ? 406 GLY C CA 1 
ATOM 1291 C CA . ARG C 1 407 ? 73.646   84.817   -58.955  1.00 0.00 ? 407 ARG C CA 1 
ATOM 1292 C CA . PRO C 1 408 ? 70.744   82.940   -60.693  1.00 0.00 ? 408 PRO C CA 1 
ATOM 1293 C CA . LEU C 1 409 ? 70.615   79.920   -58.635  1.00 0.00 ? 409 LEU C CA 1 
ATOM 1294 C CA . PRO C 1 410 ? 71.452   78.921   -55.014  1.00 0.00 ? 410 PRO C CA 1 
ATOM 1295 C CA . ARG C 1 411 ? 69.031   81.484   -53.320  1.00 0.00 ? 411 ARG C CA 1 
ATOM 1296 C CA . CYS C 1 412 ? 68.289   82.041   -49.668  1.00 0.00 ? 412 CYS C CA 1 
ATOM 1297 C CA . GLU C 1 413 ? 65.171   84.048   -49.852  1.00 0.00 ? 413 GLU C CA 1 
ATOM 1298 C CA . GLU C 1 414 ? 62.510   84.462   -47.215  1.00 0.00 ? 414 GLU C CA 1 
ATOM 1299 C CA . LEU C 1 415 ? 59.263   85.935   -48.624  1.00 0.00 ? 415 LEU C CA 1 
ATOM 1300 C CA . GLN C 1 416 ? 60.338   89.511   -47.987  1.00 0.00 ? 416 GLN C CA 1 
ATOM 1301 C CA . GLY C 1 417 ? 62.969   89.783   -50.626  1.00 0.00 ? 417 GLY C CA 1 
ATOM 1302 C CA . GLN C 1 418 ? 62.770   90.437   -54.307  1.00 0.00 ? 418 GLN C CA 1 
ATOM 1303 C CA . LYS C 1 419 ? 64.108   87.585   -56.467  1.00 0.00 ? 419 LYS C CA 1 
ATOM 1304 C CA . LEU C 1 420 ? 64.782   89.325   -59.761  1.00 0.00 ? 420 LEU C CA 1 
ATOM 1305 C CA . VAL C 1 421 ? 67.965   90.767   -60.995  1.00 0.00 ? 421 VAL C CA 1 
ATOM 1306 C CA . VAL C 1 422 ? 66.021   94.107   -61.161  1.00 0.00 ? 422 VAL C CA 1 
ATOM 1307 C CA . GLU C 1 423 ? 66.356   94.986   -57.428  1.00 0.00 ? 423 GLU C CA 1 
ATOM 1308 C CA . GLU C 1 424 ? 64.488   98.258   -56.788  1.00 0.00 ? 424 GLU C CA 1 
ATOM 1309 C CA . LYS C 1 425 ? 64.483   101.079  -59.287  1.00 0.00 ? 425 LYS C CA 1 
ATOM 1310 C CA . ARG C 1 426 ? 62.526   104.287  -59.747  1.00 0.00 ? 426 ARG C CA 1 
ATOM 1311 C CA . PRO C 1 427 ? 63.164   107.364  -61.836  1.00 0.00 ? 427 PRO C CA 1 
ATOM 1312 C CA . CYS C 1 428 ? 65.063   109.166  -58.752  1.00 0.00 ? 428 CYS C CA 1 
ATOM 1313 C CA . LEU C 1 429 ? 63.606   112.235  -60.428  1.00 0.00 ? 429 LEU C CA 1 
ATOM 1314 C CA . HIS C 1 430 ? 65.602   115.447  -59.887  1.00 0.00 ? 430 HIS C CA 1 
ATOM 1315 C CA . VAL C 1 431 ? 64.132   118.437  -62.050  1.00 0.00 ? 431 VAL C CA 1 
ATOM 1316 C CA . PRO C 1 432 ? 66.187   120.969  -64.414  1.00 0.00 ? 432 PRO C CA 1 
ATOM 1317 C CA . ALA C 1 433 ? 66.294   121.537  -68.185  1.00 0.00 ? 433 ALA C CA 1 
ATOM 1318 C CA . CYS C 1 434 ? 70.107   121.986  -68.738  1.00 0.00 ? 434 CYS C CA 1 
ATOM 1319 C CA . LYS C 1 435 ? 72.405   124.772  -69.977  1.00 0.00 ? 435 LYS C CA 1 
ATOM 1320 C CA . ASP C 1 436 ? 71.202   127.138  -72.751  1.00 0.00 ? 436 ASP C CA 1 
ATOM 1321 C CA . PRO C 1 437 ? 72.372   130.453  -74.456  1.00 0.00 ? 437 PRO C CA 1 
ATOM 1322 C CA . GLU C 1 438 ? 70.493   133.431  -75.600  1.00 0.00 ? 438 GLU C CA 1 
ATOM 1323 C CA . GLU C 1 439 ? 71.454   136.822  -77.086  1.00 0.00 ? 439 GLU C CA 1 
ATOM 1324 C CA . GLU C 1 440 ? 69.407   140.014  -78.288  1.00 0.00 ? 440 GLU C CA 1 
ATOM 1325 C CA . GLU C 1 441 ? 69.077   143.742  -79.047  1.00 0.00 ? 441 GLU C CA 1 
ATOM 1326 C CA . LEU C 1 442 ? 66.975   146.943  -79.671  1.00 0.00 ? 442 LEU C CA 1 
# 
